data_8SZY
#
_entry.id   8SZY
#
_cell.length_a   45.850
_cell.length_b   216.910
_cell.length_c   109.450
_cell.angle_alpha   90.000
_cell.angle_beta   95.970
_cell.angle_gamma   90.000
#
_symmetry.space_group_name_H-M   'P 1 21 1'
#
loop_
_entity.id
_entity.type
_entity.pdbx_description
1 polymer 'CHA.9.543 Fab heavy chain'
2 polymer 'CHA.9.543 light chain'
3 polymer 'BMS-986207 Fab Heavy Chain'
4 polymer 'BMS-986207 light chain'
5 polymer 'T-cell immunoreceptor with Ig and ITIM domains'
6 non-polymer 2-acetamido-2-deoxy-beta-D-glucopyranose
7 water water
#
loop_
_entity_poly.entity_id
_entity_poly.type
_entity_poly.pdbx_seq_one_letter_code
_entity_poly.pdbx_strand_id
1 'polypeptide(L)'
;EVQLQQSGPELVKPGASMKISCKASGYSFTGYTMNWVRQSHGKNLEWLGLIFPYNGGTSYNQNFKGKATLTVDTSSSTAY
MELLSLTSVDSAVYYCARGVRFALDYWGQGTSVSVSSASTKGPSVFPLAPSSKSTSGGTAALGCLVKDYFPEPVTVSWNS
GALTSGVHTFPAVLQSSGLYSLSSVVTVPSSSLGTQTYICNVNHKPSNTKVDKRVEPKSCGGHHHHHH
;
A,C
2 'polypeptide(L)'
;DVVMTQTPLSLPVSFGDQVSISCRSSQSLANSYGNTYLSWYLHKPGQSPQLLIYEISNRFSGVPDRFSGSGSGTDFTLNI
STIKPEDLGMYYCLQGTHQPWTFGGGTKLEIKRTVAAPSVFIFPPSDEQLKSGTASVVCLLNNFYPREAKVQWKVDNALQ
SGNSQESVTEQDSKDSTYSLSSTLTLSKADYEKHKVYACEVTHQGLSSPVTKSFNRGEC
;
B,D
3 'polypeptide(L)'
;(PCA)VHLQESGPGLVKPSETLSLTCTVSGGSVSSGIYYWSWIRQPPGKGLEWIGYIYYSGSTNYNPSLKSRVTISVDTS
KNQFSLKLSSVTAADTAVYYCARDYYVSGNYYNVDYYFFGVDVWGQGTTVTVSSASTKGPSVFPLAPSSKSTSGGTAALG
CLVKDYFPEPVTVSWNSGALTSGVHTFPAVLQSSGLYSLSSVVTVPSSSLGTQTYICNVNHKPSNTKVDKRVEPKSCGGH
HHHHH
;
H,I
4 'polypeptide(L)'
;EIVLTQSPATLSLSPGERATLSCRASQSVSSYLAWYQQKPGQAPRLLIYDASNRATGIPARFSGSGSGTDFTLTISSLEP
EDFAVYYCQQRSNWPPLFTFGPGTKVDIKRTVAAPSVFIFPPSDEQLKSGTASVVCLLNNFYPREAKVQWKVDNALQSGN
SQESVTEQDSKDSTYSLSSTLTLSKADYEKHKVYACEVTHQGLSSPVTKSFNRGEC
;
L,M
5 'polypeptide(L)'
;MTGTIETTGNISAEKGGSIILQCHLSSTTAQVTQVNWEQQDQLLAISNADLGWHISPSFKDRVAPGPGLGLTLQSLTVND
TGEYFCIYHTYPDGTYTGRIFLEVLEGGHHHHHH
;
T,U
#
loop_
_chem_comp.id
_chem_comp.type
_chem_comp.name
_chem_comp.formula
NAG D-saccharide, beta linking 2-acetamido-2-deoxy-beta-D-glucopyranose 'C8 H15 N O6'
#
# COMPACT_ATOMS: atom_id res chain seq x y z
N GLU A 1 58.26 46.53 6.57
CA GLU A 1 57.33 45.59 5.91
C GLU A 1 56.22 45.21 6.89
N VAL A 2 55.78 43.95 6.85
CA VAL A 2 54.79 43.46 7.81
C VAL A 2 55.39 43.54 9.21
N GLN A 3 54.81 44.37 10.06
CA GLN A 3 55.25 44.53 11.44
C GLN A 3 54.09 44.28 12.39
N LEU A 4 54.37 43.55 13.46
CA LEU A 4 53.38 43.16 14.46
C LEU A 4 53.95 43.52 15.84
N GLN A 5 53.42 44.56 16.47
CA GLN A 5 53.89 45.01 17.76
C GLN A 5 52.90 44.59 18.85
N GLN A 6 53.38 43.79 19.81
CA GLN A 6 52.56 43.38 20.93
C GLN A 6 52.79 44.32 22.12
N SER A 7 51.87 44.25 23.08
CA SER A 7 51.96 45.05 24.28
C SER A 7 53.07 44.52 25.20
N GLY A 8 53.33 45.28 26.27
CA GLY A 8 54.43 44.97 27.15
C GLY A 8 54.10 43.86 28.13
N PRO A 9 55.08 43.54 28.98
CA PRO A 9 54.91 42.42 29.92
C PRO A 9 54.07 42.84 31.12
N GLU A 10 53.41 41.85 31.72
CA GLU A 10 52.47 42.10 32.79
C GLU A 10 52.55 41.00 33.84
N LEU A 11 52.66 41.40 35.09
CA LEU A 11 52.52 40.49 36.22
C LEU A 11 51.15 40.68 36.84
N VAL A 12 50.41 39.59 36.98
CA VAL A 12 49.07 39.62 37.58
C VAL A 12 48.98 38.53 38.64
N LYS A 13 48.04 38.71 39.54
CA LYS A 13 47.76 37.69 40.53
C LYS A 13 46.79 36.66 39.97
N PRO A 14 46.82 35.43 40.47
CA PRO A 14 45.92 34.40 39.92
C PRO A 14 44.46 34.75 40.16
N GLY A 15 43.63 34.41 39.18
CA GLY A 15 42.24 34.80 39.16
C GLY A 15 41.95 35.99 38.29
N ALA A 16 42.96 36.80 37.97
CA ALA A 16 42.78 37.99 37.17
C ALA A 16 42.70 37.64 35.69
N SER A 17 42.26 38.62 34.89
CA SER A 17 42.12 38.47 33.45
C SER A 17 42.70 39.71 32.79
N MET A 18 43.59 39.53 31.81
CA MET A 18 44.17 40.66 31.13
C MET A 18 44.09 40.49 29.62
N LYS A 19 44.30 41.60 28.92
CA LYS A 19 44.11 41.72 27.48
C LYS A 19 45.44 42.10 26.84
N ILE A 20 45.91 41.27 25.92
CA ILE A 20 47.12 41.54 25.13
C ILE A 20 46.69 42.15 23.80
N SER A 21 47.45 43.12 23.33
CA SER A 21 47.17 43.79 22.06
C SER A 21 48.23 43.44 21.03
N CYS A 22 47.86 43.59 19.76
CA CYS A 22 48.78 43.30 18.66
C CYS A 22 48.44 44.25 17.51
N LYS A 23 49.22 45.32 17.39
CA LYS A 23 48.99 46.33 16.36
C LYS A 23 49.71 45.92 15.08
N ALA A 24 48.95 45.79 13.99
CA ALA A 24 49.48 45.34 12.72
C ALA A 24 49.71 46.53 11.79
N SER A 25 50.75 46.42 10.95
CA SER A 25 51.06 47.44 9.96
C SER A 25 51.77 46.78 8.79
N GLY A 26 51.63 47.40 7.62
CA GLY A 26 52.33 46.94 6.43
C GLY A 26 51.56 45.99 5.54
N TYR A 27 50.30 45.72 5.85
CA TYR A 27 49.49 44.84 5.01
C TYR A 27 48.03 45.12 5.26
N SER A 28 47.18 44.57 4.40
CA SER A 28 45.73 44.73 4.55
C SER A 28 45.28 43.90 5.76
N PHE A 29 44.94 44.58 6.85
CA PHE A 29 44.75 43.89 8.12
C PHE A 29 43.59 42.91 8.09
N THR A 30 42.57 43.16 7.28
CA THR A 30 41.39 42.31 7.24
C THR A 30 41.49 41.19 6.20
N GLY A 31 42.56 41.15 5.42
CA GLY A 31 42.72 40.10 4.44
C GLY A 31 43.41 38.85 4.92
N TYR A 32 43.80 38.79 6.20
CA TYR A 32 44.55 37.67 6.73
C TYR A 32 44.11 37.39 8.16
N THR A 33 44.22 36.12 8.57
CA THR A 33 43.86 35.73 9.92
C THR A 33 44.98 36.09 10.89
N MET A 34 44.59 36.46 12.10
CA MET A 34 45.53 36.78 13.18
C MET A 34 45.51 35.64 14.19
N ASN A 35 46.62 34.92 14.27
CA ASN A 35 46.74 33.76 15.15
C ASN A 35 47.44 34.14 16.45
N TRP A 36 47.37 33.23 17.42
CA TRP A 36 47.99 33.44 18.73
C TRP A 36 48.61 32.14 19.20
N VAL A 37 49.88 32.23 19.62
CA VAL A 37 50.64 31.07 20.07
C VAL A 37 51.11 31.30 21.49
N ARG A 38 51.11 30.24 22.30
CA ARG A 38 51.66 30.26 23.64
C ARG A 38 53.00 29.55 23.67
N GLN A 39 53.97 30.14 24.35
CA GLN A 39 55.31 29.57 24.52
C GLN A 39 55.54 29.34 26.01
N SER A 40 55.57 28.07 26.41
CA SER A 40 55.71 27.70 27.81
C SER A 40 57.14 27.27 28.11
N HIS A 41 57.59 27.58 29.34
CA HIS A 41 58.88 27.13 29.86
C HIS A 41 60.03 27.40 28.90
N GLY A 42 59.87 28.36 27.98
CA GLY A 42 60.89 28.64 26.99
C GLY A 42 60.91 27.69 25.80
N LYS A 43 60.21 26.57 25.86
CA LYS A 43 60.39 25.51 24.87
C LYS A 43 59.12 25.15 24.10
N ASN A 44 57.99 24.95 24.79
CA ASN A 44 56.84 24.32 24.18
C ASN A 44 55.93 25.35 23.51
N LEU A 45 55.50 25.05 22.28
CA LEU A 45 54.63 25.92 21.52
C LEU A 45 53.24 25.30 21.41
N GLU A 46 52.22 26.16 21.44
CA GLU A 46 50.83 25.72 21.43
C GLU A 46 50.00 26.73 20.66
N TRP A 47 49.25 26.24 19.67
CA TRP A 47 48.36 27.10 18.90
C TRP A 47 47.07 27.31 19.70
N LEU A 48 46.77 28.57 20.01
CA LEU A 48 45.63 28.89 20.86
C LEU A 48 44.35 29.15 20.06
N GLY A 49 44.45 29.82 18.93
CA GLY A 49 43.28 30.16 18.15
C GLY A 49 43.62 31.24 17.14
N LEU A 50 42.58 31.72 16.45
CA LEU A 50 42.76 32.77 15.47
C LEU A 50 41.47 33.57 15.33
N ILE A 51 41.60 34.76 14.76
CA ILE A 51 40.49 35.64 14.47
C ILE A 51 40.66 36.14 13.05
N PHE A 52 39.59 36.07 12.25
CA PHE A 52 39.61 36.58 10.89
C PHE A 52 39.06 38.00 10.91
N PRO A 53 39.91 39.04 10.80
CA PRO A 53 39.43 40.40 11.09
C PRO A 53 38.40 40.93 10.10
N TYR A 54 38.29 40.32 8.92
CA TYR A 54 37.33 40.80 7.93
C TYR A 54 35.89 40.71 8.45
N ASN A 55 35.56 39.60 9.12
CA ASN A 55 34.21 39.39 9.62
C ASN A 55 34.16 39.04 11.10
N GLY A 56 35.29 39.03 11.80
CA GLY A 56 35.29 38.77 13.23
C GLY A 56 35.21 37.33 13.64
N GLY A 57 35.29 36.39 12.69
CA GLY A 57 35.11 34.99 13.02
C GLY A 57 36.29 34.44 13.80
N THR A 58 35.99 33.62 14.80
CA THR A 58 37.00 33.03 15.68
C THR A 58 36.98 31.51 15.57
N SER A 59 38.16 30.92 15.78
CA SER A 59 38.35 29.48 15.88
C SER A 59 39.31 29.23 17.03
N TYR A 60 38.98 28.29 17.91
CA TYR A 60 39.71 28.09 19.15
C TYR A 60 40.20 26.66 19.26
N ASN A 61 41.45 26.50 19.72
CA ASN A 61 41.92 25.22 20.18
C ASN A 61 41.09 24.77 21.37
N GLN A 62 40.35 23.67 21.20
CA GLN A 62 39.44 23.24 22.26
C GLN A 62 40.16 22.62 23.45
N ASN A 63 41.47 22.40 23.36
CA ASN A 63 42.23 22.02 24.55
C ASN A 63 42.29 23.17 25.55
N PHE A 64 41.94 24.37 25.14
CA PHE A 64 42.01 25.57 25.97
C PHE A 64 40.70 26.33 25.93
N LYS A 65 39.59 25.59 25.91
CA LYS A 65 38.27 26.21 25.89
C LYS A 65 38.13 27.18 27.05
N GLY A 66 37.68 28.39 26.76
CA GLY A 66 37.38 29.37 27.77
C GLY A 66 38.57 30.05 28.42
N LYS A 67 39.79 29.77 27.98
CA LYS A 67 40.96 30.44 28.52
C LYS A 67 41.24 31.78 27.84
N ALA A 68 40.86 31.91 26.57
CA ALA A 68 41.15 33.11 25.79
C ALA A 68 39.89 33.61 25.10
N THR A 69 39.92 34.89 24.73
CA THR A 69 38.85 35.54 23.96
C THR A 69 39.52 36.48 22.96
N LEU A 70 39.18 36.31 21.69
CA LEU A 70 39.82 37.05 20.60
C LEU A 70 38.87 38.11 20.05
N THR A 71 39.38 39.33 19.94
CA THR A 71 38.63 40.45 19.38
C THR A 71 39.57 41.27 18.50
N VAL A 72 39.00 42.11 17.65
CA VAL A 72 39.78 43.03 16.82
C VAL A 72 39.11 44.40 16.81
N ASP A 73 39.92 45.42 16.58
CA ASP A 73 39.46 46.77 16.29
C ASP A 73 40.02 47.11 14.91
N THR A 74 39.20 46.97 13.87
CA THR A 74 39.69 47.13 12.51
C THR A 74 40.06 48.59 12.21
N SER A 75 39.38 49.55 12.85
CA SER A 75 39.70 50.95 12.63
C SER A 75 41.06 51.33 13.19
N SER A 76 41.75 50.41 13.88
CA SER A 76 43.10 50.66 14.37
C SER A 76 44.04 49.49 14.09
N SER A 77 43.65 48.55 13.23
CA SER A 77 44.46 47.39 12.88
C SER A 77 45.08 46.75 14.12
N THR A 78 44.28 46.61 15.18
CA THR A 78 44.74 45.99 16.43
C THR A 78 43.95 44.71 16.66
N ALA A 79 44.66 43.63 16.94
CA ALA A 79 44.07 42.38 17.40
C ALA A 79 44.29 42.25 18.91
N TYR A 80 43.31 41.66 19.58
CA TYR A 80 43.33 41.57 21.03
C TYR A 80 43.17 40.12 21.48
N MET A 81 43.67 39.84 22.67
CA MET A 81 43.51 38.53 23.30
C MET A 81 43.30 38.74 24.79
N GLU A 82 42.13 38.35 25.28
CA GLU A 82 41.81 38.41 26.71
C GLU A 82 42.05 37.03 27.31
N LEU A 83 43.05 36.93 28.18
CA LEU A 83 43.26 35.72 28.97
C LEU A 83 42.45 35.83 30.26
N LEU A 84 41.81 34.72 30.63
CA LEU A 84 40.79 34.73 31.69
C LEU A 84 41.21 33.83 32.85
N SER A 85 40.78 34.22 34.05
CA SER A 85 41.03 33.44 35.26
C SER A 85 42.41 32.80 35.24
N LEU A 86 43.45 33.63 35.30
CA LEU A 86 44.81 33.17 35.11
C LEU A 86 45.33 32.45 36.34
N THR A 87 46.13 31.42 36.12
CA THR A 87 46.83 30.68 37.16
C THR A 87 48.32 30.70 36.84
N SER A 88 49.12 30.11 37.74
CA SER A 88 50.56 30.05 37.49
C SER A 88 50.87 29.25 36.23
N VAL A 89 50.11 28.19 35.97
CA VAL A 89 50.31 27.37 34.79
C VAL A 89 50.22 28.20 33.51
N ASP A 90 49.60 29.37 33.57
CA ASP A 90 49.46 30.25 32.41
C ASP A 90 50.57 31.27 32.30
N SER A 91 51.55 31.25 33.21
CA SER A 91 52.72 32.11 33.09
C SER A 91 53.52 31.66 31.86
N ALA A 92 53.56 32.49 30.83
CA ALA A 92 54.21 32.12 29.58
C ALA A 92 54.39 33.36 28.72
N VAL A 93 54.98 33.17 27.54
CA VAL A 93 55.04 34.18 26.50
C VAL A 93 53.96 33.86 25.48
N TYR A 94 53.18 34.88 25.11
CA TYR A 94 52.08 34.72 24.16
C TYR A 94 52.41 35.51 22.91
N TYR A 95 52.43 34.81 21.76
CA TYR A 95 52.88 35.39 20.51
C TYR A 95 51.70 35.77 19.62
N CYS A 96 51.85 36.90 18.94
CA CYS A 96 50.97 37.30 17.85
C CYS A 96 51.63 36.92 16.53
N ALA A 97 50.83 36.39 15.61
CA ALA A 97 51.39 35.91 14.35
C ALA A 97 50.32 35.90 13.27
N ARG A 98 50.70 36.33 12.07
CA ARG A 98 49.79 36.38 10.95
C ARG A 98 49.72 35.02 10.26
N GLY A 99 48.53 34.68 9.76
CA GLY A 99 48.29 33.39 9.12
C GLY A 99 48.12 33.54 7.62
N VAL A 100 48.82 32.69 6.87
CA VAL A 100 48.74 32.65 5.42
C VAL A 100 48.82 31.18 4.98
N ARG A 101 47.76 30.69 4.34
CA ARG A 101 47.68 29.30 3.88
C ARG A 101 48.19 28.36 4.96
N PHE A 102 47.68 28.51 6.18
CA PHE A 102 47.93 27.57 7.31
C PHE A 102 49.38 27.60 7.80
N ALA A 103 50.21 28.57 7.39
CA ALA A 103 51.51 28.80 8.01
C ALA A 103 51.48 30.19 8.64
N LEU A 104 52.38 30.42 9.60
CA LEU A 104 52.48 31.69 10.31
C LEU A 104 53.76 32.39 9.83
N ASP A 105 53.60 33.33 8.91
CA ASP A 105 54.75 33.90 8.21
C ASP A 105 55.34 35.13 8.89
N TYR A 106 54.62 35.77 9.80
CA TYR A 106 55.14 36.93 10.51
C TYR A 106 54.66 36.90 11.95
N TRP A 107 55.57 37.16 12.89
CA TRP A 107 55.30 37.05 14.32
C TRP A 107 55.55 38.38 15.00
N GLY A 108 54.82 38.61 16.10
CA GLY A 108 55.13 39.70 16.99
C GLY A 108 56.29 39.35 17.91
N GLN A 109 56.78 40.38 18.62
CA GLN A 109 57.95 40.14 19.47
C GLN A 109 57.62 39.32 20.71
N GLY A 110 56.35 39.09 21.00
CA GLY A 110 55.96 38.32 22.16
C GLY A 110 55.62 39.20 23.35
N THR A 111 54.74 38.68 24.20
CA THR A 111 54.33 39.36 25.43
C THR A 111 54.46 38.38 26.59
N SER A 112 55.40 38.65 27.48
CA SER A 112 55.62 37.79 28.64
C SER A 112 54.61 38.14 29.73
N VAL A 113 53.77 37.18 30.10
CA VAL A 113 52.74 37.36 31.11
C VAL A 113 53.07 36.45 32.27
N SER A 114 53.25 37.03 33.45
CA SER A 114 53.63 36.32 34.66
C SER A 114 52.46 36.30 35.64
N VAL A 115 52.17 35.13 36.21
CA VAL A 115 51.08 34.95 37.14
C VAL A 115 51.65 34.45 38.45
N SER A 116 51.49 35.25 39.52
CA SER A 116 52.03 34.87 40.81
C SER A 116 51.27 35.60 41.91
N SER A 117 51.11 34.92 43.04
CA SER A 117 50.49 35.49 44.23
C SER A 117 51.51 36.10 45.19
N ALA A 118 52.75 36.28 44.75
CA ALA A 118 53.80 36.78 45.62
C ALA A 118 53.76 38.30 45.69
N SER A 119 54.41 38.84 46.72
CA SER A 119 54.62 40.26 46.89
C SER A 119 56.11 40.58 46.72
N THR A 120 56.39 41.80 46.29
CA THR A 120 57.78 42.21 46.09
C THR A 120 58.57 41.98 47.36
N LYS A 121 59.76 41.39 47.20
CA LYS A 121 60.63 41.09 48.33
C LYS A 121 62.06 41.05 47.83
N GLY A 122 62.94 41.80 48.48
CA GLY A 122 64.35 41.77 48.15
C GLY A 122 64.98 40.49 48.62
N PRO A 123 66.16 40.17 48.08
CA PRO A 123 66.81 38.90 48.41
C PRO A 123 67.68 38.98 49.65
N SER A 124 67.96 37.81 50.21
CA SER A 124 69.05 37.63 51.16
C SER A 124 70.19 36.93 50.45
N VAL A 125 71.41 37.42 50.65
CA VAL A 125 72.59 36.95 49.94
C VAL A 125 73.48 36.23 50.95
N PHE A 126 73.75 34.95 50.70
CA PHE A 126 74.60 34.15 51.57
C PHE A 126 75.85 33.71 50.80
N PRO A 127 76.97 33.52 51.51
CA PRO A 127 78.21 33.18 50.80
C PRO A 127 78.41 31.69 50.60
N LEU A 128 78.70 31.28 49.36
CA LEU A 128 79.19 29.94 49.07
C LEU A 128 80.70 29.97 49.25
N ALA A 129 81.13 29.61 50.47
CA ALA A 129 82.51 29.88 50.88
C ALA A 129 83.45 28.81 50.34
N PRO A 130 84.64 29.20 49.87
CA PRO A 130 85.61 28.20 49.41
C PRO A 130 86.31 27.52 50.57
N SER A 131 86.70 26.27 50.33
CA SER A 131 87.35 25.47 51.37
C SER A 131 88.81 25.89 51.53
N GLY A 138 94.56 23.79 42.97
CA GLY A 138 94.96 24.75 41.96
C GLY A 138 93.93 25.85 41.75
N THR A 139 92.70 25.45 41.45
CA THR A 139 91.55 26.38 41.27
C THR A 139 90.60 26.19 42.46
N ALA A 140 89.89 27.24 42.86
CA ALA A 140 88.99 27.22 44.02
C ALA A 140 87.64 27.84 43.66
N ALA A 141 86.56 27.16 43.91
CA ALA A 141 85.22 27.67 43.59
C ALA A 141 84.61 28.42 44.77
N LEU A 142 84.22 29.67 44.58
CA LEU A 142 83.44 30.41 45.55
C LEU A 142 82.26 31.05 44.84
N GLY A 143 81.32 31.56 45.61
CA GLY A 143 80.14 32.15 45.00
C GLY A 143 79.23 32.81 46.01
N CYS A 144 78.06 33.19 45.53
CA CYS A 144 77.02 33.79 46.33
C CYS A 144 75.68 33.11 46.04
N LEU A 145 74.88 32.91 47.08
CA LEU A 145 73.54 32.36 46.95
C LEU A 145 72.55 33.49 47.19
N VAL A 146 71.78 33.83 46.16
CA VAL A 146 70.80 34.91 46.22
C VAL A 146 69.42 34.27 46.35
N LYS A 147 68.80 34.42 47.52
CA LYS A 147 67.72 33.56 47.94
C LYS A 147 66.47 34.35 48.29
N ASP A 148 65.33 33.91 47.74
CA ASP A 148 64.01 34.36 48.18
C ASP A 148 63.72 35.81 47.82
N TYR A 149 63.68 36.12 46.52
CA TYR A 149 63.32 37.43 46.04
C TYR A 149 62.16 37.33 45.06
N PHE A 150 61.48 38.46 44.85
CA PHE A 150 60.40 38.49 43.89
C PHE A 150 60.12 39.93 43.47
N PRO A 151 59.84 40.18 42.17
CA PRO A 151 59.91 39.22 41.07
C PRO A 151 61.30 39.26 40.44
N GLU A 152 61.47 38.61 39.31
CA GLU A 152 62.70 38.73 38.56
C GLU A 152 62.80 40.14 37.98
N PRO A 153 64.02 40.60 37.64
CA PRO A 153 65.29 39.90 37.76
C PRO A 153 66.20 40.45 38.85
N VAL A 154 67.30 39.74 39.09
CA VAL A 154 68.39 40.20 39.95
C VAL A 154 69.67 40.15 39.11
N THR A 155 70.60 41.03 39.43
CA THR A 155 71.89 41.07 38.74
C THR A 155 73.01 40.84 39.76
N VAL A 156 74.00 40.04 39.36
CA VAL A 156 75.13 39.72 40.20
C VAL A 156 76.40 40.06 39.44
N SER A 157 77.20 40.96 39.98
CA SER A 157 78.55 41.23 39.50
C SER A 157 79.54 40.72 40.55
N TRP A 158 80.82 40.69 40.16
CA TRP A 158 81.88 40.26 41.05
C TRP A 158 82.97 41.31 41.08
N ASN A 159 83.34 41.75 42.29
CA ASN A 159 84.31 42.82 42.49
C ASN A 159 83.97 44.03 41.61
N SER A 160 82.69 44.40 41.63
CA SER A 160 82.21 45.61 40.98
C SER A 160 82.60 45.66 39.50
N GLY A 161 82.53 44.51 38.84
CA GLY A 161 82.78 44.40 37.43
C GLY A 161 84.19 44.02 37.04
N ALA A 162 85.15 44.13 37.98
CA ALA A 162 86.53 43.83 37.64
C ALA A 162 86.74 42.34 37.43
N LEU A 163 86.11 41.50 38.25
CA LEU A 163 86.21 40.06 38.12
C LEU A 163 85.08 39.56 37.22
N THR A 164 85.43 39.08 36.03
CA THR A 164 84.46 38.61 35.07
C THR A 164 84.77 37.25 34.47
N SER A 165 86.01 36.78 34.55
CA SER A 165 86.38 35.50 33.98
C SER A 165 86.08 34.37 34.96
N GLY A 166 85.65 33.23 34.43
CA GLY A 166 85.27 32.12 35.27
C GLY A 166 83.98 32.30 36.03
N VAL A 167 83.22 33.36 35.76
CA VAL A 167 81.97 33.60 36.47
C VAL A 167 80.84 32.82 35.81
N HIS A 168 80.00 32.20 36.63
CA HIS A 168 78.82 31.49 36.17
C HIS A 168 77.64 31.90 37.03
N THR A 169 76.70 32.63 36.44
CA THR A 169 75.44 32.98 37.09
C THR A 169 74.34 32.12 36.49
N PHE A 170 73.75 31.25 37.30
CA PHE A 170 72.77 30.30 36.80
C PHE A 170 71.40 30.97 36.66
N PRO A 171 70.52 30.39 35.83
CA PRO A 171 69.14 30.87 35.79
C PRO A 171 68.49 30.80 37.16
N ALA A 172 67.62 31.75 37.43
CA ALA A 172 66.82 31.69 38.65
C ALA A 172 65.83 30.54 38.56
N VAL A 173 65.53 29.93 39.70
CA VAL A 173 64.55 28.86 39.79
C VAL A 173 63.46 29.28 40.77
N LEU A 174 62.21 29.11 40.36
CA LEU A 174 61.08 29.43 41.23
C LEU A 174 60.93 28.34 42.30
N GLN A 175 61.01 28.75 43.55
CA GLN A 175 60.81 27.82 44.65
C GLN A 175 59.31 27.60 44.89
N SER A 176 58.99 26.51 45.59
CA SER A 176 57.59 26.23 45.90
C SER A 176 56.97 27.33 46.73
N SER A 177 57.77 28.22 47.32
CA SER A 177 57.25 29.32 48.11
C SER A 177 56.65 30.42 47.24
N GLY A 178 56.93 30.42 45.93
CA GLY A 178 56.56 31.50 45.06
C GLY A 178 57.66 32.51 44.83
N LEU A 179 58.78 32.39 45.56
CA LEU A 179 59.91 33.29 45.42
C LEU A 179 61.04 32.60 44.64
N TYR A 180 61.92 33.42 44.07
CA TYR A 180 63.02 32.95 43.25
C TYR A 180 64.30 32.83 44.07
N SER A 181 65.24 32.06 43.55
CA SER A 181 66.58 31.98 44.13
C SER A 181 67.56 31.69 43.01
N LEU A 182 68.82 32.08 43.25
CA LEU A 182 69.82 32.18 42.20
C LEU A 182 71.19 32.11 42.85
N SER A 183 72.14 31.49 42.15
CA SER A 183 73.50 31.34 42.65
C SER A 183 74.49 31.76 41.58
N SER A 184 75.47 32.57 41.98
CA SER A 184 76.54 33.01 41.10
C SER A 184 77.87 32.55 41.68
N VAL A 185 78.64 31.83 40.87
CA VAL A 185 79.91 31.26 41.31
C VAL A 185 81.01 31.77 40.39
N VAL A 186 82.24 31.68 40.87
CA VAL A 186 83.41 31.97 40.05
C VAL A 186 84.54 31.06 40.50
N THR A 187 85.23 30.49 39.50
CA THR A 187 86.45 29.67 39.71
C THR A 187 87.60 30.68 39.78
N VAL A 188 88.45 30.57 40.78
CA VAL A 188 89.51 31.54 41.07
C VAL A 188 90.78 30.71 41.29
N PRO A 189 92.00 31.26 41.41
CA PRO A 189 93.16 30.41 41.68
C PRO A 189 93.17 30.00 43.16
N SER A 190 93.76 28.86 43.53
CA SER A 190 93.84 28.48 44.94
C SER A 190 94.80 29.38 45.70
N SER A 191 95.83 29.92 45.03
CA SER A 191 96.83 30.73 45.71
C SER A 191 96.26 32.07 46.19
N SER A 192 95.10 32.48 45.71
CA SER A 192 94.58 33.82 45.96
C SER A 192 93.52 33.87 47.05
N LEU A 193 93.22 32.75 47.70
CA LEU A 193 92.16 32.76 48.71
C LEU A 193 92.51 33.64 49.89
N GLY A 194 93.80 33.72 50.25
CA GLY A 194 94.21 34.47 51.41
C GLY A 194 94.56 35.93 51.13
N THR A 195 94.86 36.25 49.87
CA THR A 195 95.37 37.56 49.50
C THR A 195 94.33 38.45 48.85
N GLN A 196 93.45 37.88 48.01
CA GLN A 196 92.48 38.66 47.24
C GLN A 196 91.10 38.56 47.87
N THR A 197 90.48 39.72 48.11
CA THR A 197 89.11 39.77 48.59
C THR A 197 88.14 39.57 47.43
N TYR A 198 87.01 38.91 47.72
CA TYR A 198 86.02 38.60 46.70
C TYR A 198 84.65 39.05 47.18
N ILE A 199 84.01 39.92 46.41
CA ILE A 199 82.76 40.57 46.78
C ILE A 199 81.79 40.39 45.62
N CYS A 200 80.67 39.73 45.87
CA CYS A 200 79.58 39.67 44.90
C CYS A 200 78.63 40.83 45.17
N ASN A 201 78.28 41.56 44.11
CA ASN A 201 77.40 42.72 44.21
C ASN A 201 76.05 42.33 43.64
N VAL A 202 75.04 42.26 44.51
CA VAL A 202 73.70 41.83 44.14
C VAL A 202 72.79 43.05 44.09
N ASN A 203 71.95 43.12 43.05
CA ASN A 203 71.01 44.22 42.89
C ASN A 203 69.66 43.68 42.46
N HIS A 204 68.62 44.03 43.21
CA HIS A 204 67.23 43.65 42.93
C HIS A 204 66.43 44.95 42.83
N LYS A 205 66.28 45.45 41.61
CA LYS A 205 65.65 46.75 41.39
C LYS A 205 64.17 46.77 41.77
N PRO A 206 63.40 45.70 41.51
CA PRO A 206 61.99 45.71 41.92
C PRO A 206 61.75 46.14 43.35
N SER A 207 62.73 45.94 44.25
CA SER A 207 62.60 46.36 45.64
C SER A 207 63.67 47.38 46.04
N ASN A 208 64.42 47.91 45.09
CA ASN A 208 65.48 48.88 45.36
C ASN A 208 66.44 48.34 46.41
N THR A 209 66.85 47.09 46.22
CA THR A 209 67.74 46.39 47.13
C THR A 209 69.09 46.17 46.46
N LYS A 210 70.14 46.75 47.04
CA LYS A 210 71.52 46.53 46.61
C LYS A 210 72.29 45.94 47.78
N VAL A 211 72.98 44.83 47.55
CA VAL A 211 73.74 44.15 48.58
C VAL A 211 75.13 43.84 48.06
N ASP A 212 76.13 43.96 48.94
CA ASP A 212 77.49 43.55 48.67
C ASP A 212 77.92 42.58 49.77
N LYS A 213 78.22 41.34 49.37
CA LYS A 213 78.58 40.29 50.31
C LYS A 213 80.00 39.82 50.02
N ARG A 214 80.90 39.98 50.99
CA ARG A 214 82.25 39.46 50.88
C ARG A 214 82.21 37.95 51.16
N VAL A 215 82.88 37.18 50.31
CA VAL A 215 82.94 35.73 50.43
C VAL A 215 84.32 35.36 50.97
N GLU A 216 84.36 34.88 52.23
CA GLU A 216 85.58 34.48 52.91
C GLU A 216 85.70 32.97 52.94
N PRO A 217 86.93 32.43 52.91
CA PRO A 217 87.16 31.00 53.06
C PRO A 217 86.35 30.39 54.21
N ASP B 1 43.57 14.80 17.99
CA ASP B 1 44.57 15.81 17.55
C ASP B 1 45.80 15.16 16.95
N VAL B 2 46.34 15.76 15.89
CA VAL B 2 47.58 15.29 15.31
C VAL B 2 48.70 15.49 16.32
N VAL B 3 49.51 14.45 16.53
CA VAL B 3 50.67 14.52 17.42
C VAL B 3 51.91 14.53 16.54
N MET B 4 52.65 15.64 16.59
CA MET B 4 53.87 15.82 15.82
C MET B 4 55.05 15.48 16.72
N THR B 5 55.63 14.30 16.51
CA THR B 5 56.82 13.89 17.23
C THR B 5 58.05 14.29 16.42
N GLN B 6 58.95 15.03 17.04
CA GLN B 6 60.11 15.62 16.38
C GLN B 6 61.37 14.95 16.91
N THR B 7 62.37 14.82 16.04
CA THR B 7 63.54 14.01 16.31
C THR B 7 64.79 14.56 15.62
N PRO B 8 65.92 14.71 16.35
CA PRO B 8 66.11 14.54 17.79
C PRO B 8 65.71 15.80 18.55
N LEU B 9 65.62 15.73 19.88
CA LEU B 9 65.28 16.92 20.65
C LEU B 9 66.50 17.82 20.88
N SER B 10 67.70 17.27 20.78
CA SER B 10 68.93 18.05 20.89
C SER B 10 69.97 17.42 19.97
N LEU B 11 70.76 18.26 19.32
CA LEU B 11 71.76 17.79 18.36
C LEU B 11 73.00 18.68 18.45
N PRO B 12 74.05 18.23 19.15
CA PRO B 12 75.34 18.92 19.07
C PRO B 12 75.93 18.75 17.67
N VAL B 13 76.36 19.86 17.08
CA VAL B 13 76.73 19.90 15.67
C VAL B 13 78.02 20.69 15.51
N SER B 14 78.67 20.48 14.36
CA SER B 14 79.88 21.20 13.99
C SER B 14 79.56 22.15 12.84
N PHE B 15 79.96 23.41 12.99
CA PHE B 15 79.83 24.36 11.89
C PHE B 15 80.44 23.77 10.62
N GLY B 16 79.70 23.87 9.52
CA GLY B 16 80.14 23.32 8.25
C GLY B 16 79.50 21.97 7.98
N ASP B 17 78.77 21.42 8.95
CA ASP B 17 78.18 20.07 8.80
C ASP B 17 76.92 20.13 7.96
N GLN B 18 76.20 19.03 7.83
CA GLN B 18 74.88 18.99 7.17
C GLN B 18 73.98 18.37 8.22
N VAL B 19 72.98 19.10 8.69
CA VAL B 19 72.05 18.63 9.71
C VAL B 19 70.73 18.28 9.04
N SER B 20 70.05 17.30 9.63
CA SER B 20 68.70 16.94 9.20
C SER B 20 67.82 16.75 10.43
N ILE B 21 66.66 17.38 10.41
CA ILE B 21 65.63 17.22 11.44
C ILE B 21 64.45 16.52 10.79
N SER B 22 63.94 15.46 11.41
CA SER B 22 62.76 14.77 10.93
C SER B 22 61.57 15.11 11.83
N CYS B 23 60.45 15.42 11.20
CA CYS B 23 59.18 15.63 11.87
C CYS B 23 58.23 14.52 11.42
N ARG B 24 57.64 13.82 12.39
CA ARG B 24 56.82 12.63 12.12
C ARG B 24 55.41 12.89 12.64
N SER B 25 54.43 12.77 11.76
CA SER B 25 53.06 13.15 12.07
C SER B 25 52.20 11.91 12.32
N SER B 26 51.34 11.99 13.33
CA SER B 26 50.51 10.86 13.73
C SER B 26 49.49 10.47 12.68
N GLN B 27 49.23 11.32 11.69
CA GLN B 27 48.36 10.97 10.58
C GLN B 27 48.71 11.89 9.41
N SER B 28 48.25 11.52 8.20
CA SER B 28 48.51 12.28 6.96
C SER B 28 48.18 13.76 7.12
N LEU B 29 49.02 14.64 6.60
CA LEU B 29 48.82 16.10 6.65
C LEU B 29 48.40 16.59 5.28
N ALA B 30 47.79 15.76 4.45
CA ALA B 30 47.31 16.11 3.11
C ALA B 30 45.79 16.25 3.15
N ASN B 31 45.25 17.34 2.60
CA ASN B 31 43.79 17.53 2.50
C ASN B 31 43.32 16.75 1.27
N SER B 32 42.02 16.70 0.99
CA SER B 32 41.45 16.02 -0.16
C SER B 32 41.83 16.64 -1.50
N TYR B 33 42.54 17.78 -1.49
CA TYR B 33 43.01 18.42 -2.71
C TYR B 33 44.52 18.33 -2.88
N GLY B 34 45.21 17.58 -2.01
CA GLY B 34 46.62 17.36 -2.18
C GLY B 34 47.53 18.46 -1.68
N ASN B 35 47.00 19.37 -0.88
CA ASN B 35 47.79 20.45 -0.23
C ASN B 35 48.21 19.94 1.14
N THR B 36 49.50 20.00 1.47
CA THR B 36 50.05 19.54 2.77
C THR B 36 50.60 20.76 3.50
N TYR B 37 49.90 21.23 4.52
CA TYR B 37 50.25 22.48 5.25
C TYR B 37 51.22 22.17 6.38
N LEU B 38 52.48 21.89 6.06
CA LEU B 38 53.53 21.67 7.04
C LEU B 38 54.59 22.76 6.87
N SER B 39 54.90 23.44 7.97
CA SER B 39 55.88 24.52 7.96
C SER B 39 56.94 24.27 9.01
N TRP B 40 58.13 24.83 8.77
CA TRP B 40 59.25 24.73 9.69
C TRP B 40 59.59 26.12 10.21
N TYR B 41 59.92 26.20 11.50
CA TYR B 41 60.15 27.47 12.16
C TYR B 41 61.45 27.45 12.95
N LEU B 42 62.03 28.63 13.11
CA LEU B 42 63.31 28.80 13.80
C LEU B 42 63.16 29.92 14.83
N HIS B 43 63.62 29.66 16.05
CA HIS B 43 63.57 30.63 17.15
C HIS B 43 64.98 30.76 17.73
N LYS B 44 65.73 31.76 17.25
CA LYS B 44 67.01 32.07 17.88
C LYS B 44 66.76 32.74 19.23
N PRO B 45 67.70 32.60 20.18
CA PRO B 45 67.46 33.13 21.52
C PRO B 45 67.05 34.60 21.58
N GLY B 46 67.71 35.46 20.82
CA GLY B 46 67.44 36.87 20.94
C GLY B 46 66.22 37.39 20.21
N GLN B 47 65.45 36.51 19.55
CA GLN B 47 64.50 36.96 18.55
C GLN B 47 63.17 36.25 18.73
N SER B 48 62.22 36.61 17.86
CA SER B 48 60.90 36.00 17.73
C SER B 48 60.97 34.87 16.70
N PRO B 49 60.13 33.85 16.82
CA PRO B 49 60.15 32.76 15.82
C PRO B 49 59.93 33.29 14.41
N GLN B 50 60.66 32.72 13.46
CA GLN B 50 60.56 33.10 12.06
C GLN B 50 60.24 31.87 11.22
N LEU B 51 59.41 32.07 10.20
CA LEU B 51 59.08 30.99 9.28
C LEU B 51 60.26 30.75 8.34
N LEU B 52 60.62 29.48 8.16
CA LEU B 52 61.67 29.10 7.22
C LEU B 52 61.07 28.49 5.96
N ILE B 53 60.28 27.43 6.10
CA ILE B 53 59.74 26.68 4.97
C ILE B 53 58.28 26.36 5.26
N TYR B 54 57.44 26.54 4.25
CA TYR B 54 56.01 26.28 4.37
C TYR B 54 55.57 25.30 3.29
N GLU B 55 54.49 24.58 3.58
CA GLU B 55 53.97 23.54 2.70
C GLU B 55 55.09 22.63 2.21
N ILE B 56 55.75 21.99 3.19
CA ILE B 56 56.77 20.98 2.98
C ILE B 56 58.07 21.59 2.46
N SER B 57 58.05 22.09 1.22
CA SER B 57 59.28 22.35 0.49
C SER B 57 59.52 23.81 0.10
N ASN B 58 58.57 24.70 0.31
CA ASN B 58 58.68 26.07 -0.18
C ASN B 58 59.42 26.94 0.83
N ARG B 59 60.38 27.72 0.33
CA ARG B 59 61.26 28.53 1.16
C ARG B 59 60.71 29.96 1.26
N PHE B 60 60.56 30.43 2.50
CA PHE B 60 59.96 31.73 2.76
C PHE B 60 60.91 32.86 2.34
N SER B 61 60.31 34.01 2.00
CA SER B 61 61.08 35.14 1.52
C SER B 61 62.17 35.53 2.50
N GLY B 62 63.41 35.58 2.01
CA GLY B 62 64.54 36.02 2.80
C GLY B 62 65.36 34.91 3.43
N VAL B 63 64.90 33.67 3.36
CA VAL B 63 65.60 32.56 4.03
C VAL B 63 66.79 32.15 3.15
N PRO B 64 67.99 32.00 3.74
CA PRO B 64 69.12 31.46 2.96
C PRO B 64 68.80 30.16 2.25
N ASP B 65 69.51 29.85 1.18
CA ASP B 65 69.24 28.65 0.39
C ASP B 65 69.71 27.37 1.06
N ARG B 66 70.49 27.47 2.14
CA ARG B 66 70.91 26.26 2.86
C ARG B 66 69.71 25.51 3.39
N PHE B 67 68.62 26.22 3.65
CA PHE B 67 67.42 25.63 4.23
C PHE B 67 66.55 25.05 3.12
N SER B 68 66.22 23.77 3.25
CA SER B 68 65.41 23.08 2.26
C SER B 68 64.58 22.03 3.00
N GLY B 69 63.41 21.74 2.46
CA GLY B 69 62.47 20.84 3.11
C GLY B 69 61.97 19.78 2.15
N SER B 70 61.84 18.56 2.66
CA SER B 70 61.39 17.43 1.86
C SER B 70 60.47 16.56 2.72
N GLY B 71 60.05 15.44 2.15
CA GLY B 71 59.19 14.49 2.83
C GLY B 71 57.79 14.50 2.23
N SER B 72 56.97 13.59 2.76
CA SER B 72 55.59 13.45 2.31
C SER B 72 54.82 12.66 3.35
N GLY B 73 53.50 12.65 3.20
CA GLY B 73 52.64 11.82 4.01
C GLY B 73 52.74 12.08 5.51
N THR B 74 53.57 11.31 6.20
CA THR B 74 53.63 11.38 7.66
C THR B 74 55.05 11.49 8.20
N ASP B 75 56.05 11.75 7.36
CA ASP B 75 57.39 12.07 7.84
C ASP B 75 58.00 13.12 6.92
N PHE B 76 58.57 14.16 7.52
CA PHE B 76 59.11 15.29 6.80
C PHE B 76 60.50 15.60 7.34
N THR B 77 61.31 16.28 6.54
CA THR B 77 62.71 16.51 6.88
C THR B 77 63.13 17.91 6.53
N LEU B 78 63.94 18.51 7.40
CA LEU B 78 64.53 19.82 7.19
C LEU B 78 66.03 19.65 6.98
N ASN B 79 66.53 20.19 5.87
CA ASN B 79 67.93 20.08 5.49
C ASN B 79 68.60 21.44 5.61
N ILE B 80 69.77 21.46 6.24
CA ILE B 80 70.59 22.66 6.37
C ILE B 80 71.93 22.35 5.70
N SER B 81 72.18 23.00 4.56
CA SER B 81 73.37 22.66 3.77
C SER B 81 74.64 22.88 4.56
N THR B 82 74.77 24.03 5.21
CA THR B 82 75.96 24.35 5.98
C THR B 82 75.54 25.22 7.17
N ILE B 83 75.77 24.71 8.38
CA ILE B 83 75.33 25.43 9.57
C ILE B 83 76.37 26.49 9.93
N LYS B 84 75.90 27.71 10.16
CA LYS B 84 76.71 28.80 10.65
C LYS B 84 76.32 29.09 12.10
N PRO B 85 77.19 29.75 12.87
CA PRO B 85 76.84 30.07 14.26
C PRO B 85 75.48 30.73 14.41
N GLU B 86 74.98 31.36 13.35
CA GLU B 86 73.68 32.02 13.41
C GLU B 86 72.52 31.08 13.16
N ASP B 87 72.78 29.84 12.73
CA ASP B 87 71.72 28.87 12.54
C ASP B 87 71.32 28.17 13.84
N LEU B 88 72.08 28.36 14.92
CA LEU B 88 71.75 27.74 16.18
C LEU B 88 70.44 28.28 16.73
N GLY B 89 69.75 27.44 17.49
CA GLY B 89 68.50 27.81 18.10
C GLY B 89 67.59 26.61 18.20
N MET B 90 66.29 26.88 18.28
CA MET B 90 65.27 25.85 18.39
C MET B 90 64.42 25.85 17.13
N TYR B 91 64.23 24.67 16.55
CA TYR B 91 63.47 24.49 15.32
C TYR B 91 62.17 23.76 15.63
N TYR B 92 61.10 24.14 14.94
CA TYR B 92 59.78 23.58 15.17
C TYR B 92 59.11 23.26 13.83
N CYS B 93 58.50 22.09 13.75
CA CYS B 93 57.57 21.78 12.69
C CYS B 93 56.14 22.04 13.16
N LEU B 94 55.30 22.49 12.24
CA LEU B 94 53.92 22.80 12.53
C LEU B 94 53.05 22.25 11.41
N GLN B 95 51.93 21.61 11.79
CA GLN B 95 50.87 21.15 10.87
C GLN B 95 49.64 22.04 11.06
N GLY B 96 49.03 22.49 9.96
CA GLY B 96 47.82 23.31 9.99
C GLY B 96 46.76 22.70 9.10
N THR B 97 46.92 21.42 8.75
CA THR B 97 45.95 20.68 7.90
C THR B 97 44.79 20.21 8.78
N HIS B 98 44.93 20.15 10.09
CA HIS B 98 43.87 19.58 10.97
C HIS B 98 43.69 20.44 12.20
N GLN B 99 42.45 20.84 12.49
CA GLN B 99 42.11 21.64 13.69
C GLN B 99 42.18 20.72 14.92
N PRO B 100 42.87 21.09 16.03
CA PRO B 100 43.65 22.33 16.13
C PRO B 100 45.04 22.17 15.53
N TRP B 101 45.68 23.28 15.20
CA TRP B 101 47.06 23.27 14.71
C TRP B 101 47.96 22.79 15.85
N THR B 102 48.89 21.88 15.60
CA THR B 102 49.81 21.37 16.62
C THR B 102 51.24 21.51 16.14
N PHE B 103 52.12 21.85 17.09
CA PHE B 103 53.55 22.02 16.84
C PHE B 103 54.31 20.75 17.16
N GLY B 104 55.51 20.65 16.60
CA GLY B 104 56.43 19.63 17.03
C GLY B 104 57.01 19.93 18.39
N GLY B 105 57.71 18.94 18.95
CA GLY B 105 58.34 19.14 20.24
C GLY B 105 59.45 20.16 20.21
N GLY B 106 60.10 20.31 19.06
CA GLY B 106 61.20 21.25 18.92
C GLY B 106 62.55 20.58 19.00
N THR B 107 63.47 21.00 18.14
CA THR B 107 64.84 20.52 18.12
C THR B 107 65.78 21.68 18.40
N LYS B 108 66.70 21.49 19.34
CA LYS B 108 67.66 22.52 19.75
C LYS B 108 69.03 22.17 19.19
N LEU B 109 69.54 23.03 18.32
CA LEU B 109 70.86 22.84 17.74
C LEU B 109 71.91 23.43 18.68
N GLU B 110 72.92 22.63 19.01
CA GLU B 110 73.95 22.98 19.98
C GLU B 110 75.33 22.85 19.32
N ILE B 111 76.36 23.17 20.08
CA ILE B 111 77.73 23.14 19.60
C ILE B 111 78.40 21.87 20.09
N LYS B 112 78.94 21.09 19.16
CA LYS B 112 79.61 19.84 19.50
C LYS B 112 81.06 20.11 19.92
N ARG B 113 81.52 19.32 20.89
CA ARG B 113 82.90 19.42 21.36
C ARG B 113 83.26 18.09 22.02
N THR B 114 84.51 17.97 22.46
CA THR B 114 84.97 16.76 23.12
C THR B 114 84.39 16.66 24.53
N VAL B 115 84.39 15.43 25.05
CA VAL B 115 83.98 15.22 26.43
C VAL B 115 84.86 16.04 27.34
N ALA B 116 84.27 16.59 28.41
CA ALA B 116 85.03 17.36 29.40
C ALA B 116 84.42 17.13 30.76
N ALA B 117 85.28 16.87 31.75
CA ALA B 117 84.80 16.50 33.07
C ALA B 117 84.39 17.73 33.87
N PRO B 118 83.34 17.63 34.69
CA PRO B 118 83.03 18.72 35.62
C PRO B 118 83.99 18.72 36.79
N SER B 119 84.38 19.91 37.22
CA SER B 119 84.97 20.09 38.54
C SER B 119 83.83 20.19 39.54
N VAL B 120 83.81 19.28 40.51
CA VAL B 120 82.71 19.20 41.47
C VAL B 120 83.12 19.88 42.75
N PHE B 121 82.24 20.74 43.26
CA PHE B 121 82.41 21.40 44.54
C PHE B 121 81.11 21.28 45.32
N ILE B 122 81.22 21.25 46.65
CA ILE B 122 80.07 21.22 47.53
C ILE B 122 80.22 22.33 48.56
N PHE B 123 79.15 23.09 48.77
CA PHE B 123 79.17 24.22 49.69
C PHE B 123 78.17 23.99 50.81
N PRO B 124 78.57 24.13 52.07
CA PRO B 124 77.63 23.97 53.18
C PRO B 124 76.86 25.24 53.42
N PRO B 125 75.74 25.16 54.14
CA PRO B 125 74.97 26.38 54.41
C PRO B 125 75.73 27.34 55.29
N SER B 126 75.45 28.62 55.11
CA SER B 126 76.10 29.65 55.92
C SER B 126 75.49 29.69 57.31
N ASP B 127 76.28 30.20 58.27
CA ASP B 127 75.75 30.42 59.61
C ASP B 127 74.67 31.49 59.61
N GLU B 128 74.76 32.45 58.69
CA GLU B 128 73.75 33.50 58.64
C GLU B 128 72.41 32.97 58.15
N GLN B 129 72.43 32.10 57.14
CA GLN B 129 71.18 31.52 56.65
C GLN B 129 70.55 30.62 57.71
N LEU B 130 71.38 29.90 58.49
CA LEU B 130 70.82 29.00 59.48
C LEU B 130 70.15 29.76 60.62
N LYS B 131 70.58 31.00 60.87
CA LYS B 131 69.94 31.81 61.91
C LYS B 131 68.44 31.99 61.66
N SER B 132 67.98 31.81 60.42
CA SER B 132 66.58 32.00 60.09
C SER B 132 65.83 30.69 59.86
N GLY B 133 66.48 29.54 60.01
CA GLY B 133 65.79 28.28 60.13
C GLY B 133 65.78 27.37 58.92
N THR B 134 66.46 27.73 57.84
CA THR B 134 66.56 26.87 56.67
C THR B 134 68.03 26.69 56.27
N ALA B 135 68.33 25.53 55.71
CA ALA B 135 69.68 25.15 55.32
C ALA B 135 69.70 24.88 53.83
N SER B 136 70.51 25.64 53.10
CA SER B 136 70.72 25.43 51.67
C SER B 136 72.10 24.84 51.47
N VAL B 137 72.15 23.61 50.96
CA VAL B 137 73.39 22.92 50.64
C VAL B 137 73.51 22.93 49.11
N VAL B 138 74.62 23.46 48.61
CA VAL B 138 74.81 23.68 47.18
C VAL B 138 75.92 22.79 46.67
N CYS B 139 75.70 22.19 45.50
CA CYS B 139 76.69 21.38 44.81
C CYS B 139 76.89 21.93 43.40
N LEU B 140 78.14 22.18 43.04
CA LEU B 140 78.49 22.86 41.80
C LEU B 140 79.24 21.91 40.87
N LEU B 141 78.73 21.76 39.65
CA LEU B 141 79.41 21.07 38.57
C LEU B 141 79.91 22.13 37.59
N ASN B 142 81.22 22.20 37.39
CA ASN B 142 81.85 23.30 36.67
C ASN B 142 82.47 22.81 35.36
N ASN B 143 81.98 23.35 34.24
CA ASN B 143 82.63 23.24 32.93
C ASN B 143 82.75 21.78 32.50
N PHE B 144 81.60 21.20 32.16
CA PHE B 144 81.54 19.85 31.64
C PHE B 144 80.83 19.82 30.30
N TYR B 145 81.00 18.70 29.60
CA TYR B 145 80.31 18.38 28.36
C TYR B 145 80.40 16.87 28.21
N PRO B 146 79.35 16.19 27.76
CA PRO B 146 78.02 16.67 27.35
C PRO B 146 77.15 17.11 28.53
N ARG B 147 75.90 17.48 28.26
CA ARG B 147 75.01 17.98 29.31
C ARG B 147 74.47 16.87 30.20
N GLU B 148 74.45 15.63 29.72
CA GLU B 148 74.12 14.48 30.55
C GLU B 148 74.87 14.51 31.87
N ALA B 149 74.18 14.77 32.97
CA ALA B 149 74.82 14.75 34.28
C ALA B 149 73.81 14.33 35.34
N LYS B 150 74.19 13.37 36.18
CA LYS B 150 73.36 12.84 37.25
C LYS B 150 73.98 13.21 38.58
N VAL B 151 73.25 13.99 39.38
CA VAL B 151 73.69 14.38 40.72
C VAL B 151 72.78 13.74 41.74
N GLN B 152 73.36 13.09 42.75
CA GLN B 152 72.61 12.39 43.78
C GLN B 152 73.05 12.91 45.14
N TRP B 153 72.11 13.46 45.90
CA TRP B 153 72.40 13.92 47.25
C TRP B 153 72.28 12.75 48.22
N LYS B 154 73.28 12.60 49.08
CA LYS B 154 73.28 11.58 50.12
C LYS B 154 73.54 12.25 51.47
N VAL B 155 72.58 12.15 52.37
CA VAL B 155 72.69 12.68 53.73
C VAL B 155 72.84 11.48 54.65
N ASP B 156 74.07 11.21 55.09
CA ASP B 156 74.40 9.98 55.80
C ASP B 156 74.02 8.76 54.95
N ASN B 157 74.41 8.81 53.68
CA ASN B 157 74.03 7.81 52.67
C ASN B 157 72.53 7.52 52.72
N ALA B 158 71.73 8.56 52.90
CA ALA B 158 70.29 8.50 52.69
C ALA B 158 70.03 9.18 51.34
N LEU B 159 69.84 8.38 50.30
CA LEU B 159 69.54 8.92 48.98
C LEU B 159 68.35 9.87 49.07
N GLN B 160 68.60 11.14 48.75
CA GLN B 160 67.57 12.15 48.86
C GLN B 160 66.66 12.12 47.63
N SER B 161 65.53 12.82 47.74
CA SER B 161 64.57 12.88 46.64
C SER B 161 63.54 13.97 46.87
N GLY B 162 63.40 14.88 45.91
CA GLY B 162 62.36 15.88 45.94
C GLY B 162 62.70 17.16 46.67
N ASN B 163 63.77 17.17 47.47
CA ASN B 163 64.16 18.34 48.24
C ASN B 163 65.36 19.07 47.64
N SER B 164 65.52 18.99 46.32
CA SER B 164 66.62 19.67 45.65
C SER B 164 66.18 20.11 44.26
N GLN B 165 66.72 21.24 43.82
CA GLN B 165 66.46 21.78 42.49
C GLN B 165 67.77 22.01 41.75
N GLU B 166 67.71 21.94 40.43
CA GLU B 166 68.86 22.12 39.57
C GLU B 166 68.68 23.34 38.67
N SER B 167 69.81 23.89 38.24
CA SER B 167 69.82 24.97 37.27
C SER B 167 71.10 24.87 36.46
N VAL B 168 70.98 25.04 35.14
CA VAL B 168 72.08 24.81 34.22
C VAL B 168 72.24 26.03 33.32
N THR B 169 73.49 26.42 33.07
CA THR B 169 73.79 27.52 32.16
C THR B 169 73.67 27.03 30.71
N GLU B 170 73.53 28.00 29.80
CA GLU B 170 73.66 27.69 28.39
C GLU B 170 75.13 27.45 28.04
N GLN B 171 75.37 26.89 26.87
CA GLN B 171 76.73 26.61 26.44
C GLN B 171 77.58 27.87 26.53
N ASP B 172 78.75 27.76 27.15
CA ASP B 172 79.61 28.91 27.35
C ASP B 172 80.15 29.40 26.03
N SER B 173 80.30 30.73 25.91
CA SER B 173 80.69 31.33 24.64
C SER B 173 82.07 30.86 24.19
N LYS B 174 82.96 30.55 25.12
CA LYS B 174 84.36 30.32 24.81
C LYS B 174 84.71 28.84 24.64
N ASP B 175 84.21 27.94 25.48
CA ASP B 175 84.54 26.53 25.37
C ASP B 175 83.32 25.62 25.29
N SER B 176 82.13 26.17 25.11
CA SER B 176 80.93 25.39 24.80
C SER B 176 80.64 24.32 25.84
N THR B 177 81.02 24.56 27.09
CA THR B 177 80.75 23.63 28.18
C THR B 177 79.54 24.10 28.99
N TYR B 178 79.10 23.24 29.91
CA TYR B 178 77.99 23.55 30.80
C TYR B 178 78.48 23.56 32.24
N SER B 179 77.81 24.36 33.06
CA SER B 179 77.95 24.30 34.51
C SER B 179 76.54 24.15 35.10
N LEU B 180 76.48 23.57 36.29
CA LEU B 180 75.20 23.17 36.87
C LEU B 180 75.24 23.36 38.38
N SER B 181 74.14 23.89 38.91
CA SER B 181 73.96 24.08 40.35
C SER B 181 72.85 23.16 40.83
N SER B 182 73.15 22.35 41.84
CA SER B 182 72.14 21.56 42.54
C SER B 182 72.08 22.06 43.98
N THR B 183 70.90 22.55 44.38
CA THR B 183 70.71 23.12 45.71
C THR B 183 69.77 22.24 46.50
N LEU B 184 70.28 21.62 47.56
CA LEU B 184 69.47 20.84 48.48
C LEU B 184 68.95 21.76 49.59
N THR B 185 67.65 21.71 49.84
CA THR B 185 67.00 22.60 50.80
C THR B 185 66.40 21.79 51.93
N LEU B 186 66.84 22.07 53.16
CA LEU B 186 66.31 21.43 54.35
C LEU B 186 65.94 22.49 55.38
N SER B 187 65.15 22.08 56.37
CA SER B 187 64.99 22.87 57.57
C SER B 187 66.25 22.78 58.41
N LYS B 188 66.42 23.73 59.33
CA LYS B 188 67.58 23.66 60.22
C LYS B 188 67.43 22.52 61.22
N ALA B 189 66.19 22.16 61.57
CA ALA B 189 65.96 20.99 62.40
C ALA B 189 66.55 19.74 61.75
N ASP B 190 66.10 19.43 60.54
CA ASP B 190 66.59 18.25 59.84
C ASP B 190 68.09 18.36 59.53
N TYR B 191 68.58 19.56 59.27
CA TYR B 191 69.97 19.71 58.85
C TYR B 191 70.93 19.33 59.98
N GLU B 192 70.61 19.71 61.22
CA GLU B 192 71.47 19.45 62.36
C GLU B 192 71.17 18.11 63.02
N LYS B 193 70.31 17.29 62.43
CA LYS B 193 70.06 15.94 62.89
C LYS B 193 70.94 14.91 62.19
N HIS B 194 71.74 15.33 61.21
CA HIS B 194 72.61 14.43 60.47
C HIS B 194 74.02 15.04 60.41
N LYS B 195 74.98 14.22 60.00
CA LYS B 195 76.39 14.58 60.03
C LYS B 195 77.00 14.76 58.65
N VAL B 196 76.85 13.78 57.77
CA VAL B 196 77.61 13.70 56.52
C VAL B 196 76.72 14.13 55.37
N TYR B 197 77.17 15.13 54.62
CA TYR B 197 76.45 15.65 53.47
C TYR B 197 77.29 15.43 52.22
N ALA B 198 76.78 14.64 51.30
CA ALA B 198 77.54 14.19 50.14
C ALA B 198 76.85 14.61 48.85
N CYS B 199 77.66 14.91 47.84
CA CYS B 199 77.20 15.14 46.48
C CYS B 199 77.93 14.16 45.58
N GLU B 200 77.18 13.31 44.88
CA GLU B 200 77.74 12.27 44.02
C GLU B 200 77.36 12.55 42.58
N VAL B 201 78.36 12.68 41.72
CA VAL B 201 78.16 13.09 40.33
C VAL B 201 78.57 11.94 39.43
N THR B 202 77.69 11.60 38.48
CA THR B 202 77.99 10.65 37.41
C THR B 202 77.98 11.41 36.09
N HIS B 203 79.06 11.31 35.33
CA HIS B 203 79.17 12.04 34.08
C HIS B 203 80.15 11.33 33.16
N GLN B 204 79.96 11.53 31.85
CA GLN B 204 80.71 10.77 30.85
C GLN B 204 82.22 11.04 30.94
N GLY B 205 82.60 12.23 31.41
CA GLY B 205 84.00 12.58 31.53
C GLY B 205 84.70 12.05 32.76
N LEU B 206 83.97 11.42 33.67
CA LEU B 206 84.54 10.80 34.85
C LEU B 206 84.51 9.28 34.68
N SER B 207 85.66 8.64 34.89
CA SER B 207 85.73 7.20 34.72
C SER B 207 84.78 6.48 35.68
N SER B 208 84.66 6.98 36.90
CA SER B 208 83.72 6.47 37.87
C SER B 208 83.22 7.64 38.70
N PRO B 209 82.02 7.54 39.29
CA PRO B 209 81.40 8.71 39.91
C PRO B 209 82.32 9.38 40.93
N VAL B 210 82.15 10.69 41.05
CA VAL B 210 82.92 11.51 42.00
C VAL B 210 81.98 11.95 43.11
N THR B 211 82.44 11.81 44.36
CA THR B 211 81.69 12.27 45.52
C THR B 211 82.52 13.31 46.27
N LYS B 212 81.97 14.52 46.39
CA LYS B 212 82.50 15.56 47.25
C LYS B 212 81.53 15.75 48.41
N SER B 213 82.06 15.80 49.63
CA SER B 213 81.21 15.78 50.82
C SER B 213 81.81 16.65 51.90
N PHE B 214 81.02 16.92 52.94
CA PHE B 214 81.50 17.67 54.11
C PHE B 214 80.82 17.13 55.36
N ASN B 215 81.48 17.37 56.49
CA ASN B 215 80.93 17.02 57.81
C ASN B 215 80.41 18.28 58.47
N ARG B 216 79.19 18.20 59.00
CA ARG B 216 78.50 19.38 59.54
C ARG B 216 79.25 20.00 60.71
N PCA C 1 12.00 2.47 14.68
CA PCA C 1 11.24 3.74 14.43
CB PCA C 1 10.13 3.52 13.41
CG PCA C 1 9.84 2.03 13.49
CD PCA C 1 11.10 1.46 14.10
OE PCA C 1 11.34 0.25 14.10
C PCA C 1 10.63 4.24 15.73
O PCA C 1 10.19 3.43 16.54
H2 PCA C 1 12.36 2.18 13.92
HA PCA C 1 11.86 4.41 14.08
HB2 PCA C 1 9.35 4.05 13.63
HB3 PCA C 1 10.45 3.76 12.52
HG2 PCA C 1 9.05 1.85 14.03
HG3 PCA C 1 9.72 1.66 12.58
N VAL C 2 10.60 5.55 15.91
CA VAL C 2 10.01 6.13 17.12
C VAL C 2 8.50 5.92 17.10
N HIS C 3 7.97 5.42 18.21
CA HIS C 3 6.54 5.29 18.40
C HIS C 3 6.14 5.97 19.70
N LEU C 4 5.17 6.87 19.63
CA LEU C 4 4.67 7.62 20.78
C LEU C 4 3.31 7.07 21.18
N GLN C 5 3.04 7.10 22.49
CA GLN C 5 1.81 6.54 23.05
C GLN C 5 1.30 7.46 24.15
N GLU C 6 0.08 7.95 24.00
CA GLU C 6 -0.56 8.76 25.03
C GLU C 6 -1.27 7.88 26.04
N SER C 7 -1.39 8.40 27.27
CA SER C 7 -2.19 7.78 28.30
C SER C 7 -2.75 8.87 29.18
N GLY C 8 -3.68 8.49 30.05
CA GLY C 8 -4.34 9.43 30.92
C GLY C 8 -5.85 9.35 30.76
N PRO C 9 -6.58 9.98 31.66
CA PRO C 9 -8.03 9.79 31.71
C PRO C 9 -8.74 10.55 30.59
N GLY C 10 -9.90 10.03 30.20
CA GLY C 10 -10.66 10.62 29.13
C GLY C 10 -11.73 11.58 29.62
N LEU C 11 -12.05 11.53 30.91
CA LEU C 11 -13.02 12.44 31.51
C LEU C 11 -12.35 13.24 32.61
N VAL C 12 -12.56 14.55 32.59
CA VAL C 12 -11.97 15.47 33.55
C VAL C 12 -13.05 16.47 33.95
N LYS C 13 -13.24 16.63 35.26
CA LYS C 13 -14.33 17.49 35.71
C LYS C 13 -13.96 18.96 35.57
N PRO C 14 -14.95 19.84 35.41
CA PRO C 14 -14.64 21.26 35.21
C PRO C 14 -13.82 21.85 36.37
N SER C 15 -12.86 22.70 36.00
CA SER C 15 -12.04 23.45 36.95
C SER C 15 -10.88 22.62 37.49
N GLU C 16 -10.97 21.29 37.39
CA GLU C 16 -9.84 20.45 37.73
C GLU C 16 -8.84 20.46 36.57
N THR C 17 -7.73 19.74 36.72
CA THR C 17 -6.62 19.83 35.77
C THR C 17 -6.49 18.54 34.98
N LEU C 18 -6.37 18.69 33.66
CA LEU C 18 -6.08 17.57 32.76
C LEU C 18 -4.60 17.21 32.84
N SER C 19 -4.32 15.91 32.89
CA SER C 19 -2.95 15.40 32.94
C SER C 19 -2.83 14.24 31.96
N LEU C 20 -1.87 14.36 31.03
CA LEU C 20 -1.58 13.30 30.07
C LEU C 20 -0.09 12.98 30.11
N THR C 21 0.25 11.82 29.56
CA THR C 21 1.63 11.36 29.51
C THR C 21 1.89 10.67 28.18
N CYS C 22 3.08 10.90 27.64
CA CYS C 22 3.51 10.32 26.38
C CYS C 22 4.76 9.49 26.62
N THR C 23 4.74 8.24 26.19
CA THR C 23 5.85 7.31 26.34
C THR C 23 6.52 7.09 24.99
N VAL C 24 7.83 7.29 24.94
CA VAL C 24 8.57 7.19 23.68
C VAL C 24 9.13 5.78 23.54
N SER C 25 9.02 5.23 22.34
CA SER C 25 9.53 3.91 22.01
C SER C 25 10.52 4.03 20.84
N GLY C 26 11.42 3.06 20.75
CA GLY C 26 12.36 3.03 19.63
C GLY C 26 13.18 4.28 19.49
N GLY C 27 13.42 4.99 20.59
CA GLY C 27 14.17 6.23 20.56
C GLY C 27 14.24 6.78 21.97
N SER C 28 15.09 7.78 22.14
CA SER C 28 15.31 8.40 23.44
C SER C 28 14.70 9.79 23.48
N VAL C 29 13.94 10.06 24.54
CA VAL C 29 13.45 11.42 24.78
C VAL C 29 14.57 12.39 25.10
N SER C 30 15.77 11.88 25.40
CA SER C 30 16.92 12.72 25.67
C SER C 30 17.63 13.17 24.40
N SER C 31 17.28 12.60 23.25
CA SER C 31 17.93 12.99 22.00
C SER C 31 17.81 14.49 21.79
N GLY C 32 18.94 15.13 21.53
CA GLY C 32 18.99 16.56 21.33
C GLY C 32 18.51 17.06 19.99
N ILE C 33 17.94 16.17 19.18
CA ILE C 33 17.46 16.59 17.86
C ILE C 33 16.07 17.23 17.95
N TYR C 34 15.29 16.86 18.96
CA TYR C 34 13.85 16.99 18.89
C TYR C 34 13.27 17.90 19.97
N TYR C 35 12.17 18.56 19.61
CA TYR C 35 11.23 19.10 20.58
C TYR C 35 10.13 18.06 20.80
N TRP C 36 9.73 17.88 22.05
CA TRP C 36 8.61 17.00 22.40
C TRP C 36 7.39 17.87 22.62
N SER C 37 6.40 17.71 21.75
CA SER C 37 5.29 18.64 21.60
C SER C 37 3.98 18.03 22.08
N TRP C 38 3.00 18.91 22.30
CA TRP C 38 1.61 18.52 22.51
C TRP C 38 0.74 19.34 21.56
N ILE C 39 -0.16 18.67 20.86
CA ILE C 39 -1.06 19.30 19.89
C ILE C 39 -2.43 18.69 20.09
N ARG C 40 -3.47 19.53 20.12
CA ARG C 40 -4.82 19.08 20.35
C ARG C 40 -5.73 19.45 19.19
N GLN C 41 -6.88 18.79 19.14
CA GLN C 41 -7.83 18.96 18.04
C GLN C 41 -9.23 18.74 18.56
N PRO C 42 -9.98 19.82 18.85
CA PRO C 42 -11.34 19.64 19.32
C PRO C 42 -12.19 19.01 18.25
N PRO C 43 -13.22 18.24 18.62
CA PRO C 43 -13.96 17.45 17.64
C PRO C 43 -14.51 18.32 16.51
N GLY C 44 -14.26 17.89 15.28
CA GLY C 44 -14.78 18.57 14.11
C GLY C 44 -14.08 19.85 13.73
N LYS C 45 -13.04 20.24 14.45
CA LYS C 45 -12.32 21.49 14.20
C LYS C 45 -10.86 21.17 13.86
N GLY C 46 -10.06 22.24 13.74
CA GLY C 46 -8.68 22.10 13.31
C GLY C 46 -7.72 21.85 14.46
N LEU C 47 -6.44 21.83 14.10
CA LEU C 47 -5.37 21.49 15.04
C LEU C 47 -4.84 22.75 15.72
N GLU C 48 -4.61 22.65 17.03
CA GLU C 48 -4.05 23.76 17.80
C GLU C 48 -2.81 23.28 18.55
N TRP C 49 -1.72 24.02 18.41
CA TRP C 49 -0.47 23.73 19.10
C TRP C 49 -0.56 24.18 20.55
N ILE C 50 -0.11 23.33 21.46
CA ILE C 50 -0.10 23.64 22.90
C ILE C 50 1.28 24.13 23.35
N GLY C 51 2.31 23.36 23.08
CA GLY C 51 3.64 23.68 23.55
C GLY C 51 4.57 22.52 23.28
N TYR C 52 5.85 22.76 23.58
CA TYR C 52 6.85 21.70 23.50
C TYR C 52 7.82 21.83 24.66
N ILE C 53 8.59 20.76 24.87
CA ILE C 53 9.65 20.78 25.87
C ILE C 53 10.90 20.12 25.27
N TYR C 54 12.06 20.68 25.58
CA TYR C 54 13.35 20.13 25.21
C TYR C 54 13.87 19.26 26.35
N TYR C 55 14.74 18.31 26.01
CA TYR C 55 15.21 17.37 27.02
C TYR C 55 15.94 18.08 28.17
N SER C 56 16.49 19.27 27.91
CA SER C 56 17.13 20.05 28.97
C SER C 56 16.12 20.65 29.94
N GLY C 57 14.83 20.63 29.62
CA GLY C 57 13.80 21.14 30.49
C GLY C 57 13.16 22.42 30.03
N SER C 58 13.80 23.16 29.13
CA SER C 58 13.24 24.42 28.65
C SER C 58 11.98 24.15 27.84
N THR C 59 11.06 25.12 27.86
CA THR C 59 9.74 24.96 27.28
C THR C 59 9.37 26.17 26.44
N ASN C 60 8.29 26.03 25.69
CA ASN C 60 7.72 27.12 24.90
C ASN C 60 6.25 26.78 24.68
N TYR C 61 5.35 27.55 25.27
CA TYR C 61 3.93 27.26 25.26
C TYR C 61 3.17 28.25 24.37
N ASN C 62 1.96 27.85 24.01
CA ASN C 62 1.03 28.71 23.29
C ASN C 62 0.58 29.84 24.20
N PRO C 63 0.75 31.11 23.81
CA PRO C 63 0.45 32.20 24.76
C PRO C 63 -0.99 32.22 25.25
N SER C 64 -1.95 31.79 24.42
CA SER C 64 -3.34 31.74 24.86
C SER C 64 -3.57 30.72 25.96
N LEU C 65 -2.61 29.81 26.19
CA LEU C 65 -2.75 28.78 27.20
C LEU C 65 -1.65 28.77 28.24
N LYS C 66 -0.62 29.61 28.09
CA LYS C 66 0.56 29.47 28.93
C LYS C 66 0.26 29.72 30.40
N SER C 67 -0.82 30.43 30.72
CA SER C 67 -1.15 30.65 32.12
C SER C 67 -1.54 29.36 32.84
N ARG C 68 -1.94 28.33 32.10
CA ARG C 68 -2.43 27.09 32.69
C ARG C 68 -1.64 25.86 32.27
N VAL C 69 -0.75 25.96 31.29
CA VAL C 69 -0.03 24.81 30.76
C VAL C 69 1.30 24.65 31.49
N THR C 70 1.62 23.40 31.83
CA THR C 70 2.97 23.05 32.28
C THR C 70 3.33 21.71 31.66
N ILE C 71 4.30 21.71 30.75
CA ILE C 71 4.86 20.50 30.16
C ILE C 71 6.13 20.14 30.92
N SER C 72 6.30 18.86 31.22
CA SER C 72 7.46 18.37 31.94
C SER C 72 8.03 17.15 31.23
N VAL C 73 9.28 16.82 31.57
CA VAL C 73 9.99 15.72 30.95
C VAL C 73 10.65 14.90 32.04
N ASP C 74 10.60 13.57 31.91
CA ASP C 74 11.36 12.66 32.75
C ASP C 74 12.22 11.81 31.82
N THR C 75 13.55 11.99 31.93
CA THR C 75 14.45 11.37 30.98
C THR C 75 14.63 9.88 31.25
N SER C 76 14.53 9.46 32.50
CA SER C 76 14.76 8.07 32.86
C SER C 76 13.57 7.19 32.54
N LYS C 77 12.35 7.71 32.69
CA LYS C 77 11.16 6.97 32.29
C LYS C 77 10.91 7.04 30.79
N ASN C 78 11.69 7.85 30.06
CA ASN C 78 11.51 8.05 28.63
C ASN C 78 10.10 8.60 28.34
N GLN C 79 9.65 9.51 29.19
CA GLN C 79 8.33 10.09 29.09
C GLN C 79 8.41 11.61 29.14
N PHE C 80 7.38 12.25 28.60
CA PHE C 80 7.15 13.67 28.81
C PHE C 80 5.64 13.86 28.94
N SER C 81 5.25 14.92 29.66
CA SER C 81 3.88 15.03 30.14
C SER C 81 3.35 16.44 29.93
N LEU C 82 2.02 16.54 30.00
CA LEU C 82 1.30 17.80 29.86
C LEU C 82 0.31 17.92 31.00
N LYS C 83 0.31 19.06 31.68
CA LYS C 83 -0.70 19.39 32.66
C LYS C 83 -1.37 20.70 32.26
N LEU C 84 -2.70 20.66 32.18
CA LEU C 84 -3.51 21.81 31.78
C LEU C 84 -4.55 22.03 32.86
N SER C 85 -4.51 23.18 33.52
CA SER C 85 -5.29 23.41 34.72
C SER C 85 -6.54 24.25 34.44
N SER C 86 -7.49 24.17 35.38
CA SER C 86 -8.73 24.94 35.31
C SER C 86 -9.41 24.78 33.95
N VAL C 87 -9.63 23.53 33.57
CA VAL C 87 -10.17 23.24 32.25
C VAL C 87 -11.64 23.64 32.18
N THR C 88 -12.10 23.94 30.97
CA THR C 88 -13.51 24.18 30.68
C THR C 88 -13.92 23.26 29.54
N ALA C 89 -15.14 23.45 29.02
CA ALA C 89 -15.55 22.64 27.87
C ALA C 89 -14.77 23.02 26.62
N ALA C 90 -14.26 24.26 26.55
CA ALA C 90 -13.40 24.67 25.45
C ALA C 90 -12.17 23.80 25.32
N ASP C 91 -11.85 23.00 26.33
CA ASP C 91 -10.66 22.14 26.30
C ASP C 91 -10.97 20.72 25.83
N THR C 92 -12.24 20.38 25.62
CA THR C 92 -12.58 19.08 25.06
C THR C 92 -11.95 18.94 23.69
N ALA C 93 -11.22 17.85 23.47
CA ALA C 93 -10.47 17.66 22.24
C ALA C 93 -9.77 16.31 22.28
N VAL C 94 -9.23 15.92 21.13
CA VAL C 94 -8.25 14.85 21.04
C VAL C 94 -6.86 15.47 21.20
N TYR C 95 -6.06 14.91 22.10
CA TYR C 95 -4.75 15.46 22.43
C TYR C 95 -3.67 14.51 21.93
N TYR C 96 -2.82 15.03 21.04
CA TYR C 96 -1.69 14.28 20.51
C TYR C 96 -0.40 14.75 21.15
N CYS C 97 0.38 13.82 21.67
CA CYS C 97 1.81 14.06 21.84
C CYS C 97 2.50 13.75 20.52
N ALA C 98 3.53 14.54 20.19
CA ALA C 98 4.13 14.48 18.87
C ALA C 98 5.60 14.83 18.99
N ARG C 99 6.28 14.87 17.84
CA ARG C 99 7.71 15.10 17.78
C ARG C 99 8.01 16.20 16.78
N ASP C 100 8.75 17.21 17.21
CA ASP C 100 9.20 18.29 16.34
C ASP C 100 10.73 18.37 16.42
N TYR C 101 11.30 19.45 15.85
CA TYR C 101 12.75 19.53 15.66
C TYR C 101 13.34 20.76 16.35
N TYR C 102 14.45 20.52 17.05
CA TYR C 102 15.12 21.55 17.84
C TYR C 102 15.89 22.51 16.95
N VAL C 103 15.82 23.79 17.30
CA VAL C 103 16.55 24.85 16.60
C VAL C 103 17.52 25.47 17.60
N SER C 104 18.82 25.31 17.33
CA SER C 104 19.83 25.84 18.24
C SER C 104 19.73 27.35 18.36
N GLY C 105 20.00 27.85 19.57
CA GLY C 105 20.08 29.28 19.78
C GLY C 105 21.29 29.94 19.14
N ASN C 106 22.25 29.14 18.67
CA ASN C 106 23.47 29.67 18.07
C ASN C 106 23.27 30.15 16.64
N TYR C 107 22.17 29.78 15.98
CA TYR C 107 21.95 30.13 14.58
C TYR C 107 21.39 31.55 14.52
N TYR C 108 22.25 32.52 14.21
CA TYR C 108 21.79 33.89 14.04
C TYR C 108 20.99 34.07 12.75
N ASN C 109 21.19 33.19 11.76
CA ASN C 109 20.54 33.32 10.46
C ASN C 109 19.31 32.42 10.33
N VAL C 110 18.81 31.90 11.44
CA VAL C 110 17.66 31.00 11.44
C VAL C 110 16.60 31.61 12.35
N ASP C 111 15.58 32.21 11.76
CA ASP C 111 14.44 32.78 12.48
C ASP C 111 13.18 31.96 12.21
N TYR C 112 13.32 30.64 12.14
CA TYR C 112 12.22 29.77 11.73
C TYR C 112 12.40 28.42 12.40
N TYR C 113 11.44 27.52 12.15
CA TYR C 113 11.47 26.15 12.62
C TYR C 113 11.49 25.24 11.39
N PHE C 114 12.61 24.54 11.18
CA PHE C 114 12.74 23.73 9.98
C PHE C 114 12.07 22.38 10.17
N PHE C 115 11.94 21.65 9.07
CA PHE C 115 11.32 20.31 9.04
C PHE C 115 9.87 20.47 9.49
N GLY C 116 9.33 19.53 10.27
CA GLY C 116 7.94 19.58 10.68
C GLY C 116 7.67 18.53 11.72
N VAL C 117 6.39 18.45 12.11
CA VAL C 117 5.93 17.46 13.10
C VAL C 117 5.79 16.13 12.35
N ASP C 118 6.78 15.26 12.47
CA ASP C 118 6.85 14.07 11.63
C ASP C 118 6.37 12.79 12.30
N VAL C 119 6.31 12.76 13.63
CA VAL C 119 5.81 11.60 14.37
C VAL C 119 4.74 12.06 15.33
N TRP C 120 3.59 11.38 15.32
CA TRP C 120 2.48 11.66 16.21
C TRP C 120 2.10 10.39 16.95
N GLY C 121 1.48 10.56 18.11
CA GLY C 121 0.84 9.48 18.81
C GLY C 121 -0.52 9.18 18.22
N GLN C 122 -1.23 8.25 18.86
CA GLN C 122 -2.58 7.90 18.42
C GLN C 122 -3.61 8.95 18.82
N GLY C 123 -3.28 9.80 19.79
CA GLY C 123 -4.24 10.77 20.32
C GLY C 123 -5.25 10.14 21.25
N THR C 124 -5.51 10.79 22.39
CA THR C 124 -6.55 10.36 23.30
C THR C 124 -7.59 11.46 23.46
N THR C 125 -8.85 11.06 23.45
CA THR C 125 -9.96 12.00 23.61
C THR C 125 -10.19 12.26 25.09
N VAL C 126 -10.13 13.53 25.50
CA VAL C 126 -10.50 13.94 26.84
C VAL C 126 -11.67 14.91 26.72
N THR C 127 -12.74 14.65 27.48
CA THR C 127 -13.92 15.48 27.52
C THR C 127 -14.02 16.10 28.91
N VAL C 128 -14.21 17.41 28.97
CA VAL C 128 -14.39 18.10 30.24
C VAL C 128 -15.89 18.18 30.51
N SER C 129 -16.36 17.43 31.50
CA SER C 129 -17.78 17.38 31.81
C SER C 129 -17.97 17.04 33.28
N SER C 130 -19.11 17.46 33.82
CA SER C 130 -19.48 17.17 35.20
C SER C 130 -20.20 15.84 35.35
N ALA C 131 -20.62 15.23 34.24
CA ALA C 131 -21.35 13.98 34.30
C ALA C 131 -20.39 12.82 34.58
N SER C 132 -20.95 11.75 35.15
CA SER C 132 -20.16 10.55 35.41
C SER C 132 -20.04 9.72 34.13
N THR C 133 -18.99 8.90 34.10
CA THR C 133 -18.82 8.01 32.96
C THR C 133 -19.95 7.00 32.91
N LYS C 134 -20.39 6.67 31.70
CA LYS C 134 -21.43 5.67 31.48
C LYS C 134 -20.98 4.75 30.36
N GLY C 135 -20.82 3.47 30.66
CA GLY C 135 -20.45 2.50 29.66
C GLY C 135 -21.64 2.17 28.78
N PRO C 136 -21.37 1.73 27.55
CA PRO C 136 -22.45 1.48 26.60
C PRO C 136 -23.12 0.13 26.80
N SER C 137 -24.40 0.09 26.45
CA SER C 137 -25.10 -1.17 26.26
C SER C 137 -24.96 -1.57 24.80
N VAL C 138 -24.74 -2.86 24.56
CA VAL C 138 -24.46 -3.38 23.24
C VAL C 138 -25.53 -4.41 22.89
N PHE C 139 -26.25 -4.17 21.79
CA PHE C 139 -27.30 -5.07 21.34
C PHE C 139 -26.96 -5.63 19.97
N PRO C 140 -27.42 -6.83 19.65
CA PRO C 140 -27.16 -7.38 18.31
C PRO C 140 -28.07 -6.76 17.26
N LEU C 141 -27.52 -6.59 16.07
CA LEU C 141 -28.29 -6.31 14.85
C LEU C 141 -28.29 -7.62 14.07
N ALA C 142 -29.37 -8.38 14.18
CA ALA C 142 -29.31 -9.77 13.73
C ALA C 142 -29.56 -9.87 12.22
N PRO C 143 -28.75 -10.68 11.51
CA PRO C 143 -28.96 -10.87 10.08
C PRO C 143 -30.24 -11.66 9.82
N SER C 144 -30.95 -11.34 8.73
CA SER C 144 -32.18 -12.03 8.36
C SER C 144 -31.98 -13.54 8.31
N GLY C 151 -27.96 -13.18 -1.18
CA GLY C 151 -26.63 -13.02 -1.76
C GLY C 151 -25.56 -12.76 -0.72
N THR C 152 -25.63 -11.58 -0.09
CA THR C 152 -24.68 -11.11 0.95
C THR C 152 -25.48 -10.56 2.12
N ALA C 153 -25.06 -10.83 3.35
CA ALA C 153 -25.78 -10.45 4.57
C ALA C 153 -25.13 -9.30 5.31
N ALA C 154 -25.92 -8.50 6.02
CA ALA C 154 -25.43 -7.42 6.89
C ALA C 154 -25.74 -7.81 8.32
N LEU C 155 -24.78 -7.70 9.21
CA LEU C 155 -24.97 -7.94 10.65
C LEU C 155 -24.22 -6.81 11.37
N GLY C 156 -24.53 -6.53 12.63
CA GLY C 156 -23.83 -5.47 13.34
C GLY C 156 -24.20 -5.42 14.80
N CYS C 157 -23.75 -4.35 15.46
CA CYS C 157 -23.95 -4.13 16.88
C CYS C 157 -24.44 -2.70 17.10
N LEU C 158 -25.46 -2.55 17.95
CA LEU C 158 -25.94 -1.25 18.39
C LEU C 158 -25.27 -0.94 19.73
N VAL C 159 -24.53 0.17 19.77
CA VAL C 159 -23.81 0.60 20.96
C VAL C 159 -24.50 1.85 21.48
N LYS C 160 -25.25 1.70 22.57
CA LYS C 160 -26.23 2.70 22.98
C LYS C 160 -25.94 3.26 24.36
N ASP C 161 -26.17 4.57 24.51
CA ASP C 161 -26.22 5.25 25.80
C ASP C 161 -24.89 5.15 26.55
N TYR C 162 -23.92 5.88 26.03
CA TYR C 162 -22.61 6.00 26.67
C TYR C 162 -22.18 7.47 26.68
N PHE C 163 -21.26 7.77 27.60
CA PHE C 163 -20.68 9.10 27.72
C PHE C 163 -19.38 8.97 28.51
N PRO C 164 -18.31 9.68 28.13
CA PRO C 164 -18.19 10.51 26.93
C PRO C 164 -17.72 9.68 25.75
N GLU C 165 -17.28 10.33 24.69
CA GLU C 165 -16.62 9.63 23.60
C GLU C 165 -15.19 9.28 24.01
N PRO C 166 -14.55 8.34 23.29
CA PRO C 166 -15.03 7.61 22.13
C PRO C 166 -15.37 6.15 22.38
N VAL C 167 -16.02 5.54 21.40
CA VAL C 167 -16.23 4.10 21.34
C VAL C 167 -15.54 3.59 20.08
N THR C 168 -14.72 2.56 20.23
CA THR C 168 -14.12 1.85 19.10
C THR C 168 -14.73 0.48 19.00
N VAL C 169 -14.96 0.00 17.77
CA VAL C 169 -15.56 -1.30 17.54
C VAL C 169 -14.69 -2.05 16.54
N SER C 170 -14.25 -3.25 16.92
CA SER C 170 -13.58 -4.19 16.04
C SER C 170 -14.40 -5.47 15.97
N TRP C 171 -14.12 -6.28 14.95
CA TRP C 171 -14.89 -7.48 14.68
C TRP C 171 -14.00 -8.70 14.70
N ASN C 172 -14.44 -9.73 15.40
CA ASN C 172 -13.67 -10.96 15.61
C ASN C 172 -12.25 -10.64 16.07
N SER C 173 -12.18 -9.79 17.10
CA SER C 173 -10.92 -9.36 17.72
C SER C 173 -9.87 -9.04 16.66
N GLY C 174 -10.21 -8.06 15.82
CA GLY C 174 -9.27 -7.55 14.83
C GLY C 174 -9.18 -8.34 13.55
N ALA C 175 -9.68 -9.57 13.53
CA ALA C 175 -9.54 -10.40 12.33
C ALA C 175 -10.42 -9.90 11.20
N LEU C 176 -11.66 -9.52 11.50
CA LEU C 176 -12.60 -9.11 10.46
C LEU C 176 -12.38 -7.64 10.14
N THR C 177 -12.02 -7.37 8.88
CA THR C 177 -11.64 -6.04 8.42
C THR C 177 -12.50 -5.55 7.28
N SER C 178 -12.71 -6.38 6.26
CA SER C 178 -13.36 -5.95 5.04
C SER C 178 -14.85 -5.81 5.24
N GLY C 179 -15.41 -4.70 4.78
CA GLY C 179 -16.83 -4.45 4.89
C GLY C 179 -17.29 -3.94 6.24
N VAL C 180 -16.38 -3.76 7.19
CA VAL C 180 -16.76 -3.18 8.48
C VAL C 180 -17.08 -1.70 8.29
N HIS C 181 -18.21 -1.27 8.82
CA HIS C 181 -18.60 0.12 8.83
C HIS C 181 -19.03 0.50 10.25
N THR C 182 -18.28 1.38 10.88
CA THR C 182 -18.61 1.91 12.19
C THR C 182 -19.01 3.38 12.02
N PHE C 183 -20.26 3.69 12.34
CA PHE C 183 -20.79 5.00 12.03
C PHE C 183 -20.36 6.03 13.07
N PRO C 184 -20.28 7.30 12.68
CA PRO C 184 -20.08 8.36 13.67
C PRO C 184 -21.14 8.30 14.74
N ALA C 185 -20.72 8.58 15.97
CA ALA C 185 -21.67 8.66 17.07
C ALA C 185 -22.63 9.83 16.84
N VAL C 186 -23.88 9.64 17.23
CA VAL C 186 -24.86 10.71 17.26
C VAL C 186 -25.19 11.00 18.73
N LEU C 187 -25.50 12.26 19.01
CA LEU C 187 -25.90 12.69 20.34
C LEU C 187 -27.43 12.63 20.44
N GLN C 188 -27.94 11.88 21.41
CA GLN C 188 -29.36 11.70 21.59
C GLN C 188 -29.94 12.80 22.49
N SER C 189 -31.27 12.85 22.55
CA SER C 189 -31.94 13.81 23.42
C SER C 189 -31.48 13.67 24.86
N SER C 190 -31.08 12.46 25.26
CA SER C 190 -30.69 12.20 26.64
C SER C 190 -29.37 12.87 27.00
N GLY C 191 -28.58 13.31 26.03
CA GLY C 191 -27.23 13.77 26.27
C GLY C 191 -26.20 12.67 26.24
N LEU C 192 -26.62 11.43 26.07
CA LEU C 192 -25.72 10.30 25.90
C LEU C 192 -25.53 10.01 24.42
N TYR C 193 -24.40 9.41 24.09
CA TYR C 193 -24.10 9.10 22.70
C TYR C 193 -24.59 7.70 22.34
N SER C 194 -24.77 7.48 21.05
CA SER C 194 -25.17 6.19 20.53
C SER C 194 -24.52 6.01 19.17
N LEU C 195 -24.33 4.75 18.79
CA LEU C 195 -23.46 4.43 17.67
C LEU C 195 -23.75 3.00 17.22
N SER C 196 -23.61 2.77 15.93
CA SER C 196 -23.82 1.45 15.35
C SER C 196 -22.65 1.09 14.46
N SER C 197 -22.28 -0.19 14.48
CA SER C 197 -21.22 -0.73 13.63
C SER C 197 -21.75 -1.97 12.93
N VAL C 198 -21.53 -2.03 11.62
CA VAL C 198 -22.08 -3.07 10.77
C VAL C 198 -20.97 -3.70 9.94
N VAL C 199 -21.25 -4.86 9.37
CA VAL C 199 -20.30 -5.59 8.49
C VAL C 199 -21.10 -6.35 7.45
N THR C 200 -20.70 -6.26 6.20
CA THR C 200 -21.33 -7.03 5.09
C THR C 200 -20.56 -8.34 5.04
N VAL C 201 -21.25 -9.45 4.87
CA VAL C 201 -20.64 -10.79 4.98
C VAL C 201 -21.35 -11.70 3.98
N PRO C 202 -20.71 -12.73 3.39
CA PRO C 202 -21.42 -13.64 2.50
C PRO C 202 -22.59 -14.30 3.27
N SER C 203 -23.66 -14.70 2.61
CA SER C 203 -24.83 -15.32 3.28
C SER C 203 -24.45 -16.76 3.57
N SER C 204 -23.58 -17.35 2.74
CA SER C 204 -23.09 -18.72 2.92
C SER C 204 -22.43 -18.91 4.28
N SER C 205 -21.86 -17.85 4.86
CA SER C 205 -21.07 -18.00 6.08
C SER C 205 -21.93 -18.03 7.34
N LEU C 206 -23.03 -17.28 7.34
CA LEU C 206 -23.85 -17.07 8.56
C LEU C 206 -23.98 -18.35 9.40
N GLY C 207 -24.11 -19.54 8.81
CA GLY C 207 -24.28 -20.75 9.60
C GLY C 207 -23.00 -21.30 10.18
N THR C 208 -21.87 -21.10 9.49
CA THR C 208 -20.60 -21.65 9.92
C THR C 208 -19.81 -20.65 10.76
N GLN C 209 -19.49 -19.51 10.18
CA GLN C 209 -18.60 -18.54 10.81
C GLN C 209 -19.38 -17.64 11.77
N THR C 210 -18.84 -17.46 12.98
CA THR C 210 -19.45 -16.61 13.98
C THR C 210 -18.84 -15.22 13.95
N TYR C 211 -19.65 -14.22 14.33
CA TYR C 211 -19.25 -12.82 14.29
C TYR C 211 -19.48 -12.20 15.66
N ILE C 212 -18.44 -11.57 16.21
CA ILE C 212 -18.51 -10.94 17.52
C ILE C 212 -17.95 -9.52 17.39
N CYS C 213 -18.73 -8.53 17.81
CA CYS C 213 -18.25 -7.16 17.86
C CYS C 213 -17.57 -6.91 19.20
N ASN C 214 -16.36 -6.36 19.15
CA ASN C 214 -15.61 -6.00 20.35
C ASN C 214 -15.74 -4.50 20.54
N VAL C 215 -16.61 -4.10 21.47
CA VAL C 215 -16.85 -2.70 21.77
C VAL C 215 -15.94 -2.29 22.92
N ASN C 216 -15.17 -1.22 22.71
CA ASN C 216 -14.27 -0.69 23.73
C ASN C 216 -14.66 0.75 24.04
N HIS C 217 -14.94 1.02 25.31
CA HIS C 217 -15.22 2.36 25.82
C HIS C 217 -14.20 2.63 26.92
N LYS C 218 -13.09 3.29 26.58
CA LYS C 218 -11.99 3.47 27.51
C LYS C 218 -12.34 4.43 28.63
N PRO C 219 -13.02 5.57 28.35
CA PRO C 219 -13.31 6.51 29.44
C PRO C 219 -13.98 5.89 30.65
N SER C 220 -14.64 4.74 30.48
CA SER C 220 -15.28 4.05 31.59
C SER C 220 -14.67 2.67 31.84
N ASN C 221 -13.57 2.33 31.17
CA ASN C 221 -12.87 1.06 31.39
C ASN C 221 -13.81 -0.14 31.20
N THR C 222 -14.71 -0.04 30.23
CA THR C 222 -15.63 -1.12 29.92
C THR C 222 -15.36 -1.63 28.51
N LYS C 223 -15.49 -2.95 28.36
CA LYS C 223 -15.38 -3.63 27.07
C LYS C 223 -16.49 -4.66 27.01
N VAL C 224 -17.16 -4.74 25.86
CA VAL C 224 -18.29 -5.65 25.69
C VAL C 224 -18.08 -6.43 24.39
N ASP C 225 -18.15 -7.75 24.48
CA ASP C 225 -18.12 -8.64 23.33
C ASP C 225 -19.52 -9.22 23.14
N LYS C 226 -20.14 -8.91 22.01
CA LYS C 226 -21.48 -9.39 21.70
C LYS C 226 -21.41 -10.29 20.48
N ARG C 227 -21.74 -11.56 20.66
CA ARG C 227 -21.88 -12.46 19.52
C ARG C 227 -23.17 -12.12 18.78
N VAL C 228 -23.09 -12.06 17.45
CA VAL C 228 -24.24 -11.81 16.60
C VAL C 228 -24.55 -13.10 15.85
N GLU C 229 -25.80 -13.53 15.92
CA GLU C 229 -26.26 -14.75 15.29
C GLU C 229 -27.64 -14.51 14.70
N PRO C 230 -28.03 -15.28 13.66
CA PRO C 230 -29.37 -15.14 13.06
C PRO C 230 -30.48 -15.11 14.10
N GLU D 1 -0.53 39.58 14.48
CA GLU D 1 -0.62 38.10 14.40
C GLU D 1 -0.56 37.60 12.95
N ILE D 2 0.00 36.40 12.79
CA ILE D 2 -0.06 35.69 11.52
C ILE D 2 -1.39 34.94 11.44
N VAL D 3 -2.10 35.14 10.34
CA VAL D 3 -3.43 34.51 10.12
C VAL D 3 -3.34 33.65 8.87
N LEU D 4 -3.62 32.36 9.01
CA LEU D 4 -3.54 31.40 7.89
C LEU D 4 -4.96 31.10 7.40
N THR D 5 -5.15 31.05 6.10
CA THR D 5 -6.46 30.78 5.47
C THR D 5 -6.22 29.72 4.40
N GLN D 6 -7.19 28.84 4.20
CA GLN D 6 -7.08 27.75 3.20
C GLN D 6 -8.33 27.72 2.33
N SER D 7 -8.13 27.65 1.02
CA SER D 7 -9.22 27.59 0.06
C SER D 7 -8.81 26.67 -1.07
N PRO D 8 -9.77 25.93 -1.66
CA PRO D 8 -11.18 25.82 -1.25
C PRO D 8 -11.34 25.07 0.06
N ALA D 9 -12.43 25.36 0.78
CA ALA D 9 -12.74 24.55 1.96
C ALA D 9 -13.07 23.12 1.57
N THR D 10 -13.56 22.91 0.35
CA THR D 10 -13.90 21.58 -0.14
C THR D 10 -13.58 21.49 -1.63
N LEU D 11 -12.87 20.43 -2.00
CA LEU D 11 -12.72 20.01 -3.38
C LEU D 11 -13.46 18.69 -3.58
N SER D 12 -13.90 18.46 -4.81
CA SER D 12 -14.53 17.19 -5.19
C SER D 12 -14.00 16.83 -6.58
N LEU D 13 -13.10 15.85 -6.63
CA LEU D 13 -12.42 15.50 -7.87
C LEU D 13 -12.44 14.00 -8.08
N SER D 14 -12.34 13.59 -9.35
CA SER D 14 -12.31 12.18 -9.70
C SER D 14 -10.89 11.64 -9.58
N PRO D 15 -10.74 10.34 -9.30
CA PRO D 15 -9.40 9.75 -9.31
C PRO D 15 -8.69 10.03 -10.63
N GLY D 16 -7.40 10.33 -10.54
CA GLY D 16 -6.61 10.67 -11.71
C GLY D 16 -6.53 12.15 -12.02
N GLU D 17 -7.35 12.97 -11.38
CA GLU D 17 -7.39 14.41 -11.67
C GLU D 17 -6.41 15.17 -10.78
N ARG D 18 -6.15 16.41 -11.17
CA ARG D 18 -5.21 17.27 -10.47
C ARG D 18 -5.95 18.10 -9.42
N ALA D 19 -5.53 17.98 -8.17
CA ALA D 19 -6.04 18.78 -7.07
C ALA D 19 -4.99 19.80 -6.68
N THR D 20 -5.36 21.08 -6.64
CA THR D 20 -4.50 22.14 -6.15
C THR D 20 -5.19 22.79 -4.95
N LEU D 21 -4.50 22.80 -3.81
CA LEU D 21 -4.99 23.40 -2.58
C LEU D 21 -4.17 24.65 -2.28
N SER D 22 -4.80 25.67 -1.72
CA SER D 22 -4.13 26.96 -1.44
C SER D 22 -4.10 27.29 0.04
N CYS D 23 -2.95 27.74 0.53
CA CYS D 23 -2.77 28.25 1.91
C CYS D 23 -2.26 29.68 1.75
N ARG D 24 -2.71 30.60 2.58
CA ARG D 24 -2.36 32.03 2.47
C ARG D 24 -2.06 32.61 3.85
N ALA D 25 -1.07 33.49 3.96
CA ALA D 25 -0.66 34.13 5.22
C ALA D 25 -0.96 35.62 5.22
N SER D 26 -1.48 36.14 6.32
CA SER D 26 -1.79 37.58 6.50
C SER D 26 -0.55 38.39 6.16
N GLN D 27 0.61 37.96 6.60
CA GLN D 27 1.89 38.57 6.22
C GLN D 27 2.87 37.46 5.88
N SER D 28 4.03 37.85 5.35
CA SER D 28 4.93 36.88 4.74
C SER D 28 5.53 35.95 5.78
N VAL D 29 5.69 34.66 5.40
CA VAL D 29 6.36 33.68 6.22
C VAL D 29 7.40 32.92 5.39
N SER D 30 7.81 33.53 4.27
CA SER D 30 8.90 33.02 3.39
C SER D 30 8.65 31.53 3.13
N SER D 31 9.62 30.66 3.38
CA SER D 31 9.54 29.22 3.13
C SER D 31 9.08 28.44 4.34
N TYR D 32 8.65 29.13 5.41
CA TYR D 32 8.50 28.50 6.72
C TYR D 32 7.08 27.98 6.87
N LEU D 33 6.77 26.99 6.05
CA LEU D 33 5.43 26.42 5.97
C LEU D 33 5.53 24.93 5.70
N ALA D 34 4.75 24.14 6.42
CA ALA D 34 4.66 22.70 6.23
C ALA D 34 3.23 22.33 5.85
N TRP D 35 3.09 21.17 5.21
CA TRP D 35 1.80 20.65 4.81
C TRP D 35 1.56 19.30 5.46
N TYR D 36 0.34 19.10 5.97
CA TYR D 36 -0.03 17.89 6.67
C TYR D 36 -1.28 17.28 6.06
N GLN D 37 -1.35 15.95 6.09
CA GLN D 37 -2.52 15.19 5.68
C GLN D 37 -3.07 14.46 6.89
N GLN D 38 -4.40 14.49 7.04
CA GLN D 38 -5.07 13.74 8.10
C GLN D 38 -6.26 13.01 7.52
N LYS D 39 -6.21 11.69 7.55
CA LYS D 39 -7.33 10.86 7.11
C LYS D 39 -8.22 10.53 8.30
N PRO D 40 -9.47 10.15 8.04
CA PRO D 40 -10.43 9.98 9.14
C PRO D 40 -9.92 9.04 10.23
N GLY D 41 -10.03 9.49 11.47
CA GLY D 41 -9.70 8.68 12.63
C GLY D 41 -8.23 8.54 12.94
N GLN D 42 -7.36 9.22 12.20
CA GLN D 42 -5.92 9.07 12.35
C GLN D 42 -5.29 10.41 12.71
N ALA D 43 -4.02 10.37 13.07
CA ALA D 43 -3.24 11.56 13.35
C ALA D 43 -2.64 12.11 12.06
N PRO D 44 -2.35 13.41 12.01
CA PRO D 44 -1.77 13.98 10.79
C PRO D 44 -0.47 13.30 10.40
N ARG D 45 -0.13 13.43 9.11
CA ARG D 45 1.15 12.99 8.59
C ARG D 45 1.81 14.15 7.85
N LEU D 46 3.10 14.35 8.11
CA LEU D 46 3.85 15.41 7.46
C LEU D 46 4.14 15.03 6.02
N LEU D 47 3.66 15.85 5.07
CA LEU D 47 3.93 15.65 3.65
C LEU D 47 5.08 16.52 3.17
N ILE D 48 4.95 17.83 3.32
CA ILE D 48 5.87 18.82 2.77
C ILE D 48 6.41 19.65 3.94
N TYR D 49 7.70 19.93 3.92
CA TYR D 49 8.31 20.79 4.92
C TYR D 49 9.12 21.88 4.22
N ASP D 50 9.20 23.04 4.86
CA ASP D 50 9.87 24.21 4.30
C ASP D 50 9.41 24.46 2.87
N ALA D 51 8.08 24.59 2.73
CA ALA D 51 7.44 25.03 1.50
C ALA D 51 7.44 23.98 0.38
N SER D 52 8.62 23.50 -0.02
CA SER D 52 8.74 22.74 -1.26
C SER D 52 9.39 21.36 -1.14
N ASN D 53 9.77 20.94 0.06
CA ASN D 53 10.51 19.68 0.23
C ASN D 53 9.55 18.59 0.69
N ARG D 54 9.34 17.59 -0.16
CA ARG D 54 8.53 16.44 0.21
C ARG D 54 9.31 15.55 1.17
N ALA D 55 8.62 15.06 2.20
CA ALA D 55 9.24 14.15 3.15
C ALA D 55 9.56 12.82 2.48
N THR D 56 10.64 12.19 2.94
CA THR D 56 11.03 10.90 2.37
C THR D 56 9.91 9.88 2.57
N GLY D 57 9.74 9.01 1.58
CA GLY D 57 8.69 8.03 1.59
C GLY D 57 7.32 8.53 1.19
N ILE D 58 7.12 9.83 1.15
CA ILE D 58 5.80 10.36 0.76
C ILE D 58 5.59 10.14 -0.73
N PRO D 59 4.42 9.65 -1.16
CA PRO D 59 4.18 9.47 -2.59
C PRO D 59 4.52 10.72 -3.38
N ALA D 60 5.06 10.53 -4.58
CA ALA D 60 5.60 11.63 -5.37
C ALA D 60 4.54 12.52 -6.01
N ARG D 61 3.27 12.12 -5.96
CA ARG D 61 2.22 12.99 -6.49
C ARG D 61 1.93 14.18 -5.59
N PHE D 62 2.44 14.19 -4.36
CA PHE D 62 2.32 15.34 -3.47
C PHE D 62 3.52 16.25 -3.67
N SER D 63 3.26 17.54 -3.83
CA SER D 63 4.31 18.51 -4.06
C SER D 63 3.83 19.88 -3.60
N GLY D 64 4.74 20.63 -2.98
CA GLY D 64 4.42 21.95 -2.44
C GLY D 64 5.20 23.03 -3.17
N SER D 65 4.59 24.23 -3.23
CA SER D 65 5.17 25.33 -3.98
C SER D 65 4.70 26.65 -3.37
N GLY D 66 5.43 27.72 -3.69
CA GLY D 66 5.06 29.06 -3.31
C GLY D 66 6.03 29.67 -2.32
N SER D 67 5.72 30.89 -1.90
CA SER D 67 6.51 31.59 -0.90
C SER D 67 5.73 32.81 -0.41
N GLY D 68 6.22 33.39 0.68
CA GLY D 68 5.65 34.62 1.21
C GLY D 68 4.27 34.47 1.81
N THR D 69 3.25 34.83 1.06
CA THR D 69 1.85 34.84 1.55
C THR D 69 0.98 33.87 0.77
N ASP D 70 1.49 33.26 -0.29
CA ASP D 70 0.69 32.36 -1.15
C ASP D 70 1.41 31.03 -1.31
N PHE D 71 0.77 29.96 -0.88
CA PHE D 71 1.36 28.61 -0.90
C PHE D 71 0.37 27.63 -1.52
N THR D 72 0.87 26.56 -2.12
CA THR D 72 0.04 25.62 -2.85
C THR D 72 0.54 24.20 -2.67
N LEU D 73 -0.35 23.31 -2.26
CA LEU D 73 -0.11 21.87 -2.28
C LEU D 73 -0.84 21.27 -3.47
N THR D 74 -0.15 20.49 -4.27
CA THR D 74 -0.70 19.89 -5.48
C THR D 74 -0.65 18.37 -5.38
N ILE D 75 -1.79 17.73 -5.55
CA ILE D 75 -1.86 16.28 -5.75
C ILE D 75 -2.01 16.09 -7.26
N SER D 76 -0.90 15.77 -7.91
CA SER D 76 -0.85 15.84 -9.37
C SER D 76 -1.83 14.87 -10.03
N SER D 77 -2.04 13.70 -9.42
CA SER D 77 -2.95 12.69 -9.97
C SER D 77 -3.65 12.01 -8.80
N LEU D 78 -4.91 12.41 -8.55
CA LEU D 78 -5.61 11.97 -7.36
C LEU D 78 -5.80 10.46 -7.35
N GLU D 79 -5.50 9.84 -6.21
CA GLU D 79 -5.85 8.47 -5.90
C GLU D 79 -7.01 8.46 -4.89
N PRO D 80 -7.82 7.41 -4.87
CA PRO D 80 -8.97 7.43 -3.94
C PRO D 80 -8.55 7.42 -2.48
N GLU D 81 -7.44 6.78 -2.14
CA GLU D 81 -6.96 6.77 -0.76
C GLU D 81 -6.50 8.15 -0.30
N ASP D 82 -6.53 9.15 -1.18
CA ASP D 82 -6.16 10.51 -0.82
C ASP D 82 -7.32 11.28 -0.21
N PHE D 83 -8.47 10.66 -0.01
CA PHE D 83 -9.55 11.30 0.72
C PHE D 83 -9.06 11.66 2.12
N ALA D 84 -9.03 12.96 2.42
CA ALA D 84 -8.41 13.43 3.66
C ALA D 84 -8.63 14.92 3.78
N VAL D 85 -8.26 15.46 4.93
CA VAL D 85 -8.16 16.90 5.17
C VAL D 85 -6.69 17.27 5.17
N TYR D 86 -6.36 18.37 4.51
CA TYR D 86 -4.98 18.80 4.34
C TYR D 86 -4.80 20.16 5.00
N TYR D 87 -3.84 20.25 5.92
CA TYR D 87 -3.57 21.45 6.69
C TYR D 87 -2.20 22.01 6.34
N CYS D 88 -2.10 23.33 6.26
CA CYS D 88 -0.80 24.00 6.27
C CYS D 88 -0.50 24.49 7.69
N GLN D 89 0.80 24.61 7.98
CA GLN D 89 1.27 25.11 9.26
C GLN D 89 2.40 26.10 9.01
N GLN D 90 2.31 27.26 9.65
CA GLN D 90 3.37 28.26 9.54
C GLN D 90 4.47 27.95 10.55
N ARG D 91 5.72 28.09 10.10
CA ARG D 91 6.87 27.64 10.88
C ARG D 91 7.89 28.76 11.13
N SER D 92 7.44 30.01 11.14
CA SER D 92 8.34 31.12 11.40
C SER D 92 8.33 31.43 12.90
N ASN D 93 8.98 32.54 13.28
CA ASN D 93 9.03 32.98 14.66
C ASN D 93 8.00 34.05 14.97
N TRP D 94 7.03 34.26 14.07
CA TRP D 94 5.98 35.30 14.21
C TRP D 94 4.98 34.94 15.33
N PRO D 95 4.51 35.92 16.14
CA PRO D 95 3.72 35.66 17.35
C PRO D 95 2.75 34.48 17.48
N PRO D 96 1.74 34.20 16.62
CA PRO D 96 0.83 33.06 16.88
C PRO D 96 1.63 31.77 17.05
N LEU D 97 2.66 31.49 16.24
CA LEU D 97 3.60 30.33 16.37
C LEU D 97 2.94 28.98 16.14
N PHE D 98 3.45 28.21 15.19
CA PHE D 98 2.94 26.86 14.84
C PHE D 98 1.42 26.94 14.56
N THR D 99 0.91 28.04 13.99
CA THR D 99 -0.50 28.10 13.66
C THR D 99 -0.80 27.18 12.47
N PHE D 100 -1.84 26.37 12.61
CA PHE D 100 -2.37 25.59 11.51
C PHE D 100 -3.49 26.35 10.81
N GLY D 101 -3.66 26.07 9.52
CA GLY D 101 -4.77 26.61 8.79
C GLY D 101 -6.06 25.91 9.18
N PRO D 102 -7.17 26.32 8.55
CA PRO D 102 -8.45 25.64 8.81
C PRO D 102 -8.59 24.32 8.09
N GLY D 103 -7.83 24.08 7.03
CA GLY D 103 -7.85 22.82 6.32
C GLY D 103 -8.68 22.88 5.04
N THR D 104 -8.34 21.98 4.12
CA THR D 104 -9.13 21.73 2.93
C THR D 104 -9.46 20.25 2.86
N LYS D 105 -10.74 19.94 2.73
CA LYS D 105 -11.21 18.55 2.63
C LYS D 105 -11.38 18.18 1.17
N VAL D 106 -10.75 17.09 0.75
CA VAL D 106 -10.79 16.63 -0.63
C VAL D 106 -11.70 15.41 -0.69
N ASP D 107 -12.87 15.57 -1.30
CA ASP D 107 -13.79 14.49 -1.55
C ASP D 107 -13.45 13.82 -2.88
N ILE D 108 -13.83 12.55 -3.01
CA ILE D 108 -13.55 11.76 -4.21
C ILE D 108 -14.86 11.58 -4.98
N LYS D 109 -14.84 11.96 -6.26
CA LYS D 109 -15.98 11.82 -7.15
C LYS D 109 -15.92 10.47 -7.85
N ARG D 110 -17.01 9.71 -7.75
CA ARG D 110 -17.09 8.37 -8.34
C ARG D 110 -18.39 8.25 -9.12
N THR D 111 -18.61 7.08 -9.70
CA THR D 111 -19.85 6.79 -10.41
C THR D 111 -20.98 6.50 -9.44
N VAL D 112 -22.22 6.64 -9.94
CA VAL D 112 -23.38 6.40 -9.10
C VAL D 112 -23.42 4.95 -8.66
N ALA D 113 -23.71 4.72 -7.38
CA ALA D 113 -23.85 3.37 -6.83
C ALA D 113 -25.10 3.35 -5.95
N ALA D 114 -26.01 2.44 -6.26
CA ALA D 114 -27.25 2.35 -5.51
C ALA D 114 -26.99 1.69 -4.16
N PRO D 115 -27.72 2.09 -3.11
CA PRO D 115 -27.48 1.51 -1.79
C PRO D 115 -28.12 0.14 -1.66
N SER D 116 -27.40 -0.76 -0.98
CA SER D 116 -27.97 -2.03 -0.55
C SER D 116 -28.63 -1.82 0.80
N VAL D 117 -29.93 -2.12 0.88
CA VAL D 117 -30.75 -1.76 2.03
C VAL D 117 -30.97 -2.99 2.91
N PHE D 118 -30.83 -2.79 4.21
CA PHE D 118 -31.05 -3.84 5.21
C PHE D 118 -31.93 -3.22 6.28
N ILE D 119 -32.82 -3.95 6.90
CA ILE D 119 -33.60 -3.53 8.06
C ILE D 119 -33.36 -4.53 9.18
N PHE D 120 -33.10 -4.01 10.39
CA PHE D 120 -32.86 -4.84 11.57
C PHE D 120 -33.95 -4.56 12.60
N PRO D 121 -34.64 -5.58 13.10
CA PRO D 121 -35.61 -5.37 14.17
C PRO D 121 -34.93 -5.27 15.51
N PRO D 122 -35.59 -4.70 16.52
CA PRO D 122 -34.94 -4.56 17.82
C PRO D 122 -34.57 -5.91 18.41
N SER D 123 -33.43 -5.95 19.09
CA SER D 123 -33.02 -7.14 19.80
C SER D 123 -33.99 -7.43 20.93
N ASP D 124 -34.20 -8.72 21.20
CA ASP D 124 -35.05 -9.10 22.32
C ASP D 124 -34.38 -8.81 23.66
N GLU D 125 -33.07 -8.64 23.69
CA GLU D 125 -32.41 -8.15 24.89
C GLU D 125 -32.78 -6.69 25.16
N GLN D 126 -32.89 -5.88 24.11
CA GLN D 126 -33.24 -4.48 24.25
C GLN D 126 -34.74 -4.25 24.44
N LEU D 127 -35.57 -5.28 24.29
CA LEU D 127 -36.99 -5.06 24.53
C LEU D 127 -37.33 -5.12 26.01
N LYS D 128 -36.52 -5.83 26.80
CA LYS D 128 -36.63 -5.73 28.25
C LYS D 128 -36.19 -4.37 28.75
N SER D 129 -35.39 -3.65 27.96
CA SER D 129 -34.99 -2.29 28.35
C SER D 129 -36.19 -1.38 28.54
N GLY D 130 -37.21 -1.55 27.72
CA GLY D 130 -38.32 -0.61 27.66
C GLY D 130 -38.29 0.32 26.47
N THR D 131 -37.24 0.25 25.66
CA THR D 131 -37.15 0.97 24.39
C THR D 131 -36.90 -0.03 23.28
N ALA D 132 -37.34 0.32 22.08
CA ALA D 132 -37.10 -0.48 20.88
C ALA D 132 -36.47 0.41 19.83
N SER D 133 -35.26 0.06 19.41
CA SER D 133 -34.56 0.77 18.35
C SER D 133 -34.59 -0.09 17.09
N VAL D 134 -35.11 0.47 16.01
CA VAL D 134 -35.14 -0.17 14.70
C VAL D 134 -34.11 0.53 13.83
N VAL D 135 -33.22 -0.26 13.20
CA VAL D 135 -32.11 0.28 12.42
C VAL D 135 -32.33 -0.05 10.95
N CYS D 136 -32.17 0.96 10.09
CA CYS D 136 -32.16 0.78 8.65
C CYS D 136 -30.76 1.11 8.13
N LEU D 137 -30.21 0.23 7.31
CA LEU D 137 -28.85 0.34 6.82
C LEU D 137 -28.87 0.55 5.31
N LEU D 138 -28.27 1.65 4.87
CA LEU D 138 -27.98 1.90 3.46
C LEU D 138 -26.48 1.75 3.28
N ASN D 139 -26.06 0.76 2.49
CA ASN D 139 -24.67 0.34 2.46
C ASN D 139 -24.05 0.58 1.10
N ASN D 140 -22.90 1.26 1.09
CA ASN D 140 -22.05 1.41 -0.10
C ASN D 140 -22.83 2.04 -1.26
N PHE D 141 -23.10 3.33 -1.10
CA PHE D 141 -23.79 4.11 -2.12
C PHE D 141 -23.05 5.41 -2.38
N TYR D 142 -23.36 6.00 -3.54
CA TYR D 142 -22.85 7.31 -3.93
C TYR D 142 -23.81 7.88 -4.96
N PRO D 143 -24.16 9.18 -4.90
CA PRO D 143 -23.64 10.21 -3.98
C PRO D 143 -24.25 10.10 -2.59
N ARG D 144 -23.97 11.09 -1.73
CA ARG D 144 -24.45 11.00 -0.35
C ARG D 144 -25.95 11.23 -0.26
N GLU D 145 -26.53 12.06 -1.13
CA GLU D 145 -27.92 12.44 -0.99
C GLU D 145 -28.81 11.20 -1.00
N ALA D 146 -29.54 11.00 0.09
CA ALA D 146 -30.48 9.90 0.22
C ALA D 146 -31.50 10.29 1.26
N LYS D 147 -32.73 9.83 1.07
CA LYS D 147 -33.81 10.08 2.03
C LYS D 147 -34.37 8.74 2.50
N VAL D 148 -34.56 8.63 3.81
CA VAL D 148 -35.04 7.40 4.44
C VAL D 148 -36.36 7.71 5.12
N GLN D 149 -37.37 6.90 4.84
CA GLN D 149 -38.72 7.09 5.37
C GLN D 149 -39.12 5.86 6.16
N TRP D 150 -39.57 6.07 7.40
CA TRP D 150 -40.06 5.00 8.25
C TRP D 150 -41.59 4.99 8.20
N LYS D 151 -42.17 3.82 7.92
CA LYS D 151 -43.61 3.63 7.91
C LYS D 151 -43.97 2.54 8.90
N VAL D 152 -44.72 2.90 9.94
CA VAL D 152 -45.20 1.96 10.94
C VAL D 152 -46.70 1.78 10.70
N ASP D 153 -47.06 0.63 10.14
CA ASP D 153 -48.43 0.40 9.68
C ASP D 153 -48.86 1.49 8.71
N ASN D 154 -47.95 1.79 7.78
CA ASN D 154 -48.15 2.84 6.77
C ASN D 154 -48.56 4.16 7.42
N ALA D 155 -47.90 4.50 8.51
CA ALA D 155 -48.08 5.79 9.22
C ALA D 155 -46.69 6.44 9.28
N LEU D 156 -46.40 7.32 8.33
CA LEU D 156 -45.10 8.02 8.25
C LEU D 156 -44.67 8.45 9.65
N GLN D 157 -43.66 7.80 10.22
CA GLN D 157 -43.13 8.17 11.54
C GLN D 157 -42.43 9.51 11.37
N SER D 158 -42.39 10.36 12.40
CA SER D 158 -41.86 11.71 12.29
C SER D 158 -41.33 12.17 13.64
N GLY D 159 -40.10 12.68 13.64
CA GLY D 159 -39.51 13.23 14.84
C GLY D 159 -38.93 12.22 15.80
N ASN D 160 -38.73 10.97 15.37
CA ASN D 160 -38.21 9.94 16.26
C ASN D 160 -37.16 9.08 15.56
N SER D 161 -36.45 9.64 14.58
CA SER D 161 -35.37 8.94 13.92
C SER D 161 -34.15 9.85 13.81
N GLN D 162 -32.97 9.22 13.78
CA GLN D 162 -31.70 9.92 13.65
C GLN D 162 -30.88 9.23 12.57
N GLU D 163 -30.20 10.03 11.75
CA GLU D 163 -29.36 9.51 10.68
C GLU D 163 -27.90 9.77 10.98
N SER D 164 -27.07 8.75 10.77
CA SER D 164 -25.62 8.86 10.85
C SER D 164 -25.05 8.38 9.52
N VAL D 165 -24.21 9.19 8.89
CA VAL D 165 -23.59 8.85 7.63
C VAL D 165 -22.10 8.69 7.86
N THR D 166 -21.54 7.58 7.38
CA THR D 166 -20.12 7.35 7.46
C THR D 166 -19.38 8.37 6.61
N GLU D 167 -18.06 8.30 6.61
CA GLU D 167 -17.27 9.12 5.69
C GLU D 167 -16.72 8.26 4.57
N GLN D 168 -16.43 8.93 3.46
CA GLN D 168 -16.17 8.25 2.20
C GLN D 168 -15.08 7.20 2.33
N ASP D 169 -15.37 6.00 1.85
CA ASP D 169 -14.43 4.90 1.96
C ASP D 169 -13.14 5.19 1.21
N SER D 170 -12.04 4.63 1.70
CA SER D 170 -10.74 4.94 1.13
C SER D 170 -10.46 4.16 -0.15
N LYS D 171 -11.10 2.99 -0.32
CA LYS D 171 -10.87 2.15 -1.50
C LYS D 171 -11.92 2.35 -2.58
N ASP D 172 -13.21 2.24 -2.24
CA ASP D 172 -14.28 2.34 -3.22
C ASP D 172 -15.06 3.65 -3.15
N SER D 173 -14.68 4.57 -2.27
CA SER D 173 -15.17 5.94 -2.30
C SER D 173 -16.66 6.09 -2.01
N THR D 174 -17.29 5.08 -1.40
CA THR D 174 -18.72 5.15 -1.14
C THR D 174 -19.00 5.62 0.28
N TYR D 175 -20.27 5.94 0.52
CA TYR D 175 -20.79 6.23 1.86
C TYR D 175 -21.69 5.08 2.31
N SER D 176 -22.02 5.08 3.59
CA SER D 176 -23.04 4.21 4.15
C SER D 176 -23.75 5.00 5.24
N LEU D 177 -25.05 4.76 5.39
CA LEU D 177 -25.88 5.56 6.27
C LEU D 177 -26.79 4.67 7.09
N SER D 178 -26.77 4.85 8.40
CA SER D 178 -27.72 4.22 9.30
C SER D 178 -28.78 5.23 9.70
N SER D 179 -30.03 4.78 9.79
CA SER D 179 -31.12 5.56 10.36
C SER D 179 -31.76 4.71 11.45
N THR D 180 -31.80 5.24 12.67
CA THR D 180 -32.29 4.51 13.83
C THR D 180 -33.62 5.11 14.27
N LEU D 181 -34.63 4.24 14.43
CA LEU D 181 -35.97 4.62 14.85
C LEU D 181 -36.17 4.14 16.28
N THR D 182 -36.26 5.09 17.22
CA THR D 182 -36.33 4.78 18.63
C THR D 182 -37.75 4.99 19.14
N LEU D 183 -38.33 3.93 19.70
CA LEU D 183 -39.68 3.95 20.23
C LEU D 183 -39.67 3.37 21.64
N SER D 184 -40.76 3.59 22.35
CA SER D 184 -41.02 2.87 23.60
C SER D 184 -41.52 1.47 23.29
N LYS D 185 -41.19 0.52 24.17
CA LYS D 185 -41.71 -0.83 24.01
C LYS D 185 -43.24 -0.83 23.96
N ALA D 186 -43.88 0.11 24.66
CA ALA D 186 -45.33 0.25 24.58
C ALA D 186 -45.78 0.45 23.14
N ASP D 187 -45.29 1.52 22.51
CA ASP D 187 -45.70 1.83 21.14
C ASP D 187 -45.25 0.76 20.16
N TYR D 188 -44.14 0.09 20.44
CA TYR D 188 -43.62 -0.90 19.50
C TYR D 188 -44.48 -2.16 19.48
N GLU D 189 -44.98 -2.59 20.64
CA GLU D 189 -45.81 -3.79 20.72
C GLU D 189 -47.27 -3.51 20.40
N LYS D 190 -47.59 -2.34 19.85
CA LYS D 190 -48.95 -1.99 19.46
C LYS D 190 -49.13 -1.88 17.95
N HIS D 191 -48.05 -1.97 17.19
CA HIS D 191 -48.10 -1.99 15.74
C HIS D 191 -47.36 -3.23 15.26
N LYS D 192 -47.31 -3.43 13.95
CA LYS D 192 -47.08 -4.76 13.41
C LYS D 192 -46.03 -4.78 12.31
N VAL D 193 -46.14 -3.88 11.33
CA VAL D 193 -45.23 -3.85 10.20
C VAL D 193 -44.38 -2.59 10.30
N TYR D 194 -43.05 -2.78 10.26
CA TYR D 194 -42.08 -1.70 10.30
C TYR D 194 -41.31 -1.71 9.00
N ALA D 195 -41.34 -0.59 8.28
CA ALA D 195 -40.80 -0.51 6.93
C ALA D 195 -39.87 0.68 6.82
N CYS D 196 -38.77 0.49 6.07
CA CYS D 196 -37.81 1.53 5.77
C CYS D 196 -37.79 1.74 4.26
N GLU D 197 -38.11 2.97 3.83
CA GLU D 197 -38.23 3.30 2.42
C GLU D 197 -37.07 4.19 2.02
N VAL D 198 -36.29 3.74 1.04
CA VAL D 198 -35.07 4.42 0.61
C VAL D 198 -35.26 4.85 -0.84
N THR D 199 -35.02 6.13 -1.11
CA THR D 199 -34.99 6.67 -2.47
C THR D 199 -33.60 7.25 -2.72
N HIS D 200 -33.03 6.95 -3.89
CA HIS D 200 -31.67 7.36 -4.18
C HIS D 200 -31.47 7.41 -5.69
N GLN D 201 -30.54 8.26 -6.12
CA GLN D 201 -30.25 8.41 -7.54
C GLN D 201 -30.10 7.06 -8.24
N GLY D 202 -29.37 6.14 -7.61
CA GLY D 202 -29.01 4.88 -8.25
C GLY D 202 -30.14 3.88 -8.36
N LEU D 203 -31.32 4.18 -7.84
CA LEU D 203 -32.47 3.29 -7.93
C LEU D 203 -33.49 3.89 -8.90
N SER D 204 -33.94 3.08 -9.87
CA SER D 204 -35.02 3.51 -10.73
C SER D 204 -36.31 3.67 -9.95
N SER D 205 -36.56 2.77 -8.99
CA SER D 205 -37.73 2.77 -8.13
C SER D 205 -37.32 2.88 -6.67
N PRO D 206 -38.06 3.63 -5.86
CA PRO D 206 -37.80 3.60 -4.41
C PRO D 206 -37.87 2.19 -3.86
N VAL D 207 -36.92 1.88 -2.96
CA VAL D 207 -36.79 0.56 -2.36
C VAL D 207 -37.40 0.59 -0.96
N THR D 208 -38.21 -0.42 -0.65
CA THR D 208 -38.75 -0.64 0.69
C THR D 208 -38.21 -1.96 1.23
N LYS D 209 -37.80 -1.96 2.49
CA LYS D 209 -37.42 -3.17 3.21
C LYS D 209 -38.13 -3.16 4.55
N SER D 210 -38.69 -4.31 4.93
CA SER D 210 -39.63 -4.34 6.03
C SER D 210 -39.60 -5.69 6.73
N PHE D 211 -40.18 -5.70 7.93
CA PHE D 211 -40.35 -6.91 8.72
C PHE D 211 -41.64 -6.79 9.51
N ASN D 212 -42.12 -7.92 10.01
CA ASN D 212 -43.30 -7.96 10.86
C ASN D 212 -42.94 -8.54 12.21
N ARG D 213 -43.33 -7.83 13.28
CA ARG D 213 -43.00 -8.20 14.67
C ARG D 213 -43.34 -9.68 14.85
N GLY D 214 -42.40 -10.48 15.36
CA GLY D 214 -42.61 -11.93 15.45
C GLY D 214 -42.27 -12.57 14.13
N GLU D 215 -41.05 -12.36 13.64
CA GLU D 215 -40.58 -12.86 12.33
C GLU D 215 -40.03 -14.28 12.51
N GLY E 3 34.64 6.73 19.51
CA GLY E 3 34.19 7.20 18.21
C GLY E 3 34.96 8.42 17.75
N THR E 4 35.32 8.44 16.47
CA THR E 4 36.15 9.50 15.90
C THR E 4 35.54 9.99 14.59
N ILE E 5 35.84 11.24 14.26
CA ILE E 5 35.48 11.84 12.98
C ILE E 5 36.75 12.26 12.26
N GLU E 6 36.90 11.81 11.01
CA GLU E 6 37.98 12.26 10.14
C GLU E 6 37.42 13.27 9.15
N THR E 7 38.15 14.33 8.85
CA THR E 7 37.66 15.42 7.98
C THR E 7 38.52 15.54 6.73
N THR E 8 38.07 16.33 5.76
CA THR E 8 38.81 16.63 4.52
C THR E 8 40.19 17.17 4.89
N GLY E 9 40.29 17.97 5.94
CA GLY E 9 41.52 18.69 6.29
C GLY E 9 41.32 20.15 5.93
N ASN E 10 41.98 21.07 6.61
CA ASN E 10 41.86 22.52 6.35
C ASN E 10 42.04 22.75 4.85
N ILE E 11 41.31 23.71 4.28
CA ILE E 11 41.30 23.92 2.81
C ILE E 11 41.64 25.37 2.51
N SER E 12 42.43 25.64 1.48
CA SER E 12 42.67 27.00 0.97
C SER E 12 42.06 27.03 -0.43
N ALA E 13 41.19 27.98 -0.71
CA ALA E 13 40.52 28.11 -1.99
C ALA E 13 40.56 29.57 -2.42
N GLU E 14 40.19 29.82 -3.67
CA GLU E 14 40.19 31.16 -4.23
C GLU E 14 38.76 31.61 -4.50
N LYS E 15 38.59 32.93 -4.61
CA LYS E 15 37.26 33.48 -4.87
C LYS E 15 36.67 32.86 -6.12
N GLY E 16 35.34 32.70 -6.11
CA GLY E 16 34.63 32.10 -7.21
C GLY E 16 34.81 30.60 -7.36
N GLY E 17 35.67 29.99 -6.56
CA GLY E 17 35.85 28.55 -6.63
C GLY E 17 34.79 27.79 -5.86
N SER E 18 34.84 26.48 -5.98
CA SER E 18 33.92 25.58 -5.31
C SER E 18 34.68 24.61 -4.43
N ILE E 19 34.08 24.25 -3.30
CA ILE E 19 34.74 23.40 -2.31
C ILE E 19 33.73 22.40 -1.79
N ILE E 20 34.20 21.17 -1.55
CA ILE E 20 33.43 20.13 -0.88
C ILE E 20 33.85 20.09 0.58
N LEU E 21 32.87 20.04 1.48
CA LEU E 21 33.10 19.80 2.89
C LEU E 21 32.51 18.43 3.22
N GLN E 22 33.37 17.50 3.64
CA GLN E 22 32.89 16.16 3.96
C GLN E 22 33.51 15.68 5.26
N CYS E 23 32.78 14.80 5.93
CA CYS E 23 33.21 14.16 7.17
C CYS E 23 32.89 12.68 7.07
N HIS E 24 33.56 11.88 7.88
CA HIS E 24 33.32 10.45 7.95
C HIS E 24 33.34 10.00 9.40
N LEU E 25 32.29 9.31 9.83
CA LEU E 25 32.18 8.79 11.19
C LEU E 25 32.70 7.36 11.21
N SER E 26 33.71 7.10 12.04
CA SER E 26 34.40 5.82 12.08
C SER E 26 34.45 5.29 13.50
N SER E 27 34.64 3.98 13.61
CA SER E 27 34.91 3.30 14.88
C SER E 27 33.73 3.41 15.85
N THR E 28 32.50 3.36 15.33
CA THR E 28 31.35 3.46 16.21
C THR E 28 30.21 2.58 15.75
N THR E 29 29.55 1.96 16.72
CA THR E 29 28.35 1.14 16.55
C THR E 29 27.07 1.99 16.50
N ALA E 30 27.21 3.30 16.35
CA ALA E 30 26.07 4.20 16.42
C ALA E 30 25.52 4.51 15.02
N GLN E 31 24.21 4.68 14.95
CA GLN E 31 23.52 5.02 13.71
C GLN E 31 23.27 6.52 13.66
N VAL E 32 23.51 7.11 12.49
CA VAL E 32 23.47 8.55 12.31
C VAL E 32 22.04 8.96 11.99
N THR E 33 21.41 9.72 12.90
CA THR E 33 20.07 10.22 12.67
C THR E 33 20.08 11.54 11.90
N GLN E 34 21.03 12.42 12.17
CA GLN E 34 21.04 13.74 11.58
C GLN E 34 22.44 14.32 11.59
N VAL E 35 22.77 15.07 10.54
CA VAL E 35 24.04 15.77 10.43
C VAL E 35 23.74 17.25 10.23
N ASN E 36 24.18 18.08 11.16
CA ASN E 36 24.09 19.53 11.05
C ASN E 36 25.42 20.07 10.55
N TRP E 37 25.37 20.86 9.48
CA TRP E 37 26.52 21.62 9.01
C TRP E 37 26.34 23.07 9.46
N GLU E 38 27.27 23.55 10.28
CA GLU E 38 27.10 24.84 10.91
C GLU E 38 28.44 25.55 11.01
N GLN E 39 28.36 26.86 11.25
CA GLN E 39 29.45 27.67 11.75
C GLN E 39 29.12 28.09 13.18
N GLN E 40 30.02 28.87 13.79
CA GLN E 40 29.82 29.25 15.18
C GLN E 40 28.49 29.96 15.38
N ASP E 41 27.99 30.68 14.37
CA ASP E 41 26.79 31.49 14.53
C ASP E 41 25.69 31.23 13.51
N GLN E 42 25.90 30.43 12.47
CA GLN E 42 24.88 30.24 11.46
C GLN E 42 24.74 28.79 11.04
N LEU E 43 23.55 28.44 10.55
CA LEU E 43 23.24 27.13 10.03
C LEU E 43 23.39 27.14 8.51
N LEU E 44 24.12 26.16 7.98
CA LEU E 44 24.26 26.00 6.54
C LEU E 44 23.27 24.99 5.98
N ALA E 45 23.22 23.80 6.56
CA ALA E 45 22.39 22.73 6.04
C ALA E 45 22.26 21.63 7.08
N ILE E 46 21.16 20.88 6.98
CA ILE E 46 20.92 19.72 7.85
C ILE E 46 20.54 18.55 6.95
N SER E 47 21.14 17.39 7.22
CA SER E 47 20.79 16.15 6.56
C SER E 47 20.17 15.23 7.60
N ASN E 48 18.85 15.03 7.51
CA ASN E 48 18.12 14.18 8.44
C ASN E 48 17.78 12.86 7.77
N ALA E 49 17.94 11.76 8.51
CA ALA E 49 17.79 10.43 7.92
C ALA E 49 16.32 10.12 7.62
N ASP E 50 15.40 10.64 8.42
CA ASP E 50 13.99 10.30 8.26
C ASP E 50 13.32 11.18 7.20
N LEU E 51 13.67 12.47 7.16
CA LEU E 51 12.94 13.45 6.37
C LEU E 51 13.68 13.89 5.11
N GLY E 52 14.98 14.15 5.20
CA GLY E 52 15.77 14.56 4.05
C GLY E 52 16.60 15.78 4.38
N TRP E 53 17.05 16.45 3.32
CA TRP E 53 17.91 17.61 3.48
C TRP E 53 17.09 18.87 3.74
N HIS E 54 17.65 19.76 4.57
CA HIS E 54 17.20 21.14 4.66
C HIS E 54 18.40 22.05 4.46
N ILE E 55 18.20 23.11 3.69
CA ILE E 55 19.26 24.05 3.34
C ILE E 55 18.81 25.44 3.75
N SER E 56 19.58 26.09 4.61
CA SER E 56 19.15 27.37 5.15
C SER E 56 19.02 28.39 4.02
N PRO E 57 18.00 29.27 4.08
CA PRO E 57 17.84 30.25 3.00
C PRO E 57 19.07 31.12 2.74
N SER E 58 19.90 31.36 3.76
CA SER E 58 21.11 32.13 3.54
C SER E 58 22.02 31.49 2.50
N PHE E 59 21.97 30.17 2.38
CA PHE E 59 22.92 29.43 1.55
C PHE E 59 22.25 28.72 0.37
N LYS E 60 20.97 28.97 0.13
CA LYS E 60 20.26 28.21 -0.90
C LYS E 60 20.79 28.47 -2.30
N ASP E 61 21.41 29.63 -2.53
CA ASP E 61 21.93 29.94 -3.85
C ASP E 61 23.21 29.19 -4.18
N ARG E 62 24.01 28.85 -3.16
CA ARG E 62 25.39 28.36 -3.36
C ARG E 62 25.76 27.14 -2.53
N VAL E 63 24.83 26.35 -2.07
CA VAL E 63 25.14 25.10 -1.38
C VAL E 63 24.27 24.00 -1.96
N ALA E 64 24.89 22.90 -2.36
CA ALA E 64 24.18 21.73 -2.86
C ALA E 64 24.40 20.55 -1.93
N PRO E 65 23.36 19.77 -1.64
CA PRO E 65 23.54 18.60 -0.78
C PRO E 65 24.45 17.59 -1.46
N GLY E 66 25.23 16.88 -0.65
CA GLY E 66 26.17 15.92 -1.14
C GLY E 66 27.53 16.52 -1.40
N PRO E 67 28.55 15.69 -1.66
CA PRO E 67 28.45 14.24 -1.81
C PRO E 67 28.23 13.52 -0.48
N GLY E 68 27.44 12.45 -0.51
CA GLY E 68 27.17 11.72 0.72
C GLY E 68 26.53 12.63 1.75
N LEU E 69 27.05 12.58 2.98
CA LEU E 69 26.57 13.43 4.06
C LEU E 69 27.30 14.77 4.12
N GLY E 70 28.05 15.14 3.08
CA GLY E 70 28.72 16.42 2.99
C GLY E 70 27.90 17.44 2.24
N LEU E 71 28.56 18.52 1.83
CA LEU E 71 27.89 19.55 1.05
C LEU E 71 28.94 20.31 0.24
N THR E 72 28.48 20.92 -0.85
CA THR E 72 29.33 21.62 -1.80
C THR E 72 29.02 23.11 -1.77
N LEU E 73 30.06 23.93 -1.67
CA LEU E 73 29.93 25.38 -1.73
C LEU E 73 30.29 25.88 -3.13
N GLN E 74 29.46 26.75 -3.68
CA GLN E 74 29.73 27.43 -4.93
C GLN E 74 30.06 28.89 -4.67
N SER E 75 30.84 29.48 -5.57
CA SER E 75 31.07 30.93 -5.59
C SER E 75 31.62 31.41 -4.25
N LEU E 76 32.76 30.86 -3.88
CA LEU E 76 33.37 31.19 -2.60
C LEU E 76 33.73 32.66 -2.54
N THR E 77 33.32 33.32 -1.46
CA THR E 77 33.70 34.70 -1.16
C THR E 77 34.72 34.70 -0.04
N VAL E 78 35.42 35.83 0.11
CA VAL E 78 36.37 35.96 1.20
C VAL E 78 35.67 35.90 2.54
N ASN E 79 34.41 36.33 2.64
CA ASN E 79 33.63 36.33 3.91
C ASN E 79 33.38 34.88 4.39
N ASP E 80 33.58 33.89 3.54
CA ASP E 80 33.45 32.48 3.94
C ASP E 80 34.57 32.11 4.91
N THR E 81 35.73 32.72 4.80
CA THR E 81 36.89 32.38 5.68
C THR E 81 36.35 32.16 7.10
N GLY E 82 36.52 30.96 7.61
CA GLY E 82 36.07 30.59 8.94
C GLY E 82 36.14 29.09 9.09
N GLU E 83 35.65 28.62 10.24
CA GLU E 83 35.71 27.21 10.60
C GLU E 83 34.29 26.63 10.56
N TYR E 84 34.14 25.51 9.87
CA TYR E 84 32.85 24.86 9.67
C TYR E 84 32.79 23.57 10.47
N PHE E 85 31.60 23.27 10.99
CA PHE E 85 31.40 22.12 11.86
C PHE E 85 30.44 21.13 11.22
N CYS E 86 30.80 19.85 11.24
CA CYS E 86 29.89 18.76 10.89
C CYS E 86 29.50 18.08 12.21
N ILE E 87 28.29 18.35 12.68
CA ILE E 87 27.78 17.80 13.94
C ILE E 87 26.96 16.57 13.59
N TYR E 88 27.44 15.40 14.01
CA TYR E 88 26.74 14.10 13.78
C TYR E 88 25.92 13.78 15.02
N HIS E 89 24.62 13.59 14.88
CA HIS E 89 23.69 13.28 15.99
C HIS E 89 23.30 11.82 15.86
N THR E 90 23.96 10.92 16.58
CA THR E 90 23.77 9.45 16.46
C THR E 90 22.67 8.88 17.38
N TYR E 91 22.15 7.68 17.08
CA TYR E 91 21.03 7.06 17.81
C TYR E 91 21.53 6.32 19.04
N PRO E 92 20.92 6.55 20.23
CA PRO E 92 20.32 7.85 20.63
C PRO E 92 21.20 8.76 21.49
N ASP E 93 22.35 8.26 21.92
CA ASP E 93 23.30 9.03 22.75
C ASP E 93 23.61 10.29 21.95
N GLY E 94 24.38 10.15 20.86
CA GLY E 94 24.58 11.26 19.91
C GLY E 94 25.75 12.17 20.13
N THR E 95 25.97 13.08 19.19
CA THR E 95 26.98 14.16 19.29
C THR E 95 28.41 13.69 19.05
N TYR E 96 28.86 13.79 17.81
CA TYR E 96 30.26 13.57 17.39
C TYR E 96 30.49 14.88 16.62
N THR E 97 31.66 15.47 16.59
CA THR E 97 31.91 16.78 16.00
C THR E 97 33.19 16.78 15.19
N GLY E 98 33.13 17.33 13.98
CA GLY E 98 34.30 17.50 13.14
C GLY E 98 34.49 18.96 12.79
N ARG E 99 35.74 19.34 12.53
CA ARG E 99 36.12 20.73 12.31
C ARG E 99 36.90 20.87 11.03
N ILE E 100 36.58 21.84 10.17
CA ILE E 100 37.34 22.13 8.91
C ILE E 100 37.45 23.64 8.72
N PHE E 101 38.63 24.23 8.73
CA PHE E 101 38.80 25.67 8.44
C PHE E 101 38.99 25.90 6.94
N LEU E 102 38.26 26.85 6.37
CA LEU E 102 38.40 27.26 4.96
C LEU E 102 39.00 28.66 4.93
N GLU E 103 40.00 28.85 4.07
CA GLU E 103 40.65 30.14 3.88
C GLU E 103 40.48 30.56 2.43
N VAL E 104 40.05 31.81 2.22
CA VAL E 104 39.85 32.37 0.89
C VAL E 104 40.60 33.70 0.84
N LEU E 105 41.57 33.80 -0.06
CA LEU E 105 42.54 34.90 -0.05
C LEU E 105 43.24 34.96 1.30
N VAL F 2 -57.33 -6.09 -42.90
CA VAL F 2 -56.34 -6.93 -42.14
C VAL F 2 -56.87 -8.35 -42.03
N GLN F 3 -56.23 -9.31 -42.69
CA GLN F 3 -56.62 -10.72 -42.65
C GLN F 3 -55.39 -11.60 -42.57
N LEU F 4 -55.55 -12.73 -41.88
CA LEU F 4 -54.51 -13.71 -41.66
C LEU F 4 -55.02 -15.05 -42.19
N GLN F 5 -54.38 -15.57 -43.23
CA GLN F 5 -54.83 -16.76 -43.94
C GLN F 5 -53.83 -17.89 -43.69
N GLN F 6 -54.26 -18.92 -42.96
CA GLN F 6 -53.42 -20.06 -42.66
C GLN F 6 -53.66 -21.19 -43.65
N SER F 7 -52.75 -22.16 -43.63
CA SER F 7 -52.90 -23.36 -44.46
C SER F 7 -54.00 -24.26 -43.87
N GLY F 8 -54.34 -25.30 -44.63
CA GLY F 8 -55.45 -26.16 -44.27
C GLY F 8 -55.07 -27.21 -43.25
N PRO F 9 -56.02 -28.08 -42.94
CA PRO F 9 -55.77 -29.12 -41.94
C PRO F 9 -54.85 -30.20 -42.47
N GLU F 10 -54.11 -30.83 -41.56
CA GLU F 10 -53.11 -31.82 -41.94
C GLU F 10 -53.17 -33.03 -41.02
N LEU F 11 -53.01 -34.21 -41.62
CA LEU F 11 -52.85 -35.47 -40.90
C LEU F 11 -51.42 -35.95 -41.13
N VAL F 12 -50.69 -36.19 -40.04
CA VAL F 12 -49.32 -36.67 -40.13
C VAL F 12 -49.15 -37.87 -39.20
N LYS F 13 -48.16 -38.69 -39.51
CA LYS F 13 -47.81 -39.82 -38.67
C LYS F 13 -46.89 -39.36 -37.54
N PRO F 14 -46.86 -40.09 -36.43
CA PRO F 14 -46.01 -39.66 -35.31
C PRO F 14 -44.54 -39.68 -35.69
N GLY F 15 -43.82 -38.64 -35.25
CA GLY F 15 -42.43 -38.44 -35.60
C GLY F 15 -42.20 -37.51 -36.76
N ALA F 16 -43.24 -37.15 -37.50
CA ALA F 16 -43.10 -36.34 -38.69
C ALA F 16 -42.95 -34.86 -38.32
N SER F 17 -42.61 -34.05 -39.33
CA SER F 17 -42.40 -32.62 -39.16
C SER F 17 -43.23 -31.89 -40.19
N MET F 18 -44.13 -31.02 -39.74
CA MET F 18 -45.04 -30.28 -40.60
C MET F 18 -44.74 -28.79 -40.50
N LYS F 19 -45.02 -28.08 -41.59
CA LYS F 19 -44.80 -26.64 -41.68
C LYS F 19 -46.14 -25.96 -41.95
N ILE F 20 -46.55 -25.08 -41.04
CA ILE F 20 -47.79 -24.34 -41.17
C ILE F 20 -47.49 -22.99 -41.80
N SER F 21 -48.38 -22.52 -42.66
CA SER F 21 -48.24 -21.24 -43.34
C SER F 21 -49.27 -20.26 -42.81
N CYS F 22 -48.94 -18.96 -42.88
CA CYS F 22 -49.86 -17.91 -42.47
C CYS F 22 -49.53 -16.67 -43.30
N LYS F 23 -50.27 -16.47 -44.39
CA LYS F 23 -50.05 -15.38 -45.32
C LYS F 23 -50.90 -14.20 -44.88
N ALA F 24 -50.25 -13.11 -44.48
CA ALA F 24 -50.92 -11.96 -43.89
C ALA F 24 -51.06 -10.83 -44.90
N SER F 25 -52.14 -10.07 -44.76
CA SER F 25 -52.43 -8.95 -45.64
C SER F 25 -53.16 -7.88 -44.86
N GLY F 26 -53.19 -6.66 -45.43
CA GLY F 26 -53.93 -5.57 -44.85
C GLY F 26 -53.16 -4.68 -43.91
N TYR F 27 -51.86 -4.93 -43.73
CA TYR F 27 -51.02 -4.10 -42.89
C TYR F 27 -49.57 -4.33 -43.31
N SER F 28 -48.67 -3.48 -42.82
CA SER F 28 -47.25 -3.66 -43.08
C SER F 28 -46.76 -4.88 -42.30
N PHE F 29 -46.49 -5.97 -43.01
CA PHE F 29 -46.19 -7.24 -42.36
C PHE F 29 -44.98 -7.15 -41.44
N THR F 30 -44.02 -6.29 -41.77
CA THR F 30 -42.78 -6.20 -41.03
C THR F 30 -42.84 -5.22 -39.85
N GLY F 31 -44.01 -4.63 -39.59
CA GLY F 31 -44.16 -3.68 -38.52
C GLY F 31 -44.70 -4.23 -37.22
N TYR F 32 -45.03 -5.51 -37.16
CA TYR F 32 -45.58 -6.11 -35.96
C TYR F 32 -45.08 -7.56 -35.87
N THR F 33 -45.15 -8.11 -34.66
CA THR F 33 -44.73 -9.49 -34.43
C THR F 33 -45.86 -10.45 -34.78
N MET F 34 -45.48 -11.63 -35.26
CA MET F 34 -46.41 -12.70 -35.59
C MET F 34 -46.28 -13.78 -34.53
N ASN F 35 -47.31 -13.91 -33.69
CA ASN F 35 -47.33 -14.90 -32.63
C ASN F 35 -48.01 -16.18 -33.09
N TRP F 36 -47.83 -17.24 -32.31
CA TRP F 36 -48.45 -18.53 -32.61
C TRP F 36 -49.00 -19.13 -31.32
N VAL F 37 -50.26 -19.58 -31.38
CA VAL F 37 -50.98 -20.08 -30.21
C VAL F 37 -51.43 -21.51 -30.48
N ARG F 38 -51.44 -22.32 -29.43
CA ARG F 38 -51.91 -23.70 -29.49
C ARG F 38 -53.21 -23.83 -28.70
N GLN F 39 -54.20 -24.50 -29.28
CA GLN F 39 -55.47 -24.79 -28.61
C GLN F 39 -55.57 -26.31 -28.46
N SER F 40 -55.50 -26.78 -27.22
CA SER F 40 -55.50 -28.21 -26.93
C SER F 40 -56.88 -28.69 -26.52
N HIS F 41 -57.25 -29.86 -27.02
CA HIS F 41 -58.49 -30.55 -26.65
C HIS F 41 -59.67 -29.60 -26.53
N GLY F 42 -59.70 -28.55 -27.37
CA GLY F 42 -60.82 -27.66 -27.46
C GLY F 42 -60.76 -26.40 -26.61
N LYS F 43 -60.04 -26.43 -25.48
CA LYS F 43 -60.18 -25.33 -24.53
C LYS F 43 -58.88 -24.73 -23.99
N ASN F 44 -57.79 -25.49 -23.93
CA ASN F 44 -56.57 -24.97 -23.32
C ASN F 44 -55.78 -24.17 -24.34
N LEU F 45 -55.35 -22.97 -23.95
CA LEU F 45 -54.60 -22.08 -24.83
C LEU F 45 -53.18 -21.91 -24.30
N GLU F 46 -52.22 -21.84 -25.23
CA GLU F 46 -50.82 -21.82 -24.87
C GLU F 46 -50.03 -21.04 -25.90
N TRP F 47 -49.28 -20.04 -25.43
CA TRP F 47 -48.42 -19.23 -26.28
C TRP F 47 -47.17 -20.02 -26.64
N LEU F 48 -46.92 -20.20 -27.94
CA LEU F 48 -45.79 -20.99 -28.40
C LEU F 48 -44.56 -20.13 -28.68
N GLY F 49 -44.76 -18.92 -29.19
CA GLY F 49 -43.64 -18.06 -29.54
C GLY F 49 -44.10 -17.00 -30.51
N LEU F 50 -43.13 -16.22 -30.97
CA LEU F 50 -43.39 -15.16 -31.93
C LEU F 50 -42.15 -14.93 -32.78
N ILE F 51 -42.35 -14.20 -33.87
CA ILE F 51 -41.26 -13.82 -34.77
C ILE F 51 -41.49 -12.39 -35.22
N PHE F 52 -40.43 -11.59 -35.20
CA PHE F 52 -40.51 -10.22 -35.70
C PHE F 52 -39.98 -10.21 -37.13
N PRO F 53 -40.84 -10.15 -38.15
CA PRO F 53 -40.35 -10.31 -39.53
C PRO F 53 -39.37 -9.23 -39.95
N TYR F 54 -39.34 -8.08 -39.27
CA TYR F 54 -38.43 -7.01 -39.66
C TYR F 54 -36.98 -7.48 -39.68
N ASN F 55 -36.53 -8.10 -38.58
CA ASN F 55 -35.15 -8.58 -38.46
C ASN F 55 -35.07 -10.08 -38.19
N GLY F 56 -36.18 -10.81 -38.31
CA GLY F 56 -36.15 -12.25 -38.16
C GLY F 56 -35.99 -12.76 -36.75
N GLY F 57 -35.99 -11.88 -35.76
CA GLY F 57 -35.76 -12.32 -34.39
C GLY F 57 -36.91 -13.19 -33.89
N THR F 58 -36.55 -14.21 -33.10
CA THR F 58 -37.51 -15.16 -32.57
C THR F 58 -37.40 -15.24 -31.05
N SER F 59 -38.54 -15.51 -30.42
CA SER F 59 -38.62 -15.79 -29.00
C SER F 59 -39.62 -16.93 -28.80
N TYR F 60 -39.28 -17.86 -27.91
CA TYR F 60 -40.04 -19.09 -27.76
C TYR F 60 -40.46 -19.30 -26.31
N ASN F 61 -41.68 -19.80 -26.13
CA ASN F 61 -42.09 -20.35 -24.85
C ASN F 61 -41.15 -21.51 -24.51
N GLN F 62 -40.29 -21.33 -23.50
CA GLN F 62 -39.28 -22.35 -23.23
C GLN F 62 -39.86 -23.61 -22.61
N ASN F 63 -41.16 -23.65 -22.32
CA ASN F 63 -41.79 -24.92 -21.95
C ASN F 63 -41.99 -25.83 -23.15
N PHE F 64 -41.84 -25.31 -24.37
CA PHE F 64 -41.94 -26.08 -25.60
C PHE F 64 -40.67 -25.94 -26.42
N LYS F 65 -39.53 -25.92 -25.73
CA LYS F 65 -38.24 -25.80 -26.41
C LYS F 65 -38.09 -26.89 -27.46
N GLY F 66 -37.71 -26.49 -28.67
CA GLY F 66 -37.38 -27.43 -29.72
C GLY F 66 -38.55 -28.10 -30.40
N LYS F 67 -39.79 -27.74 -30.06
CA LYS F 67 -40.94 -28.31 -30.75
C LYS F 67 -41.30 -27.54 -32.02
N ALA F 68 -41.06 -26.23 -32.04
CA ALA F 68 -41.47 -25.38 -33.15
C ALA F 68 -40.31 -24.53 -33.64
N THR F 69 -40.41 -24.11 -34.89
CA THR F 69 -39.41 -23.25 -35.52
C THR F 69 -40.14 -22.19 -36.34
N LEU F 70 -39.85 -20.92 -36.04
CA LEU F 70 -40.57 -19.81 -36.66
C LEU F 70 -39.71 -19.16 -37.74
N THR F 71 -40.30 -18.98 -38.91
CA THR F 71 -39.64 -18.33 -40.04
C THR F 71 -40.62 -17.40 -40.72
N VAL F 72 -40.09 -16.53 -41.59
CA VAL F 72 -40.90 -15.63 -42.38
C VAL F 72 -40.34 -15.57 -43.80
N ASP F 73 -41.21 -15.27 -44.76
CA ASP F 73 -40.82 -14.87 -46.11
C ASP F 73 -41.40 -13.47 -46.32
N THR F 74 -40.57 -12.44 -46.14
CA THR F 74 -41.08 -11.08 -46.17
C THR F 74 -41.50 -10.64 -47.56
N SER F 75 -41.04 -11.32 -48.61
CA SER F 75 -41.50 -11.04 -49.97
C SER F 75 -42.89 -11.61 -50.24
N SER F 76 -43.47 -12.33 -49.28
CA SER F 76 -44.80 -12.91 -49.43
C SER F 76 -45.69 -12.62 -48.23
N SER F 77 -45.23 -11.82 -47.28
CA SER F 77 -45.95 -11.57 -46.04
C SER F 77 -46.47 -12.88 -45.45
N THR F 78 -45.67 -13.93 -45.57
CA THR F 78 -46.02 -15.25 -45.06
C THR F 78 -45.13 -15.57 -43.87
N ALA F 79 -45.76 -15.95 -42.76
CA ALA F 79 -45.07 -16.48 -41.59
C ALA F 79 -45.24 -17.99 -41.56
N TYR F 80 -44.18 -18.70 -41.17
CA TYR F 80 -44.17 -20.14 -41.18
C TYR F 80 -43.84 -20.69 -39.79
N MET F 81 -44.36 -21.87 -39.50
CA MET F 81 -44.07 -22.56 -38.26
C MET F 81 -43.89 -24.04 -38.54
N GLU F 82 -42.68 -24.54 -38.32
CA GLU F 82 -42.39 -25.96 -38.48
C GLU F 82 -42.52 -26.66 -37.13
N LEU F 83 -43.51 -27.56 -37.04
CA LEU F 83 -43.62 -28.45 -35.89
C LEU F 83 -42.73 -29.67 -36.12
N LEU F 84 -42.11 -30.16 -35.05
CA LEU F 84 -41.05 -31.15 -35.16
C LEU F 84 -41.33 -32.36 -34.26
N SER F 85 -40.93 -33.53 -34.75
CA SER F 85 -41.08 -34.79 -34.04
C SER F 85 -42.42 -34.86 -33.33
N LEU F 86 -43.50 -34.89 -34.10
CA LEU F 86 -44.84 -34.77 -33.56
C LEU F 86 -45.31 -36.08 -32.95
N THR F 87 -46.06 -35.98 -31.85
CA THR F 87 -46.70 -37.11 -31.20
C THR F 87 -48.19 -36.81 -31.04
N SER F 88 -48.92 -37.75 -30.43
CA SER F 88 -50.34 -37.54 -30.20
C SER F 88 -50.60 -36.29 -29.38
N VAL F 89 -49.70 -35.98 -28.45
CA VAL F 89 -49.86 -34.81 -27.58
C VAL F 89 -50.04 -33.53 -28.40
N ASP F 90 -49.54 -33.50 -29.63
CA ASP F 90 -49.54 -32.29 -30.44
C ASP F 90 -50.77 -32.15 -31.32
N SER F 91 -51.65 -33.15 -31.36
CA SER F 91 -52.90 -33.01 -32.11
C SER F 91 -53.69 -31.85 -31.53
N ALA F 92 -53.81 -30.75 -32.28
CA ALA F 92 -54.41 -29.54 -31.76
C ALA F 92 -54.65 -28.58 -32.94
N VAL F 93 -55.21 -27.42 -32.62
CA VAL F 93 -55.36 -26.32 -33.57
C VAL F 93 -54.31 -25.27 -33.22
N TYR F 94 -53.55 -24.84 -34.23
CA TYR F 94 -52.49 -23.87 -34.05
C TYR F 94 -52.90 -22.57 -34.75
N TYR F 95 -52.97 -21.49 -33.98
CA TYR F 95 -53.43 -20.20 -34.48
C TYR F 95 -52.27 -19.30 -34.83
N CYS F 96 -52.41 -18.57 -35.92
CA CYS F 96 -51.48 -17.50 -36.30
C CYS F 96 -52.14 -16.31 -35.62
N ALA F 97 -51.42 -15.32 -35.15
CA ALA F 97 -52.01 -14.14 -34.52
C ALA F 97 -51.01 -13.00 -34.42
N ARG F 98 -51.45 -11.81 -34.82
CA ARG F 98 -50.62 -10.62 -34.82
C ARG F 98 -50.55 -10.01 -33.42
N GLY F 99 -49.36 -9.57 -33.03
CA GLY F 99 -49.15 -8.99 -31.72
C GLY F 99 -49.03 -7.48 -31.79
N VAL F 100 -49.75 -6.79 -30.90
CA VAL F 100 -49.66 -5.35 -30.74
C VAL F 100 -49.62 -5.05 -29.25
N ARG F 101 -48.54 -4.41 -28.79
CA ARG F 101 -48.36 -4.06 -27.39
C ARG F 101 -48.72 -5.23 -26.49
N PHE F 102 -48.22 -6.42 -26.86
CA PHE F 102 -48.31 -7.62 -26.05
C PHE F 102 -49.75 -8.10 -25.87
N ALA F 103 -50.61 -7.78 -26.83
CA ALA F 103 -51.91 -8.41 -27.00
C ALA F 103 -51.99 -8.98 -28.42
N LEU F 104 -52.91 -9.92 -28.61
CA LEU F 104 -53.13 -10.57 -29.91
C LEU F 104 -54.42 -10.02 -30.50
N ASP F 105 -54.30 -9.03 -31.39
CA ASP F 105 -55.46 -8.30 -31.86
C ASP F 105 -56.10 -8.89 -33.11
N TYR F 106 -55.39 -9.72 -33.87
CA TYR F 106 -55.95 -10.33 -35.07
C TYR F 106 -55.43 -11.75 -35.19
N TRP F 107 -56.34 -12.69 -35.49
CA TRP F 107 -56.03 -14.11 -35.52
C TRP F 107 -56.35 -14.68 -36.88
N GLY F 108 -55.56 -15.67 -37.30
CA GLY F 108 -55.94 -16.50 -38.41
C GLY F 108 -57.09 -17.41 -38.04
N GLN F 109 -57.60 -18.13 -39.05
CA GLN F 109 -58.75 -18.99 -38.84
C GLN F 109 -58.39 -20.34 -38.21
N GLY F 110 -57.11 -20.57 -37.93
CA GLY F 110 -56.71 -21.81 -37.28
C GLY F 110 -56.29 -22.88 -38.28
N THR F 111 -55.42 -23.77 -37.82
CA THR F 111 -54.94 -24.89 -38.62
C THR F 111 -54.97 -26.15 -37.76
N SER F 112 -55.84 -27.08 -38.10
CA SER F 112 -55.99 -28.31 -37.34
C SER F 112 -54.92 -29.31 -37.76
N VAL F 113 -54.05 -29.70 -36.83
CA VAL F 113 -53.01 -30.71 -37.06
C VAL F 113 -53.38 -31.94 -36.25
N SER F 114 -53.50 -33.08 -36.92
CA SER F 114 -53.81 -34.35 -36.28
C SER F 114 -52.65 -35.31 -36.47
N VAL F 115 -52.24 -35.96 -35.39
CA VAL F 115 -51.08 -36.85 -35.37
C VAL F 115 -51.57 -38.24 -34.99
N SER F 116 -51.41 -39.21 -35.89
CA SER F 116 -51.86 -40.56 -35.63
C SER F 116 -51.21 -41.52 -36.61
N SER F 117 -50.96 -42.74 -36.14
CA SER F 117 -50.36 -43.79 -36.94
C SER F 117 -51.40 -44.75 -37.52
N ALA F 118 -52.68 -44.41 -37.43
CA ALA F 118 -53.73 -45.28 -37.94
C ALA F 118 -53.86 -45.14 -39.45
N SER F 119 -54.51 -46.14 -40.06
CA SER F 119 -54.77 -46.15 -41.48
C SER F 119 -56.26 -45.89 -41.73
N THR F 120 -56.55 -45.37 -42.92
CA THR F 120 -57.94 -45.09 -43.29
C THR F 120 -58.75 -46.38 -43.25
N LYS F 121 -59.91 -46.33 -42.59
CA LYS F 121 -60.75 -47.50 -42.40
C LYS F 121 -62.18 -47.03 -42.23
N GLY F 122 -63.11 -47.68 -42.94
CA GLY F 122 -64.51 -47.34 -42.86
C GLY F 122 -65.16 -47.91 -41.61
N PRO F 123 -66.32 -47.38 -41.25
CA PRO F 123 -66.97 -47.79 -40.01
C PRO F 123 -67.86 -49.02 -40.16
N SER F 124 -68.00 -49.74 -39.06
CA SER F 124 -69.05 -50.73 -38.90
C SER F 124 -70.21 -50.07 -38.15
N VAL F 125 -71.42 -50.29 -38.62
CA VAL F 125 -72.62 -49.67 -38.08
C VAL F 125 -73.46 -50.75 -37.41
N PHE F 126 -73.80 -50.53 -36.14
CA PHE F 126 -74.58 -51.49 -35.37
C PHE F 126 -75.84 -50.82 -34.84
N PRO F 127 -76.89 -51.61 -34.56
CA PRO F 127 -78.12 -51.03 -34.10
C PRO F 127 -78.30 -50.90 -32.58
N LEU F 128 -78.62 -49.72 -32.09
CA LEU F 128 -79.06 -49.53 -30.71
C LEU F 128 -80.58 -49.75 -30.70
N ALA F 129 -80.99 -50.99 -30.39
CA ALA F 129 -82.36 -51.41 -30.61
C ALA F 129 -83.27 -50.98 -29.46
N PRO F 130 -84.51 -50.60 -29.75
CA PRO F 130 -85.45 -50.26 -28.67
C PRO F 130 -86.03 -51.48 -27.99
N SER F 131 -86.30 -51.31 -26.70
CA SER F 131 -86.90 -52.35 -25.88
C SER F 131 -88.42 -52.18 -25.85
N SER F 132 -89.09 -52.87 -24.93
CA SER F 132 -90.46 -52.56 -24.57
C SER F 132 -90.88 -53.38 -23.35
N GLY F 138 -93.35 -43.22 -21.89
CA GLY F 138 -93.97 -42.44 -22.95
C GLY F 138 -93.30 -42.63 -24.30
N THR F 139 -91.99 -42.37 -24.34
CA THR F 139 -91.21 -42.49 -25.56
C THR F 139 -90.18 -43.60 -25.42
N ALA F 140 -89.85 -44.22 -26.55
CA ALA F 140 -88.77 -45.18 -26.64
C ALA F 140 -87.56 -44.53 -27.33
N ALA F 141 -86.40 -45.15 -27.15
CA ALA F 141 -85.16 -44.65 -27.71
C ALA F 141 -84.51 -45.72 -28.57
N LEU F 142 -84.03 -45.33 -29.75
CA LEU F 142 -83.24 -46.21 -30.60
C LEU F 142 -82.14 -45.38 -31.25
N GLY F 143 -81.17 -46.06 -31.84
CA GLY F 143 -80.04 -45.35 -32.41
C GLY F 143 -79.15 -46.27 -33.22
N CYS F 144 -78.00 -45.72 -33.61
CA CYS F 144 -76.98 -46.44 -34.35
C CYS F 144 -75.61 -46.20 -33.71
N LEU F 145 -74.80 -47.25 -33.68
CA LEU F 145 -73.44 -47.19 -33.11
C LEU F 145 -72.46 -47.30 -34.28
N VAL F 146 -71.72 -46.21 -34.53
CA VAL F 146 -70.77 -46.14 -35.63
C VAL F 146 -69.39 -46.35 -35.03
N LYS F 147 -68.79 -47.51 -35.30
CA LYS F 147 -67.67 -48.02 -34.53
C LYS F 147 -66.45 -48.26 -35.40
N ASP F 148 -65.29 -47.84 -34.87
CA ASP F 148 -63.99 -48.22 -35.41
C ASP F 148 -63.74 -47.66 -36.81
N TYR F 149 -63.70 -46.33 -36.94
CA TYR F 149 -63.38 -45.69 -38.21
C TYR F 149 -62.24 -44.70 -38.02
N PHE F 150 -61.57 -44.42 -39.14
CA PHE F 150 -60.50 -43.42 -39.15
C PHE F 150 -60.31 -42.92 -40.57
N PRO F 151 -60.10 -41.61 -40.78
CA PRO F 151 -60.15 -40.54 -39.78
C PRO F 151 -61.54 -39.93 -39.68
N GLU F 152 -61.67 -38.83 -38.95
CA GLU F 152 -62.92 -38.09 -38.95
C GLU F 152 -63.08 -37.36 -40.27
N PRO F 153 -64.32 -36.99 -40.65
CA PRO F 153 -65.55 -37.22 -39.91
C PRO F 153 -66.45 -38.31 -40.50
N VAL F 154 -67.49 -38.64 -39.73
CA VAL F 154 -68.64 -39.39 -40.22
C VAL F 154 -69.87 -38.52 -39.97
N THR F 155 -70.87 -38.67 -40.82
CA THR F 155 -72.13 -37.95 -40.68
C THR F 155 -73.28 -38.94 -40.67
N VAL F 156 -74.23 -38.72 -39.76
CA VAL F 156 -75.36 -39.62 -39.56
C VAL F 156 -76.64 -38.81 -39.68
N SER F 157 -77.48 -39.17 -40.64
CA SER F 157 -78.85 -38.68 -40.73
C SER F 157 -79.80 -39.84 -40.46
N TRP F 158 -81.08 -39.52 -40.30
CA TRP F 158 -82.10 -40.52 -39.98
C TRP F 158 -83.24 -40.41 -40.96
N ASN F 159 -83.64 -41.56 -41.52
CA ASN F 159 -84.70 -41.62 -42.52
C ASN F 159 -84.43 -40.64 -43.67
N SER F 160 -83.20 -40.68 -44.16
CA SER F 160 -82.79 -39.89 -45.33
C SER F 160 -83.18 -38.42 -45.17
N GLY F 161 -82.98 -37.89 -43.97
CA GLY F 161 -83.21 -36.49 -43.69
C GLY F 161 -84.58 -36.14 -43.17
N ALA F 162 -85.55 -37.05 -43.24
CA ALA F 162 -86.91 -36.73 -42.81
C ALA F 162 -87.00 -36.67 -41.30
N LEU F 163 -86.34 -37.57 -40.60
CA LEU F 163 -86.41 -37.65 -39.13
C LEU F 163 -85.25 -36.85 -38.55
N THR F 164 -85.57 -35.70 -37.95
CA THR F 164 -84.56 -34.82 -37.37
C THR F 164 -84.87 -34.35 -35.96
N SER F 165 -86.14 -34.37 -35.54
CA SER F 165 -86.48 -33.95 -34.19
C SER F 165 -86.22 -35.07 -33.20
N GLY F 166 -85.62 -34.72 -32.07
CA GLY F 166 -85.25 -35.70 -31.08
C GLY F 166 -83.98 -36.47 -31.38
N VAL F 167 -83.26 -36.10 -32.45
CA VAL F 167 -82.02 -36.77 -32.83
C VAL F 167 -80.87 -36.14 -32.07
N HIS F 168 -79.94 -36.97 -31.61
CA HIS F 168 -78.71 -36.51 -30.99
C HIS F 168 -77.57 -37.36 -31.49
N THR F 169 -76.69 -36.77 -32.29
CA THR F 169 -75.45 -37.41 -32.72
C THR F 169 -74.34 -36.91 -31.79
N PHE F 170 -73.70 -37.82 -31.08
CA PHE F 170 -72.72 -37.45 -30.06
C PHE F 170 -71.37 -37.17 -30.69
N PRO F 171 -70.50 -36.46 -29.97
CA PRO F 171 -69.13 -36.28 -30.48
C PRO F 171 -68.41 -37.61 -30.59
N ALA F 172 -67.54 -37.71 -31.59
CA ALA F 172 -66.70 -38.90 -31.72
C ALA F 172 -65.78 -39.00 -30.51
N VAL F 173 -65.45 -40.23 -30.13
CA VAL F 173 -64.50 -40.49 -29.05
C VAL F 173 -63.34 -41.29 -29.64
N LEU F 174 -62.12 -40.87 -29.31
CA LEU F 174 -60.94 -41.62 -29.70
C LEU F 174 -60.74 -42.78 -28.73
N GLN F 175 -60.77 -43.99 -29.25
CA GLN F 175 -60.56 -45.18 -28.45
C GLN F 175 -59.07 -45.47 -28.32
N SER F 176 -58.74 -46.35 -27.36
CA SER F 176 -57.36 -46.77 -27.19
C SER F 176 -56.83 -47.47 -28.44
N SER F 177 -57.72 -47.94 -29.32
CA SER F 177 -57.30 -48.66 -30.52
C SER F 177 -56.71 -47.73 -31.58
N GLY F 178 -56.94 -46.43 -31.48
CA GLY F 178 -56.54 -45.49 -32.49
C GLY F 178 -57.65 -45.08 -33.45
N LEU F 179 -58.75 -45.81 -33.46
CA LEU F 179 -59.90 -45.50 -34.30
C LEU F 179 -61.00 -44.86 -33.47
N TYR F 180 -61.93 -44.19 -34.16
CA TYR F 180 -62.96 -43.42 -33.50
C TYR F 180 -64.24 -44.23 -33.32
N SER F 181 -65.17 -43.66 -32.57
CA SER F 181 -66.46 -44.28 -32.32
C SER F 181 -67.49 -43.17 -32.09
N LEU F 182 -68.73 -43.45 -32.46
CA LEU F 182 -69.77 -42.43 -32.44
C LEU F 182 -71.12 -43.11 -32.40
N SER F 183 -72.07 -42.46 -31.73
CA SER F 183 -73.44 -42.98 -31.64
C SER F 183 -74.43 -41.85 -31.91
N SER F 184 -75.43 -42.15 -32.72
CA SER F 184 -76.54 -41.24 -33.00
C SER F 184 -77.83 -41.89 -32.52
N VAL F 185 -78.57 -41.16 -31.69
CA VAL F 185 -79.81 -41.69 -31.11
C VAL F 185 -80.95 -40.74 -31.45
N VAL F 186 -82.16 -41.28 -31.40
CA VAL F 186 -83.39 -40.51 -31.61
C VAL F 186 -84.44 -41.08 -30.68
N THR F 187 -85.10 -40.21 -29.92
CA THR F 187 -86.23 -40.62 -29.10
C THR F 187 -87.51 -40.52 -29.92
N VAL F 188 -88.44 -41.41 -29.63
CA VAL F 188 -89.51 -41.74 -30.58
C VAL F 188 -90.72 -42.21 -29.78
N PRO F 189 -91.95 -41.97 -30.24
CA PRO F 189 -93.10 -42.44 -29.47
C PRO F 189 -93.18 -43.97 -29.53
N SER F 190 -93.47 -44.57 -28.37
CA SER F 190 -93.42 -46.03 -28.27
C SER F 190 -94.41 -46.69 -29.22
N SER F 191 -95.53 -46.03 -29.50
CA SER F 191 -96.56 -46.61 -30.36
C SER F 191 -96.03 -46.87 -31.77
N SER F 192 -94.94 -46.23 -32.17
CA SER F 192 -94.46 -46.31 -33.54
C SER F 192 -93.40 -47.39 -33.74
N LEU F 193 -93.06 -48.17 -32.71
CA LEU F 193 -92.04 -49.19 -32.88
C LEU F 193 -92.49 -50.31 -33.79
N GLY F 194 -93.80 -50.53 -33.90
CA GLY F 194 -94.31 -51.58 -34.76
C GLY F 194 -94.65 -51.10 -36.16
N THR F 195 -94.95 -49.81 -36.32
CA THR F 195 -95.49 -49.27 -37.55
C THR F 195 -94.51 -48.44 -38.37
N GLN F 196 -93.64 -47.66 -37.73
CA GLN F 196 -92.76 -46.75 -38.44
C GLN F 196 -91.37 -47.35 -38.60
N THR F 197 -90.82 -47.25 -39.81
CA THR F 197 -89.47 -47.70 -40.08
C THR F 197 -88.46 -46.65 -39.63
N TYR F 198 -87.27 -47.07 -39.22
CA TYR F 198 -86.19 -46.18 -38.74
C TYR F 198 -84.89 -46.67 -39.36
N ILE F 199 -84.21 -45.83 -40.16
CA ILE F 199 -82.93 -46.19 -40.84
C ILE F 199 -81.89 -45.10 -40.65
N CYS F 200 -80.77 -45.38 -40.00
CA CYS F 200 -79.67 -44.39 -39.88
C CYS F 200 -78.88 -44.39 -41.18
N ASN F 201 -78.62 -43.23 -41.76
CA ASN F 201 -77.83 -43.11 -42.98
C ASN F 201 -76.43 -42.67 -42.58
N VAL F 202 -75.47 -43.60 -42.62
CA VAL F 202 -74.11 -43.35 -42.18
C VAL F 202 -73.23 -43.15 -43.40
N ASN F 203 -72.39 -42.12 -43.37
CA ASN F 203 -71.49 -41.80 -44.47
C ASN F 203 -70.12 -41.44 -43.90
N HIS F 204 -69.08 -42.11 -44.42
CA HIS F 204 -67.69 -41.86 -44.05
C HIS F 204 -66.94 -41.58 -45.35
N LYS F 205 -66.87 -40.30 -45.73
CA LYS F 205 -66.21 -39.93 -46.98
C LYS F 205 -64.75 -40.40 -47.04
N PRO F 206 -63.94 -40.26 -45.99
CA PRO F 206 -62.52 -40.67 -46.10
C PRO F 206 -62.31 -42.09 -46.60
N SER F 207 -63.27 -43.00 -46.41
CA SER F 207 -63.15 -44.36 -46.92
C SER F 207 -64.22 -44.71 -47.94
N ASN F 208 -65.03 -43.74 -48.37
CA ASN F 208 -66.10 -43.97 -49.33
C ASN F 208 -66.98 -45.14 -48.90
N THR F 209 -67.35 -45.13 -47.62
CA THR F 209 -68.27 -46.11 -47.05
C THR F 209 -69.61 -45.43 -46.82
N LYS F 210 -70.64 -45.92 -47.50
CA LYS F 210 -72.01 -45.41 -47.39
C LYS F 210 -72.91 -46.57 -46.99
N VAL F 211 -73.50 -46.47 -45.80
CA VAL F 211 -74.30 -47.55 -45.24
C VAL F 211 -75.62 -46.99 -44.70
N ASP F 212 -76.72 -47.74 -44.86
CA ASP F 212 -78.07 -47.33 -44.39
C ASP F 212 -78.62 -48.47 -43.54
N LYS F 213 -78.48 -48.43 -42.22
CA LYS F 213 -78.86 -49.51 -41.27
C LYS F 213 -80.27 -49.33 -40.71
N ARG F 214 -81.13 -50.33 -40.89
CA ARG F 214 -82.51 -50.33 -40.34
C ARG F 214 -82.43 -50.76 -38.87
N VAL F 215 -83.05 -50.01 -37.96
CA VAL F 215 -83.01 -50.29 -36.51
C VAL F 215 -84.40 -50.75 -36.10
N GLU F 216 -84.53 -52.02 -35.72
CA GLU F 216 -85.81 -52.63 -35.31
C GLU F 216 -85.69 -53.13 -33.87
N PRO F 217 -86.81 -53.34 -33.16
CA PRO F 217 -86.80 -53.93 -31.81
C PRO F 217 -85.98 -55.21 -31.72
N ASP G 1 -43.06 -19.05 -14.14
CA ASP G 1 -44.08 -18.49 -15.09
C ASP G 1 -45.27 -17.93 -14.32
N VAL G 2 -45.83 -16.84 -14.83
CA VAL G 2 -47.06 -16.30 -14.26
C VAL G 2 -48.18 -17.31 -14.47
N VAL G 3 -48.93 -17.58 -13.41
CA VAL G 3 -50.11 -18.48 -13.49
C VAL G 3 -51.39 -17.62 -13.44
N MET G 4 -52.15 -17.61 -14.52
CA MET G 4 -53.45 -16.90 -14.60
C MET G 4 -54.55 -17.89 -14.18
N THR G 5 -55.13 -17.70 -13.00
CA THR G 5 -56.18 -18.58 -12.44
C THR G 5 -57.54 -17.95 -12.76
N GLN G 6 -58.24 -18.47 -13.75
CA GLN G 6 -59.53 -17.90 -14.19
C GLN G 6 -60.69 -18.47 -13.35
N THR G 7 -61.75 -17.70 -13.15
CA THR G 7 -62.89 -18.01 -12.30
C THR G 7 -64.18 -17.41 -12.83
N PRO G 8 -65.27 -18.20 -12.94
CA PRO G 8 -65.38 -19.65 -12.77
C PRO G 8 -65.05 -20.37 -14.07
N LEU G 9 -64.82 -21.68 -14.04
CA LEU G 9 -64.59 -22.37 -15.30
C LEU G 9 -65.86 -22.47 -16.13
N SER G 10 -67.03 -22.43 -15.48
CA SER G 10 -68.31 -22.49 -16.17
C SER G 10 -69.32 -21.63 -15.41
N LEU G 11 -70.18 -20.93 -16.13
CA LEU G 11 -71.29 -20.23 -15.49
C LEU G 11 -72.51 -20.20 -16.39
N PRO G 12 -73.58 -20.90 -16.04
CA PRO G 12 -74.83 -20.77 -16.79
C PRO G 12 -75.51 -19.45 -16.48
N VAL G 13 -75.91 -18.91 -17.61
CA VAL G 13 -76.52 -17.62 -17.34
C VAL G 13 -77.86 -17.52 -18.05
N SER G 14 -78.57 -16.23 -17.88
CA SER G 14 -79.77 -15.85 -18.59
C SER G 14 -79.51 -14.58 -19.39
N PHE G 15 -80.01 -14.53 -20.62
CA PHE G 15 -79.88 -13.33 -21.44
C PHE G 15 -80.48 -12.14 -20.68
N GLY G 16 -79.71 -11.04 -20.64
CA GLY G 16 -80.10 -9.81 -19.94
C GLY G 16 -79.32 -9.64 -18.64
N ASP G 17 -78.80 -10.72 -18.09
CA ASP G 17 -78.08 -10.70 -16.81
C ASP G 17 -76.75 -9.96 -16.95
N GLN G 18 -76.17 -9.55 -15.84
CA GLN G 18 -74.81 -8.97 -15.81
C GLN G 18 -73.88 -10.11 -15.39
N VAL G 19 -72.96 -10.52 -16.26
CA VAL G 19 -71.98 -11.59 -15.96
C VAL G 19 -70.66 -10.91 -15.63
N SER G 20 -69.84 -11.50 -14.78
CA SER G 20 -68.50 -10.99 -14.46
C SER G 20 -67.55 -12.17 -14.43
N ILE G 21 -66.41 -12.07 -15.11
CA ILE G 21 -65.39 -13.15 -15.14
C ILE G 21 -64.17 -12.60 -14.43
N SER G 22 -63.58 -13.32 -13.48
CA SER G 22 -62.35 -12.90 -12.76
C SER G 22 -61.12 -13.55 -13.38
N CYS G 23 -59.96 -12.93 -13.25
CA CYS G 23 -58.66 -13.50 -13.66
C CYS G 23 -57.63 -13.00 -12.66
N ARG G 24 -57.10 -13.87 -11.82
CA ARG G 24 -56.09 -13.52 -10.80
C ARG G 24 -54.73 -14.02 -11.28
N SER G 25 -53.67 -13.25 -11.12
CA SER G 25 -52.31 -13.58 -11.60
C SER G 25 -51.42 -13.93 -10.41
N SER G 26 -50.56 -14.92 -10.57
CA SER G 26 -49.61 -15.39 -9.53
C SER G 26 -48.72 -14.24 -9.08
N GLN G 27 -48.50 -13.25 -9.94
CA GLN G 27 -47.65 -12.12 -9.59
C GLN G 27 -48.15 -10.91 -10.36
N SER G 28 -47.68 -9.73 -9.98
CA SER G 28 -48.16 -8.51 -10.60
C SER G 28 -47.81 -8.50 -12.08
N LEU G 29 -48.76 -8.02 -12.89
CA LEU G 29 -48.55 -7.85 -14.33
C LEU G 29 -48.18 -6.41 -14.67
N ALA G 30 -47.77 -5.64 -13.67
CA ALA G 30 -47.39 -4.25 -13.89
C ALA G 30 -45.92 -4.15 -14.28
N ASN G 31 -45.63 -3.14 -15.08
CA ASN G 31 -44.32 -2.87 -15.63
C ASN G 31 -43.47 -2.13 -14.59
N SER G 32 -42.18 -1.96 -14.92
CA SER G 32 -41.38 -0.97 -14.21
C SER G 32 -41.81 0.44 -14.59
N TYR G 33 -42.56 0.58 -15.68
CA TYR G 33 -43.12 1.84 -16.14
C TYR G 33 -44.62 1.96 -15.91
N GLY G 34 -45.25 0.98 -15.27
CA GLY G 34 -46.65 1.09 -14.93
C GLY G 34 -47.62 0.69 -16.03
N ASN G 35 -47.15 -0.04 -17.04
CA ASN G 35 -48.04 -0.61 -18.04
C ASN G 35 -48.42 -2.04 -17.63
N THR G 36 -49.68 -2.40 -17.86
CA THR G 36 -50.21 -3.71 -17.49
C THR G 36 -50.80 -4.35 -18.74
N TYR G 37 -50.06 -5.29 -19.34
CA TYR G 37 -50.44 -5.89 -20.61
C TYR G 37 -51.28 -7.14 -20.36
N LEU G 38 -52.54 -6.89 -20.00
CA LEU G 38 -53.53 -7.94 -19.75
C LEU G 38 -54.69 -7.74 -20.71
N SER G 39 -55.06 -8.80 -21.43
CA SER G 39 -56.11 -8.74 -22.43
C SER G 39 -57.12 -9.85 -22.20
N TRP G 40 -58.33 -9.65 -22.75
CA TRP G 40 -59.43 -10.59 -22.64
C TRP G 40 -59.89 -10.97 -24.04
N TYR G 41 -60.22 -12.25 -24.23
CA TYR G 41 -60.60 -12.79 -25.54
C TYR G 41 -61.86 -13.61 -25.43
N LEU G 42 -62.63 -13.66 -26.52
CA LEU G 42 -63.85 -14.48 -26.62
C LEU G 42 -63.69 -15.44 -27.80
N HIS G 43 -64.02 -16.68 -27.60
CA HIS G 43 -63.89 -17.75 -28.60
C HIS G 43 -65.28 -18.32 -28.86
N LYS G 44 -66.01 -17.72 -29.79
CA LYS G 44 -67.26 -18.31 -30.25
C LYS G 44 -66.96 -19.57 -31.05
N PRO G 45 -67.87 -20.55 -31.06
CA PRO G 45 -67.53 -21.85 -31.63
C PRO G 45 -67.07 -21.82 -33.08
N GLY G 46 -67.74 -21.06 -33.94
CA GLY G 46 -67.44 -21.10 -35.35
C GLY G 46 -66.26 -20.27 -35.82
N GLN G 47 -65.62 -19.53 -34.91
CA GLN G 47 -64.64 -18.53 -35.28
C GLN G 47 -63.34 -18.77 -34.50
N SER G 48 -62.35 -17.96 -34.79
CA SER G 48 -61.13 -17.96 -34.01
C SER G 48 -61.24 -16.95 -32.88
N PRO G 49 -60.47 -17.15 -31.79
CA PRO G 49 -60.50 -16.17 -30.70
C PRO G 49 -60.37 -14.73 -31.22
N GLN G 50 -61.26 -13.87 -30.76
CA GLN G 50 -61.24 -12.45 -31.13
C GLN G 50 -60.99 -11.62 -29.89
N LEU G 51 -60.10 -10.63 -30.03
CA LEU G 51 -59.76 -9.77 -28.90
C LEU G 51 -60.93 -8.88 -28.52
N LEU G 52 -61.22 -8.76 -27.24
CA LEU G 52 -62.34 -7.92 -26.72
C LEU G 52 -61.77 -6.69 -26.03
N ILE G 53 -60.81 -6.85 -25.13
CA ILE G 53 -60.25 -5.72 -24.33
C ILE G 53 -58.73 -5.93 -24.16
N TYR G 54 -57.96 -4.87 -24.06
CA TYR G 54 -56.51 -4.93 -23.85
C TYR G 54 -56.10 -3.86 -22.84
N GLU G 55 -54.97 -4.11 -22.19
CA GLU G 55 -54.43 -3.23 -21.16
C GLU G 55 -55.52 -2.82 -20.15
N ILE G 56 -56.08 -3.84 -19.51
CA ILE G 56 -57.07 -3.67 -18.45
C ILE G 56 -58.36 -3.09 -19.00
N SER G 57 -58.32 -1.83 -19.44
CA SER G 57 -59.53 -1.04 -19.63
C SER G 57 -59.94 -0.82 -21.08
N ASN G 58 -59.01 -0.91 -22.03
CA ASN G 58 -59.26 -0.43 -23.38
C ASN G 58 -60.04 -1.46 -24.19
N ARG G 59 -61.10 -1.00 -24.86
CA ARG G 59 -61.96 -1.87 -25.68
C ARG G 59 -61.43 -1.85 -27.12
N PHE G 60 -61.30 -3.01 -27.72
CA PHE G 60 -60.79 -3.14 -29.08
C PHE G 60 -61.82 -2.64 -30.08
N SER G 61 -61.34 -2.00 -31.14
CA SER G 61 -62.24 -1.42 -32.13
C SER G 61 -63.18 -2.48 -32.67
N GLY G 62 -64.47 -2.14 -32.76
CA GLY G 62 -65.49 -3.06 -33.20
C GLY G 62 -66.11 -3.92 -32.12
N VAL G 63 -65.59 -3.88 -30.90
CA VAL G 63 -66.10 -4.74 -29.81
C VAL G 63 -67.31 -4.01 -29.23
N PRO G 64 -68.43 -4.69 -28.90
CA PRO G 64 -69.62 -4.03 -28.39
C PRO G 64 -69.32 -3.30 -27.07
N ASP G 65 -70.15 -2.35 -26.68
CA ASP G 65 -69.92 -1.48 -25.50
C ASP G 65 -70.39 -2.14 -24.20
N ARG G 66 -71.12 -3.24 -24.27
CA ARG G 66 -71.51 -4.04 -23.07
C ARG G 66 -70.25 -4.56 -22.39
N PHE G 67 -69.18 -4.76 -23.15
CA PHE G 67 -67.90 -5.32 -22.64
C PHE G 67 -67.12 -4.20 -21.94
N SER G 68 -66.52 -4.50 -20.79
CA SER G 68 -65.76 -3.53 -19.99
C SER G 68 -64.70 -4.32 -19.21
N GLY G 69 -63.57 -3.68 -18.89
CA GLY G 69 -62.48 -4.33 -18.16
C GLY G 69 -61.98 -3.45 -17.04
N SER G 70 -61.82 -4.00 -15.84
CA SER G 70 -61.35 -3.25 -14.68
C SER G 70 -60.37 -4.12 -13.90
N GLY G 71 -59.86 -3.55 -12.80
CA GLY G 71 -58.91 -4.23 -11.94
C GLY G 71 -57.48 -3.80 -12.21
N SER G 72 -56.61 -4.16 -11.28
CA SER G 72 -55.18 -3.87 -11.42
C SER G 72 -54.43 -4.69 -10.37
N GLY G 73 -53.10 -4.60 -10.43
CA GLY G 73 -52.26 -5.35 -9.53
C GLY G 73 -52.14 -6.81 -9.95
N THR G 74 -52.97 -7.67 -9.34
CA THR G 74 -52.98 -9.12 -9.63
C THR G 74 -54.38 -9.60 -10.00
N ASP G 75 -55.43 -8.80 -9.80
CA ASP G 75 -56.83 -9.22 -10.03
C ASP G 75 -57.46 -8.33 -11.10
N PHE G 76 -58.11 -8.94 -12.08
CA PHE G 76 -58.76 -8.23 -13.21
C PHE G 76 -60.15 -8.82 -13.38
N THR G 77 -61.11 -8.05 -13.91
CA THR G 77 -62.49 -8.53 -14.13
C THR G 77 -63.05 -8.09 -15.48
N LEU G 78 -63.70 -8.97 -16.23
CA LEU G 78 -64.43 -8.59 -17.47
C LEU G 78 -65.89 -8.47 -17.08
N ASN G 79 -66.58 -7.42 -17.49
CA ASN G 79 -68.00 -7.17 -17.16
C ASN G 79 -68.81 -7.17 -18.45
N ILE G 80 -69.81 -8.03 -18.60
CA ILE G 80 -70.75 -7.98 -19.75
C ILE G 80 -72.05 -7.50 -19.11
N SER G 81 -72.53 -6.32 -19.48
CA SER G 81 -73.69 -5.66 -18.82
C SER G 81 -75.02 -6.38 -19.08
N THR G 82 -75.29 -6.79 -20.32
CA THR G 82 -76.55 -7.45 -20.71
C THR G 82 -76.22 -8.56 -21.69
N ILE G 83 -76.10 -9.79 -21.22
CA ILE G 83 -75.66 -10.92 -22.08
C ILE G 83 -76.64 -11.09 -23.24
N LYS G 84 -76.13 -11.43 -24.43
CA LYS G 84 -76.94 -11.67 -25.64
C LYS G 84 -76.65 -13.09 -26.14
N PRO G 85 -77.49 -13.73 -26.97
CA PRO G 85 -77.16 -15.10 -27.41
C PRO G 85 -75.81 -15.23 -28.09
N GLU G 86 -75.29 -14.16 -28.69
CA GLU G 86 -74.04 -14.23 -29.42
C GLU G 86 -72.82 -13.93 -28.55
N ASP G 87 -73.01 -13.76 -27.24
CA ASP G 87 -71.89 -13.58 -26.28
C ASP G 87 -71.45 -14.96 -25.79
N LEU G 88 -72.21 -16.03 -26.05
CA LEU G 88 -71.87 -17.35 -25.52
C LEU G 88 -70.61 -17.86 -26.18
N GLY G 89 -69.80 -18.55 -25.40
CA GLY G 89 -68.53 -19.09 -25.87
C GLY G 89 -67.57 -19.21 -24.70
N MET G 90 -66.27 -19.17 -25.03
CA MET G 90 -65.20 -19.30 -24.06
C MET G 90 -64.43 -18.00 -23.98
N TYR G 91 -64.27 -17.50 -22.76
CA TYR G 91 -63.53 -16.25 -22.49
C TYR G 91 -62.16 -16.65 -21.96
N TYR G 92 -61.11 -15.91 -22.26
CA TYR G 92 -59.76 -16.15 -21.77
C TYR G 92 -59.11 -14.82 -21.39
N CYS G 93 -58.32 -14.85 -20.33
CA CYS G 93 -57.40 -13.77 -20.03
C CYS G 93 -55.99 -14.14 -20.48
N LEU G 94 -55.24 -13.14 -20.90
CA LEU G 94 -53.87 -13.31 -21.35
C LEU G 94 -53.02 -12.22 -20.73
N GLN G 95 -51.89 -12.60 -20.14
CA GLN G 95 -50.88 -11.64 -19.69
C GLN G 95 -49.67 -11.75 -20.61
N GLY G 96 -49.21 -10.60 -21.10
CA GLY G 96 -48.02 -10.55 -21.93
C GLY G 96 -46.95 -9.69 -21.28
N THR G 97 -47.00 -9.55 -19.96
CA THR G 97 -46.02 -8.74 -19.25
C THR G 97 -44.72 -9.51 -19.01
N HIS G 98 -44.83 -10.81 -18.69
CA HIS G 98 -43.67 -11.62 -18.37
C HIS G 98 -43.60 -12.82 -19.31
N GLN G 99 -42.38 -13.18 -19.72
CA GLN G 99 -42.18 -14.30 -20.62
C GLN G 99 -42.17 -15.61 -19.83
N PRO G 100 -42.85 -16.66 -20.33
CA PRO G 100 -43.68 -16.68 -21.54
C PRO G 100 -45.07 -16.12 -21.27
N TRP G 101 -45.75 -15.64 -22.31
CA TRP G 101 -47.12 -15.19 -22.14
C TRP G 101 -47.98 -16.39 -21.73
N THR G 102 -48.92 -16.16 -20.82
CA THR G 102 -49.72 -17.22 -20.25
C THR G 102 -51.20 -16.86 -20.28
N PHE G 103 -52.03 -17.84 -20.65
CA PHE G 103 -53.47 -17.67 -20.69
C PHE G 103 -54.10 -18.20 -19.41
N GLY G 104 -55.35 -17.79 -19.18
CA GLY G 104 -56.15 -18.39 -18.14
C GLY G 104 -56.75 -19.71 -18.59
N GLY G 105 -57.38 -20.40 -17.64
CA GLY G 105 -57.98 -21.68 -17.95
C GLY G 105 -59.14 -21.57 -18.92
N GLY G 106 -59.88 -20.48 -18.86
CA GLY G 106 -61.02 -20.26 -19.74
C GLY G 106 -62.34 -20.38 -18.98
N THR G 107 -63.26 -19.47 -19.30
CA THR G 107 -64.61 -19.48 -18.75
C THR G 107 -65.60 -19.72 -19.88
N LYS G 108 -66.48 -20.70 -19.70
CA LYS G 108 -67.50 -21.03 -20.69
C LYS G 108 -68.84 -20.51 -20.20
N LEU G 109 -69.42 -19.57 -20.94
CA LEU G 109 -70.76 -19.02 -20.62
C LEU G 109 -71.81 -19.94 -21.26
N GLU G 110 -72.79 -20.37 -20.47
CA GLU G 110 -73.80 -21.35 -20.85
C GLU G 110 -75.19 -20.74 -20.67
N ILE G 111 -76.20 -21.54 -20.98
CA ILE G 111 -77.60 -21.14 -20.87
C ILE G 111 -78.15 -21.66 -19.54
N LYS G 112 -78.76 -20.77 -18.77
CA LYS G 112 -79.43 -21.17 -17.54
C LYS G 112 -80.84 -21.66 -17.86
N ARG G 113 -81.28 -22.69 -17.14
CA ARG G 113 -82.62 -23.21 -17.28
C ARG G 113 -82.95 -24.00 -16.01
N THR G 114 -84.19 -24.50 -15.95
CA THR G 114 -84.62 -25.28 -14.79
C THR G 114 -84.05 -26.69 -14.86
N VAL G 115 -83.94 -27.32 -13.69
CA VAL G 115 -83.48 -28.71 -13.63
C VAL G 115 -84.40 -29.59 -14.46
N ALA G 116 -83.80 -30.58 -15.12
CA ALA G 116 -84.55 -31.55 -15.91
C ALA G 116 -83.89 -32.90 -15.79
N ALA G 117 -84.68 -33.92 -15.50
CA ALA G 117 -84.12 -35.25 -15.22
C ALA G 117 -83.84 -36.00 -16.50
N PRO G 118 -82.71 -36.71 -16.59
CA PRO G 118 -82.43 -37.49 -17.79
C PRO G 118 -83.36 -38.68 -17.93
N SER G 119 -83.73 -38.96 -19.17
CA SER G 119 -84.31 -40.26 -19.51
C SER G 119 -83.18 -41.25 -19.74
N VAL G 120 -83.21 -42.37 -19.02
CA VAL G 120 -82.15 -43.36 -19.08
C VAL G 120 -82.60 -44.54 -19.93
N PHE G 121 -81.73 -44.97 -20.85
CA PHE G 121 -81.94 -46.18 -21.62
C PHE G 121 -80.63 -46.95 -21.65
N ILE G 122 -80.72 -48.28 -21.58
CA ILE G 122 -79.56 -49.16 -21.69
C ILE G 122 -79.74 -50.01 -22.94
N PHE G 123 -78.73 -50.03 -23.80
CA PHE G 123 -78.76 -50.79 -25.03
C PHE G 123 -77.80 -51.95 -24.95
N PRO G 124 -78.19 -53.17 -25.34
CA PRO G 124 -77.27 -54.30 -25.31
C PRO G 124 -76.49 -54.38 -26.61
N PRO G 125 -75.37 -55.10 -26.63
CA PRO G 125 -74.60 -55.21 -27.86
C PRO G 125 -75.33 -56.04 -28.89
N SER G 126 -75.10 -55.70 -30.16
CA SER G 126 -75.76 -56.43 -31.23
C SER G 126 -75.19 -57.83 -31.35
N ASP G 127 -75.99 -58.73 -31.93
CA ASP G 127 -75.49 -60.05 -32.27
C ASP G 127 -74.41 -59.97 -33.35
N GLU G 128 -74.48 -58.94 -34.20
CA GLU G 128 -73.52 -58.82 -35.29
C GLU G 128 -72.16 -58.37 -34.79
N GLN G 129 -72.13 -57.46 -33.81
CA GLN G 129 -70.85 -57.00 -33.29
C GLN G 129 -70.13 -58.12 -32.53
N LEU G 130 -70.89 -58.94 -31.80
CA LEU G 130 -70.25 -60.00 -31.02
C LEU G 130 -69.54 -61.01 -31.92
N LYS G 131 -70.05 -61.20 -33.14
CA LYS G 131 -69.38 -62.12 -34.06
C LYS G 131 -67.91 -61.77 -34.27
N SER G 132 -67.50 -60.54 -33.96
CA SER G 132 -66.13 -60.10 -34.19
C SER G 132 -65.32 -59.93 -32.91
N GLY G 133 -65.92 -60.15 -31.74
CA GLY G 133 -65.15 -60.35 -30.52
C GLY G 133 -65.25 -59.27 -29.46
N THR G 134 -65.88 -58.13 -29.73
CA THR G 134 -66.04 -57.09 -28.73
C THR G 134 -67.51 -56.80 -28.49
N ALA G 135 -67.82 -56.41 -27.25
CA ALA G 135 -69.18 -56.09 -26.82
C ALA G 135 -69.22 -54.63 -26.39
N SER G 136 -70.05 -53.84 -27.06
CA SER G 136 -70.28 -52.44 -26.72
C SER G 136 -71.66 -52.32 -26.11
N VAL G 137 -71.72 -52.04 -24.80
CA VAL G 137 -72.96 -51.81 -24.08
C VAL G 137 -73.12 -50.30 -23.87
N VAL G 138 -74.24 -49.75 -24.33
CA VAL G 138 -74.46 -48.31 -24.34
C VAL G 138 -75.54 -47.97 -23.32
N CYS G 139 -75.27 -46.90 -22.55
CA CYS G 139 -76.25 -46.30 -21.65
C CYS G 139 -76.47 -44.86 -22.09
N LEU G 140 -77.72 -44.48 -22.31
CA LEU G 140 -78.08 -43.17 -22.84
C LEU G 140 -78.80 -42.34 -21.80
N LEU G 141 -78.32 -41.11 -21.60
CA LEU G 141 -78.98 -40.10 -20.77
C LEU G 141 -79.49 -39.00 -21.68
N ASN G 142 -80.81 -38.83 -21.75
CA ASN G 142 -81.43 -37.95 -22.73
C ASN G 142 -82.06 -36.73 -22.07
N ASN G 143 -81.67 -35.55 -22.53
CA ASN G 143 -82.38 -34.30 -22.26
C ASN G 143 -82.45 -34.01 -20.76
N PHE G 144 -81.28 -33.64 -20.21
CA PHE G 144 -81.15 -33.29 -18.81
C PHE G 144 -80.41 -31.97 -18.66
N TYR G 145 -80.50 -31.40 -17.45
CA TYR G 145 -79.76 -30.21 -17.05
C TYR G 145 -79.80 -30.19 -15.53
N PRO G 146 -78.72 -29.79 -14.85
CA PRO G 146 -77.39 -29.36 -15.31
C PRO G 146 -76.54 -30.50 -15.88
N ARG G 147 -75.30 -30.21 -16.30
CA ARG G 147 -74.49 -31.24 -16.93
C ARG G 147 -74.05 -32.30 -15.92
N GLU G 148 -73.76 -31.89 -14.69
CA GLU G 148 -73.26 -32.80 -13.67
C GLU G 148 -74.12 -34.07 -13.60
N ALA G 149 -73.54 -35.20 -14.00
CA ALA G 149 -74.26 -36.48 -13.96
C ALA G 149 -73.25 -37.60 -13.84
N LYS G 150 -73.47 -38.48 -12.87
CA LYS G 150 -72.59 -39.62 -12.61
C LYS G 150 -73.23 -40.88 -13.19
N VAL G 151 -72.42 -41.67 -13.91
CA VAL G 151 -72.86 -42.91 -14.52
C VAL G 151 -71.97 -44.04 -14.01
N GLN G 152 -72.58 -45.09 -13.47
CA GLN G 152 -71.88 -46.22 -12.89
C GLN G 152 -72.34 -47.50 -13.57
N TRP G 153 -71.39 -48.22 -14.17
CA TRP G 153 -71.69 -49.52 -14.76
C TRP G 153 -71.51 -50.62 -13.72
N LYS G 154 -72.46 -51.54 -13.68
CA LYS G 154 -72.42 -52.67 -12.76
C LYS G 154 -72.69 -53.95 -13.53
N VAL G 155 -71.72 -54.87 -13.49
CA VAL G 155 -71.83 -56.18 -14.13
C VAL G 155 -71.97 -57.21 -13.02
N ASP G 156 -73.15 -57.81 -12.92
CA ASP G 156 -73.48 -58.71 -11.81
C ASP G 156 -73.25 -58.00 -10.47
N ASN G 157 -73.64 -56.72 -10.41
CA ASN G 157 -73.48 -55.89 -9.23
C ASN G 157 -72.02 -55.72 -8.82
N ALA G 158 -71.11 -55.78 -9.80
CA ALA G 158 -69.70 -55.47 -9.59
C ALA G 158 -69.42 -54.13 -10.24
N LEU G 159 -69.06 -53.13 -9.42
CA LEU G 159 -68.79 -51.80 -9.93
C LEU G 159 -67.60 -51.83 -10.88
N GLN G 160 -67.79 -51.28 -12.08
CA GLN G 160 -66.74 -51.23 -13.08
C GLN G 160 -65.89 -49.98 -12.91
N SER G 161 -64.79 -49.94 -13.66
CA SER G 161 -63.88 -48.79 -13.63
C SER G 161 -62.87 -48.87 -14.76
N GLY G 162 -62.77 -47.82 -15.57
CA GLY G 162 -61.74 -47.70 -16.58
C GLY G 162 -62.11 -48.25 -17.94
N ASN G 163 -63.12 -49.11 -18.04
CA ASN G 163 -63.51 -49.72 -19.30
C ASN G 163 -64.75 -49.06 -19.90
N SER G 164 -64.98 -47.77 -19.61
CA SER G 164 -66.11 -47.04 -20.16
C SER G 164 -65.66 -45.66 -20.57
N GLN G 165 -66.26 -45.15 -21.66
CA GLN G 165 -65.98 -43.81 -22.18
C GLN G 165 -67.29 -43.04 -22.31
N GLU G 166 -67.23 -41.75 -22.00
CA GLU G 166 -68.40 -40.88 -22.00
C GLU G 166 -68.31 -39.86 -23.11
N SER G 167 -69.49 -39.40 -23.56
CA SER G 167 -69.59 -38.40 -24.62
C SER G 167 -70.84 -37.57 -24.37
N VAL G 168 -70.71 -36.25 -24.43
CA VAL G 168 -71.79 -35.33 -24.07
C VAL G 168 -72.01 -34.36 -25.22
N THR G 169 -73.27 -34.20 -25.61
CA THR G 169 -73.62 -33.21 -26.63
C THR G 169 -73.55 -31.81 -26.03
N GLU G 170 -73.49 -30.82 -26.92
CA GLU G 170 -73.59 -29.43 -26.50
C GLU G 170 -75.05 -29.12 -26.13
N GLN G 171 -75.26 -27.97 -25.52
CA GLN G 171 -76.61 -27.56 -25.16
C GLN G 171 -77.48 -27.53 -26.42
N ASP G 172 -78.70 -28.04 -26.29
CA ASP G 172 -79.62 -28.11 -27.42
C ASP G 172 -80.22 -26.75 -27.71
N SER G 173 -80.33 -26.42 -29.01
CA SER G 173 -80.69 -25.06 -29.40
C SER G 173 -82.10 -24.70 -28.97
N LYS G 174 -82.97 -25.68 -28.78
CA LYS G 174 -84.38 -25.40 -28.48
C LYS G 174 -84.70 -25.41 -27.00
N ASP G 175 -84.19 -26.40 -26.24
CA ASP G 175 -84.53 -26.50 -24.81
C ASP G 175 -83.30 -26.45 -23.90
N SER G 176 -82.11 -26.22 -24.45
CA SER G 176 -80.92 -25.95 -23.66
C SER G 176 -80.56 -27.09 -22.72
N THR G 177 -80.95 -28.31 -23.07
CA THR G 177 -80.62 -29.47 -22.25
C THR G 177 -79.34 -30.14 -22.75
N TYR G 178 -78.89 -31.14 -22.00
CA TYR G 178 -77.74 -31.95 -22.36
C TYR G 178 -78.19 -33.40 -22.58
N SER G 179 -77.41 -34.12 -23.38
CA SER G 179 -77.55 -35.56 -23.51
C SER G 179 -76.16 -36.18 -23.45
N LEU G 180 -76.10 -37.42 -23.00
CA LEU G 180 -74.83 -38.07 -22.71
C LEU G 180 -74.95 -39.56 -23.03
N SER G 181 -73.87 -40.12 -23.59
CA SER G 181 -73.80 -41.54 -23.90
C SER G 181 -72.54 -42.11 -23.27
N SER G 182 -72.71 -43.17 -22.49
CA SER G 182 -71.61 -43.91 -21.89
C SER G 182 -71.59 -45.32 -22.48
N THR G 183 -70.42 -45.73 -22.97
CA THR G 183 -70.27 -47.02 -23.66
C THR G 183 -69.32 -47.91 -22.86
N LEU G 184 -69.83 -49.06 -22.42
CA LEU G 184 -69.01 -50.07 -21.77
C LEU G 184 -68.50 -51.04 -22.82
N THR G 185 -67.19 -51.22 -22.89
CA THR G 185 -66.57 -52.05 -23.91
C THR G 185 -65.89 -53.25 -23.26
N LEU G 186 -66.21 -54.43 -23.76
CA LEU G 186 -65.65 -55.68 -23.26
C LEU G 186 -65.36 -56.59 -24.45
N SER G 187 -64.55 -57.62 -24.19
CA SER G 187 -64.43 -58.70 -25.16
C SER G 187 -65.60 -59.66 -24.99
N LYS G 188 -65.89 -60.39 -26.06
CA LYS G 188 -67.05 -61.28 -26.04
C LYS G 188 -66.90 -62.34 -24.95
N ALA G 189 -65.67 -62.83 -24.74
CA ALA G 189 -65.42 -63.76 -23.64
C ALA G 189 -65.90 -63.17 -22.32
N ASP G 190 -65.39 -61.99 -21.97
CA ASP G 190 -65.80 -61.34 -20.73
C ASP G 190 -67.30 -61.09 -20.70
N TYR G 191 -67.88 -60.69 -21.84
CA TYR G 191 -69.29 -60.32 -21.85
C TYR G 191 -70.19 -61.53 -21.61
N GLU G 192 -69.83 -62.69 -22.17
CA GLU G 192 -70.70 -63.85 -22.13
C GLU G 192 -70.51 -64.70 -20.88
N LYS G 193 -69.66 -64.29 -19.94
CA LYS G 193 -69.53 -64.97 -18.66
C LYS G 193 -70.02 -64.08 -17.51
N HIS G 194 -70.96 -63.18 -17.81
CA HIS G 194 -71.76 -62.50 -16.80
C HIS G 194 -73.17 -62.34 -17.35
N LYS G 195 -74.12 -62.08 -16.46
CA LYS G 195 -75.54 -62.07 -16.79
C LYS G 195 -76.15 -60.68 -16.77
N VAL G 196 -76.10 -60.00 -15.63
CA VAL G 196 -76.82 -58.75 -15.43
C VAL G 196 -75.89 -57.58 -15.75
N TYR G 197 -76.32 -56.73 -16.67
CA TYR G 197 -75.58 -55.53 -17.06
C TYR G 197 -76.44 -54.33 -16.74
N ALA G 198 -76.01 -53.54 -15.76
CA ALA G 198 -76.79 -52.46 -15.20
C ALA G 198 -76.12 -51.12 -15.44
N CYS G 199 -76.94 -50.08 -15.56
CA CYS G 199 -76.49 -48.70 -15.65
C CYS G 199 -77.19 -47.89 -14.58
N GLU G 200 -76.42 -47.21 -13.73
CA GLU G 200 -76.95 -46.43 -12.63
C GLU G 200 -76.63 -44.97 -12.86
N VAL G 201 -77.66 -44.11 -12.82
CA VAL G 201 -77.52 -42.68 -13.10
C VAL G 201 -77.89 -41.90 -11.86
N THR G 202 -77.00 -41.02 -11.41
CA THR G 202 -77.27 -40.08 -10.34
C THR G 202 -77.24 -38.68 -10.92
N HIS G 203 -78.35 -37.95 -10.81
CA HIS G 203 -78.44 -36.61 -11.37
C HIS G 203 -79.37 -35.78 -10.49
N GLN G 204 -79.20 -34.46 -10.59
CA GLN G 204 -79.90 -33.53 -9.70
C GLN G 204 -81.42 -33.65 -9.83
N GLY G 205 -81.91 -33.92 -11.04
CA GLY G 205 -83.34 -34.05 -11.28
C GLY G 205 -83.94 -35.37 -10.89
N LEU G 206 -83.16 -36.30 -10.35
CA LEU G 206 -83.64 -37.60 -9.92
C LEU G 206 -83.63 -37.64 -8.40
N SER G 207 -84.80 -37.93 -7.81
CA SER G 207 -84.90 -37.98 -6.35
C SER G 207 -84.05 -39.11 -5.78
N SER G 208 -83.90 -40.21 -6.53
CA SER G 208 -83.00 -41.30 -6.16
C SER G 208 -82.45 -41.88 -7.46
N PRO G 209 -81.24 -42.45 -7.42
CA PRO G 209 -80.62 -42.92 -8.67
C PRO G 209 -81.52 -43.90 -9.40
N VAL G 210 -81.46 -43.84 -10.73
CA VAL G 210 -82.25 -44.70 -11.62
C VAL G 210 -81.32 -45.73 -12.23
N THR G 211 -81.72 -46.99 -12.18
CA THR G 211 -80.95 -48.08 -12.74
C THR G 211 -81.76 -48.79 -13.82
N LYS G 212 -81.24 -48.78 -15.05
CA LYS G 212 -81.79 -49.54 -16.16
C LYS G 212 -80.82 -50.68 -16.48
N SER G 213 -81.35 -51.89 -16.64
CA SER G 213 -80.51 -53.06 -16.76
C SER G 213 -81.14 -54.07 -17.70
N PHE G 214 -80.34 -55.07 -18.10
CA PHE G 214 -80.82 -56.17 -18.92
C PHE G 214 -80.07 -57.44 -18.54
N ASN G 215 -80.65 -58.58 -18.89
CA ASN G 215 -80.02 -59.88 -18.73
C ASN G 215 -79.54 -60.36 -20.09
N ARG G 216 -78.29 -60.83 -20.14
CA ARG G 216 -77.68 -61.19 -21.42
C ARG G 216 -78.41 -62.34 -22.10
N PCA H 1 -11.52 -14.84 -3.17
CA PCA H 1 -10.68 -14.64 -4.40
CB PCA H 1 -9.47 -13.76 -4.09
CG PCA H 1 -9.31 -13.81 -2.58
CD PCA H 1 -10.64 -14.33 -2.11
OE PCA H 1 -10.96 -14.32 -0.92
C PCA H 1 -10.19 -15.97 -4.94
O PCA H 1 -9.86 -16.88 -4.17
H2 PCA H 1 -11.79 -14.04 -2.88
HA PCA H 1 -11.22 -14.20 -5.09
HB2 PCA H 1 -8.68 -14.09 -4.56
HB3 PCA H 1 -9.65 -12.83 -4.39
HG2 PCA H 1 -8.57 -14.39 -2.33
HG3 PCA H 1 -9.16 -12.91 -2.23
N VAL H 2 -10.11 -16.10 -6.26
CA VAL H 2 -9.57 -17.30 -6.88
C VAL H 2 -8.05 -17.25 -6.80
N HIS H 3 -7.44 -18.39 -6.46
CA HIS H 3 -5.99 -18.50 -6.36
C HIS H 3 -5.52 -19.72 -7.13
N LEU H 4 -4.59 -19.51 -8.06
CA LEU H 4 -4.04 -20.56 -8.89
C LEU H 4 -2.65 -20.96 -8.39
N GLN H 5 -2.32 -22.25 -8.52
CA GLN H 5 -1.12 -22.80 -7.93
C GLN H 5 -0.55 -23.86 -8.87
N GLU H 6 0.61 -23.60 -9.46
CA GLU H 6 1.27 -24.59 -10.29
C GLU H 6 1.97 -25.64 -9.45
N SER H 7 2.04 -26.85 -9.99
CA SER H 7 2.86 -27.92 -9.44
C SER H 7 3.42 -28.73 -10.60
N GLY H 8 4.44 -29.52 -10.30
CA GLY H 8 5.08 -30.33 -11.31
C GLY H 8 6.59 -30.18 -11.30
N PRO H 9 7.30 -31.09 -11.96
CA PRO H 9 8.76 -31.07 -11.90
C PRO H 9 9.35 -29.85 -12.57
N GLY H 10 10.54 -29.46 -12.09
CA GLY H 10 11.24 -28.33 -12.64
C GLY H 10 12.41 -28.73 -13.53
N LEU H 11 12.70 -30.02 -13.59
CA LEU H 11 13.75 -30.56 -14.45
C LEU H 11 13.15 -31.62 -15.34
N VAL H 12 13.33 -31.47 -16.66
CA VAL H 12 12.71 -32.34 -17.65
C VAL H 12 13.76 -32.71 -18.69
N LYS H 13 13.88 -34.00 -18.98
CA LYS H 13 14.92 -34.48 -19.87
C LYS H 13 14.56 -34.23 -21.33
N PRO H 14 15.56 -33.96 -22.18
CA PRO H 14 15.26 -33.68 -23.59
C PRO H 14 14.53 -34.84 -24.26
N SER H 15 13.59 -34.47 -25.13
CA SER H 15 12.79 -35.43 -25.89
C SER H 15 11.67 -36.02 -25.04
N GLU H 16 11.82 -35.99 -23.71
CA GLU H 16 10.74 -36.40 -22.83
C GLU H 16 9.67 -35.29 -22.81
N THR H 17 8.64 -35.47 -22.00
CA THR H 17 7.45 -34.62 -22.06
C THR H 17 7.27 -33.87 -20.74
N LEU H 18 7.23 -32.55 -20.82
CA LEU H 18 6.94 -31.71 -19.67
C LEU H 18 5.46 -31.80 -19.31
N SER H 19 5.18 -31.93 -18.01
CA SER H 19 3.81 -32.04 -17.54
C SER H 19 3.66 -31.20 -16.27
N LEU H 20 2.79 -30.20 -16.32
CA LEU H 20 2.52 -29.32 -15.21
C LEU H 20 1.04 -29.39 -14.84
N THR H 21 0.70 -28.83 -13.69
CA THR H 21 -0.67 -28.85 -13.21
C THR H 21 -0.96 -27.56 -12.46
N CYS H 22 -2.21 -27.09 -12.57
CA CYS H 22 -2.69 -25.94 -11.86
C CYS H 22 -3.92 -26.35 -11.06
N THR H 23 -3.94 -26.03 -9.78
CA THR H 23 -5.07 -26.33 -8.91
C THR H 23 -5.73 -25.02 -8.49
N VAL H 24 -7.06 -24.99 -8.58
CA VAL H 24 -7.83 -23.77 -8.35
C VAL H 24 -8.30 -23.75 -6.90
N SER H 25 -8.15 -22.60 -6.25
CA SER H 25 -8.67 -22.36 -4.92
C SER H 25 -9.70 -21.23 -4.98
N GLY H 26 -10.58 -21.18 -3.99
CA GLY H 26 -11.56 -20.12 -3.93
C GLY H 26 -12.41 -19.97 -5.16
N GLY H 27 -12.56 -21.03 -5.94
CA GLY H 27 -13.33 -20.98 -7.17
C GLY H 27 -13.38 -22.35 -7.79
N SER H 28 -14.23 -22.48 -8.80
CA SER H 28 -14.46 -23.75 -9.48
C SER H 28 -13.91 -23.68 -10.90
N VAL H 29 -13.19 -24.73 -11.31
CA VAL H 29 -12.75 -24.83 -12.69
C VAL H 29 -13.93 -25.06 -13.63
N SER H 30 -15.08 -25.48 -13.10
CA SER H 30 -16.27 -25.71 -13.91
C SER H 30 -17.00 -24.41 -14.24
N SER H 31 -16.58 -23.27 -13.68
CA SER H 31 -17.27 -22.02 -13.95
C SER H 31 -17.23 -21.71 -15.45
N GLY H 32 -18.40 -21.43 -16.01
CA GLY H 32 -18.53 -21.15 -17.42
C GLY H 32 -18.09 -19.78 -17.86
N ILE H 33 -17.47 -19.01 -16.97
CA ILE H 33 -17.02 -17.68 -17.32
C ILE H 33 -15.62 -17.69 -17.97
N TYR H 34 -14.81 -18.69 -17.65
CA TYR H 34 -13.36 -18.57 -17.78
C TYR H 34 -12.79 -19.54 -18.81
N TYR H 35 -11.78 -19.07 -19.53
CA TYR H 35 -10.81 -19.92 -20.20
C TYR H 35 -9.63 -20.12 -19.25
N TRP H 36 -9.23 -21.36 -19.03
CA TRP H 36 -8.07 -21.67 -18.19
C TRP H 36 -6.85 -21.79 -19.09
N SER H 37 -5.91 -20.86 -18.90
CA SER H 37 -4.83 -20.63 -19.85
C SER H 37 -3.49 -21.13 -19.32
N TRP H 38 -2.55 -21.30 -20.25
CA TRP H 38 -1.16 -21.58 -19.95
C TRP H 38 -0.30 -20.59 -20.71
N ILE H 39 0.52 -19.84 -19.99
CA ILE H 39 1.39 -18.82 -20.55
C ILE H 39 2.79 -19.03 -19.98
N ARG H 40 3.80 -18.97 -20.84
CA ARG H 40 5.17 -19.18 -20.41
C ARG H 40 6.03 -17.97 -20.76
N GLN H 41 7.21 -17.94 -20.15
CA GLN H 41 8.12 -16.79 -20.26
C GLN H 41 9.54 -17.32 -20.16
N PRO H 42 10.23 -17.51 -21.29
CA PRO H 42 11.62 -17.98 -21.22
C PRO H 42 12.49 -16.95 -20.53
N PRO H 43 13.59 -17.38 -19.92
CA PRO H 43 14.34 -16.48 -19.03
C PRO H 43 14.87 -15.26 -19.77
N GLY H 44 14.53 -14.09 -19.24
CA GLY H 44 15.00 -12.83 -19.81
C GLY H 44 14.23 -12.34 -21.01
N LYS H 45 13.10 -12.97 -21.35
CA LYS H 45 12.36 -12.60 -22.55
C LYS H 45 10.89 -12.34 -22.24
N GLY H 46 10.08 -12.13 -23.26
CA GLY H 46 8.69 -11.76 -23.09
C GLY H 46 7.78 -12.95 -22.84
N LEU H 47 6.49 -12.66 -22.84
CA LEU H 47 5.47 -13.66 -22.55
C LEU H 47 4.96 -14.28 -23.84
N GLU H 48 4.71 -15.59 -23.80
CA GLU H 48 4.18 -16.34 -24.93
C GLU H 48 3.00 -17.17 -24.46
N TRP H 49 1.85 -16.97 -25.09
CA TRP H 49 0.65 -17.74 -24.80
C TRP H 49 0.75 -19.12 -25.43
N ILE H 50 0.44 -20.16 -24.66
CA ILE H 50 0.48 -21.53 -25.13
C ILE H 50 -0.88 -22.04 -25.57
N GLY H 51 -1.89 -21.86 -24.73
CA GLY H 51 -3.22 -22.35 -25.04
C GLY H 51 -4.15 -22.16 -23.86
N TYR H 52 -5.44 -22.38 -24.12
CA TYR H 52 -6.45 -22.34 -23.07
C TYR H 52 -7.39 -23.52 -23.22
N ILE H 53 -8.13 -23.80 -22.15
CA ILE H 53 -9.13 -24.86 -22.15
C ILE H 53 -10.39 -24.34 -21.46
N TYR H 54 -11.53 -24.80 -21.94
CA TYR H 54 -12.83 -24.54 -21.33
C TYR H 54 -13.31 -25.79 -20.60
N TYR H 55 -14.13 -25.59 -19.57
CA TYR H 55 -14.50 -26.70 -18.70
C TYR H 55 -15.16 -27.83 -19.49
N SER H 56 -15.85 -27.50 -20.58
CA SER H 56 -16.49 -28.52 -21.41
C SER H 56 -15.48 -29.40 -22.14
N GLY H 57 -14.20 -29.04 -22.12
CA GLY H 57 -13.15 -29.82 -22.74
C GLY H 57 -12.55 -29.20 -23.98
N SER H 58 -13.22 -28.22 -24.59
CA SER H 58 -12.71 -27.61 -25.80
C SER H 58 -11.43 -26.83 -25.52
N THR H 59 -10.57 -26.77 -26.51
CA THR H 59 -9.24 -26.20 -26.36
C THR H 59 -8.92 -25.26 -27.51
N ASN H 60 -7.78 -24.57 -27.39
CA ASN H 60 -7.32 -23.63 -28.39
C ASN H 60 -5.85 -23.34 -28.11
N TYR H 61 -4.97 -23.77 -29.00
CA TYR H 61 -3.53 -23.75 -28.78
C TYR H 61 -2.84 -22.73 -29.66
N ASN H 62 -1.60 -22.43 -29.30
CA ASN H 62 -0.72 -21.62 -30.14
C ASN H 62 -0.26 -22.46 -31.32
N PRO H 63 -0.54 -22.05 -32.57
CA PRO H 63 -0.20 -22.93 -33.71
C PRO H 63 1.27 -23.30 -33.77
N SER H 64 2.16 -22.48 -33.20
CA SER H 64 3.58 -22.82 -33.17
C SER H 64 3.88 -24.02 -32.29
N LEU H 65 2.96 -24.40 -31.41
CA LEU H 65 3.14 -25.51 -30.49
C LEU H 65 2.08 -26.59 -30.64
N LYS H 66 1.13 -26.42 -31.56
CA LYS H 66 -0.09 -27.23 -31.53
C LYS H 66 0.20 -28.72 -31.60
N SER H 67 1.30 -29.12 -32.23
CA SER H 67 1.59 -30.55 -32.37
C SER H 67 2.08 -31.19 -31.09
N ARG H 68 2.64 -30.42 -30.16
CA ARG H 68 3.21 -30.97 -28.95
C ARG H 68 2.42 -30.64 -27.68
N VAL H 69 1.47 -29.72 -27.75
CA VAL H 69 0.71 -29.29 -26.59
C VAL H 69 -0.55 -30.13 -26.45
N THR H 70 -0.83 -30.53 -25.21
CA THR H 70 -2.15 -31.03 -24.83
C THR H 70 -2.52 -30.38 -23.50
N ILE H 71 -3.55 -29.54 -23.51
CA ILE H 71 -4.15 -29.03 -22.28
C ILE H 71 -5.38 -29.89 -21.98
N SER H 72 -5.52 -30.29 -20.72
CA SER H 72 -6.65 -31.08 -20.28
C SER H 72 -7.22 -30.46 -19.02
N VAL H 73 -8.47 -30.79 -18.72
CA VAL H 73 -9.18 -30.25 -17.57
C VAL H 73 -9.79 -31.41 -16.79
N ASP H 74 -9.61 -31.39 -15.47
CA ASP H 74 -10.17 -32.39 -14.57
C ASP H 74 -11.11 -31.68 -13.61
N THR H 75 -12.41 -31.96 -13.74
CA THR H 75 -13.43 -31.21 -13.00
C THR H 75 -13.49 -31.61 -11.53
N SER H 76 -13.22 -32.87 -11.21
CA SER H 76 -13.36 -33.33 -9.83
C SER H 76 -12.13 -33.02 -8.98
N LYS H 77 -10.93 -33.03 -9.58
CA LYS H 77 -9.77 -32.52 -8.85
C LYS H 77 -9.77 -31.00 -8.73
N ASN H 78 -10.64 -30.32 -9.48
CA ASN H 78 -10.61 -28.86 -9.60
C ASN H 78 -9.24 -28.40 -10.10
N GLN H 79 -8.75 -29.08 -11.13
CA GLN H 79 -7.44 -28.81 -11.70
C GLN H 79 -7.51 -28.75 -13.22
N PHE H 80 -6.44 -28.23 -13.82
CA PHE H 80 -6.19 -28.36 -15.24
C PHE H 80 -4.68 -28.41 -15.44
N SER H 81 -4.27 -28.98 -16.58
CA SER H 81 -2.87 -29.35 -16.76
C SER H 81 -2.42 -29.11 -18.19
N LEU H 82 -1.11 -29.18 -18.38
CA LEU H 82 -0.45 -28.95 -19.66
C LEU H 82 0.58 -30.04 -19.88
N LYS H 83 0.55 -30.68 -21.05
CA LYS H 83 1.57 -31.64 -21.45
C LYS H 83 2.25 -31.12 -22.71
N LEU H 84 3.56 -30.92 -22.63
CA LEU H 84 4.38 -30.42 -23.73
C LEU H 84 5.38 -31.52 -24.08
N SER H 85 5.25 -32.09 -25.26
CA SER H 85 5.99 -33.30 -25.64
C SER H 85 7.25 -32.94 -26.43
N SER H 86 8.20 -33.86 -26.41
CA SER H 86 9.44 -33.77 -27.19
C SER H 86 10.10 -32.40 -27.00
N VAL H 87 10.38 -32.08 -25.75
CA VAL H 87 10.87 -30.76 -25.39
C VAL H 87 12.34 -30.62 -25.73
N THR H 88 12.75 -29.38 -26.02
CA THR H 88 14.16 -29.06 -26.23
C THR H 88 14.55 -27.88 -25.34
N ALA H 89 15.74 -27.32 -25.57
CA ALA H 89 16.18 -26.18 -24.78
C ALA H 89 15.33 -24.94 -25.04
N ALA H 90 14.74 -24.84 -26.23
CA ALA H 90 13.85 -23.72 -26.51
C ALA H 90 12.66 -23.66 -25.57
N ASP H 91 12.39 -24.75 -24.84
CA ASP H 91 11.22 -24.84 -23.97
C ASP H 91 11.53 -24.56 -22.51
N THR H 92 12.80 -24.35 -22.17
CA THR H 92 13.14 -23.88 -20.83
C THR H 92 12.49 -22.52 -20.59
N ALA H 93 11.78 -22.38 -19.48
CA ALA H 93 10.97 -21.19 -19.26
C ALA H 93 10.30 -21.27 -17.89
N VAL H 94 9.72 -20.14 -17.49
CA VAL H 94 8.76 -20.10 -16.39
C VAL H 94 7.37 -20.31 -16.97
N TYR H 95 6.62 -21.25 -16.42
CA TYR H 95 5.30 -21.61 -16.93
C TYR H 95 4.24 -21.17 -15.94
N TYR H 96 3.37 -20.26 -16.38
CA TYR H 96 2.26 -19.77 -15.57
C TYR H 96 0.96 -20.44 -16.01
N CYS H 97 0.18 -20.91 -15.05
CA CYS H 97 -1.24 -21.10 -15.28
C CYS H 97 -1.96 -19.80 -14.94
N ALA H 98 -3.04 -19.53 -15.65
CA ALA H 98 -3.70 -18.24 -15.55
C ALA H 98 -5.16 -18.41 -15.95
N ARG H 99 -5.91 -17.31 -15.90
CA ARG H 99 -7.36 -17.32 -16.08
C ARG H 99 -7.77 -16.23 -17.06
N ASP H 100 -8.52 -16.62 -18.08
CA ASP H 100 -9.06 -15.72 -19.09
C ASP H 100 -10.58 -15.85 -19.11
N TYR H 101 -11.22 -15.23 -20.09
CA TYR H 101 -12.67 -15.08 -20.10
C TYR H 101 -13.28 -15.72 -21.34
N TYR H 102 -14.33 -16.51 -21.11
CA TYR H 102 -14.99 -17.28 -22.16
C TYR H 102 -15.86 -16.39 -23.02
N VAL H 103 -15.80 -16.60 -24.34
CA VAL H 103 -16.61 -15.88 -25.31
C VAL H 103 -17.58 -16.87 -25.93
N SER H 104 -18.89 -16.66 -25.76
CA SER H 104 -19.94 -17.52 -26.36
C SER H 104 -19.84 -17.54 -27.88
N GLY H 105 -20.16 -18.66 -28.51
CA GLY H 105 -20.20 -18.76 -29.98
C GLY H 105 -21.47 -18.16 -30.58
N ASN H 106 -22.39 -17.66 -29.76
CA ASN H 106 -23.67 -17.08 -30.20
C ASN H 106 -23.55 -15.57 -30.47
N TYR H 107 -22.48 -14.90 -30.05
CA TYR H 107 -22.27 -13.45 -30.29
C TYR H 107 -21.70 -13.25 -31.69
N TYR H 108 -22.54 -12.94 -32.67
CA TYR H 108 -22.13 -12.70 -34.06
C TYR H 108 -21.30 -11.42 -34.11
N ASN H 109 -21.61 -10.46 -33.24
CA ASN H 109 -20.93 -9.15 -33.17
C ASN H 109 -19.68 -9.16 -32.28
N VAL H 110 -19.21 -10.32 -31.82
CA VAL H 110 -18.02 -10.44 -30.93
C VAL H 110 -16.98 -11.29 -31.64
N ASP H 111 -15.94 -10.67 -32.16
CA ASP H 111 -14.83 -11.32 -32.90
C ASP H 111 -13.55 -11.06 -32.10
N TYR H 112 -13.60 -11.15 -30.78
CA TYR H 112 -12.48 -10.78 -29.91
C TYR H 112 -12.60 -11.40 -28.52
N TYR H 113 -11.61 -11.17 -27.69
CA TYR H 113 -11.55 -11.67 -26.29
C TYR H 113 -11.64 -10.45 -25.39
N PHE H 114 -12.72 -10.32 -24.64
CA PHE H 114 -12.97 -9.15 -23.76
C PHE H 114 -12.24 -9.36 -22.43
N PHE H 115 -12.10 -8.31 -21.65
CA PHE H 115 -11.38 -8.34 -20.36
C PHE H 115 -9.93 -8.79 -20.63
N GLY H 116 -9.33 -9.59 -19.76
CA GLY H 116 -7.94 -10.04 -19.93
C GLY H 116 -7.52 -11.11 -18.93
N VAL H 117 -6.24 -11.44 -18.92
CA VAL H 117 -5.67 -12.46 -17.99
C VAL H 117 -5.45 -11.75 -16.66
N ASP H 118 -6.36 -11.92 -15.72
CA ASP H 118 -6.35 -11.14 -14.47
C ASP H 118 -5.91 -11.95 -13.25
N VAL H 119 -6.01 -13.28 -13.27
CA VAL H 119 -5.48 -14.11 -12.19
C VAL H 119 -4.41 -15.03 -12.76
N TRP H 120 -3.27 -15.06 -12.10
CA TRP H 120 -2.14 -15.89 -12.49
C TRP H 120 -1.71 -16.76 -11.32
N GLY H 121 -0.97 -17.81 -11.63
CA GLY H 121 -0.20 -18.50 -10.62
C GLY H 121 1.11 -17.76 -10.38
N GLN H 122 1.91 -18.33 -9.47
CA GLN H 122 3.25 -17.78 -9.25
C GLN H 122 4.20 -18.12 -10.38
N GLY H 123 3.87 -19.14 -11.19
CA GLY H 123 4.78 -19.63 -12.20
C GLY H 123 5.80 -20.59 -11.61
N THR H 124 6.10 -21.67 -12.32
CA THR H 124 7.13 -22.61 -11.93
C THR H 124 8.19 -22.66 -13.03
N THR H 125 9.46 -22.67 -12.60
CA THR H 125 10.57 -22.75 -13.55
C THR H 125 10.84 -24.20 -13.90
N VAL H 126 10.80 -24.52 -15.20
CA VAL H 126 11.19 -25.84 -15.69
C VAL H 126 12.40 -25.65 -16.61
N THR H 127 13.41 -26.48 -16.40
CA THR H 127 14.66 -26.42 -17.16
C THR H 127 14.80 -27.73 -17.93
N VAL H 128 14.89 -27.62 -19.25
CA VAL H 128 15.12 -28.81 -20.08
C VAL H 128 16.62 -29.08 -20.09
N SER H 129 17.03 -30.18 -19.45
CA SER H 129 18.43 -30.50 -19.31
C SER H 129 18.60 -32.00 -19.18
N SER H 130 19.79 -32.48 -19.55
CA SER H 130 20.15 -33.87 -19.35
C SER H 130 20.79 -34.13 -17.99
N ALA H 131 21.22 -33.06 -17.31
CA ALA H 131 21.95 -33.20 -16.07
C ALA H 131 21.03 -33.58 -14.92
N SER H 132 21.57 -34.28 -13.94
CA SER H 132 20.85 -34.60 -12.73
C SER H 132 20.80 -33.39 -11.81
N THR H 133 19.77 -33.33 -10.98
CA THR H 133 19.63 -32.22 -10.04
C THR H 133 20.73 -32.30 -8.99
N LYS H 134 21.24 -31.13 -8.59
CA LYS H 134 22.22 -31.03 -7.53
C LYS H 134 21.79 -29.93 -6.57
N GLY H 135 21.69 -30.27 -5.29
CA GLY H 135 21.36 -29.30 -4.26
C GLY H 135 22.56 -28.46 -3.89
N PRO H 136 22.32 -27.30 -3.28
CA PRO H 136 23.41 -26.37 -2.98
C PRO H 136 24.10 -26.66 -1.66
N SER H 137 25.33 -26.17 -1.55
CA SER H 137 26.00 -26.02 -0.27
C SER H 137 25.73 -24.61 0.26
N VAL H 138 25.56 -24.50 1.58
CA VAL H 138 25.22 -23.25 2.23
C VAL H 138 26.34 -22.87 3.17
N PHE H 139 26.99 -21.73 2.91
CA PHE H 139 28.04 -21.22 3.77
C PHE H 139 27.67 -19.86 4.31
N PRO H 140 28.09 -19.52 5.53
CA PRO H 140 27.74 -18.23 6.10
C PRO H 140 28.65 -17.11 5.61
N LEU H 141 28.06 -15.93 5.50
CA LEU H 141 28.81 -14.68 5.32
C LEU H 141 28.71 -13.95 6.65
N ALA H 142 29.73 -14.13 7.50
CA ALA H 142 29.68 -13.68 8.88
C ALA H 142 30.10 -12.21 8.99
N PRO H 143 29.41 -11.41 9.80
CA PRO H 143 29.70 -9.97 9.92
C PRO H 143 31.04 -9.68 10.59
N GLY H 151 28.38 1.07 12.52
CA GLY H 151 27.12 1.70 12.20
C GLY H 151 26.01 0.69 11.99
N THR H 152 26.06 -0.02 10.86
CA THR H 152 25.15 -1.11 10.58
C THR H 152 25.97 -2.28 10.05
N ALA H 153 25.49 -3.49 10.31
CA ALA H 153 26.22 -4.71 9.99
C ALA H 153 25.54 -5.46 8.85
N ALA H 154 26.36 -6.10 8.01
CA ALA H 154 25.89 -6.89 6.89
C ALA H 154 26.29 -8.34 7.10
N LEU H 155 25.31 -9.25 7.01
CA LEU H 155 25.56 -10.68 7.06
C LEU H 155 24.69 -11.35 6.00
N GLY H 156 24.99 -12.60 5.69
CA GLY H 156 24.26 -13.27 4.65
C GLY H 156 24.64 -14.73 4.55
N CYS H 157 24.17 -15.35 3.45
CA CYS H 157 24.41 -16.75 3.16
C CYS H 157 24.85 -16.90 1.71
N LEU H 158 25.80 -17.80 1.48
CA LEU H 158 26.29 -18.13 0.15
C LEU H 158 25.73 -19.50 -0.23
N VAL H 159 24.94 -19.53 -1.30
CA VAL H 159 24.28 -20.75 -1.77
C VAL H 159 24.98 -21.14 -3.07
N LYS H 160 25.84 -22.17 -3.00
CA LYS H 160 26.82 -22.43 -4.04
C LYS H 160 26.61 -23.79 -4.68
N ASP H 161 26.81 -23.83 -6.01
CA ASP H 161 26.86 -25.06 -6.78
C ASP H 161 25.56 -25.85 -6.70
N TYR H 162 24.54 -25.39 -7.42
CA TYR H 162 23.26 -26.09 -7.47
C TYR H 162 22.74 -26.09 -8.89
N PHE H 163 21.86 -27.06 -9.17
CA PHE H 163 21.23 -27.15 -10.48
C PHE H 163 19.96 -27.97 -10.37
N PRO H 164 18.86 -27.58 -11.04
CA PRO H 164 18.70 -26.34 -11.80
C PRO H 164 18.18 -25.22 -10.92
N GLU H 165 17.80 -24.10 -11.54
CA GLU H 165 17.09 -23.07 -10.81
C GLU H 165 15.68 -23.57 -10.47
N PRO H 166 15.02 -22.98 -9.47
CA PRO H 166 15.45 -21.85 -8.64
C PRO H 166 15.78 -22.23 -7.20
N VAL H 167 16.31 -21.27 -6.46
CA VAL H 167 16.50 -21.37 -5.02
C VAL H 167 15.76 -20.22 -4.36
N THR H 168 15.06 -20.53 -3.27
CA THR H 168 14.41 -19.50 -2.45
C THR H 168 15.14 -19.40 -1.13
N VAL H 169 15.38 -18.16 -0.68
CA VAL H 169 16.07 -17.89 0.57
C VAL H 169 15.23 -16.91 1.37
N SER H 170 14.84 -17.29 2.57
CA SER H 170 14.18 -16.42 3.53
C SER H 170 15.02 -16.37 4.81
N TRP H 171 14.72 -15.40 5.66
CA TRP H 171 15.47 -15.16 6.88
C TRP H 171 14.55 -15.33 8.09
N ASN H 172 15.03 -16.10 9.07
CA ASN H 172 14.24 -16.42 10.27
C ASN H 172 12.86 -16.91 9.87
N SER H 173 12.82 -17.79 8.88
CA SER H 173 11.60 -18.37 8.32
C SER H 173 10.49 -17.32 8.21
N GLY H 174 10.78 -16.27 7.45
CA GLY H 174 9.78 -15.30 7.04
C GLY H 174 9.75 -14.03 7.87
N ALA H 175 10.30 -14.04 9.08
CA ALA H 175 10.17 -12.89 9.97
C ALA H 175 10.96 -11.69 9.45
N LEU H 176 12.18 -11.92 8.98
CA LEU H 176 13.13 -10.85 8.65
C LEU H 176 13.04 -10.55 7.15
N THR H 177 12.47 -9.40 6.81
CA THR H 177 12.38 -8.93 5.43
C THR H 177 13.17 -7.65 5.19
N SER H 178 13.10 -6.69 6.10
CA SER H 178 13.70 -5.39 5.87
C SER H 178 15.21 -5.52 5.68
N GLY H 179 15.72 -4.87 4.64
CA GLY H 179 17.14 -4.89 4.35
C GLY H 179 17.65 -6.17 3.72
N VAL H 180 16.77 -7.12 3.43
CA VAL H 180 17.19 -8.37 2.78
C VAL H 180 17.39 -8.13 1.29
N HIS H 181 18.48 -8.65 0.76
CA HIS H 181 18.76 -8.65 -0.66
C HIS H 181 19.21 -10.05 -1.08
N THR H 182 18.42 -10.69 -1.94
CA THR H 182 18.78 -11.99 -2.51
C THR H 182 19.18 -11.73 -3.96
N PHE H 183 20.45 -11.96 -4.27
CA PHE H 183 20.98 -11.61 -5.58
C PHE H 183 20.57 -12.64 -6.62
N PRO H 184 20.48 -12.23 -7.89
CA PRO H 184 20.21 -13.21 -8.96
C PRO H 184 21.34 -14.23 -9.05
N ALA H 185 20.96 -15.46 -9.40
CA ALA H 185 21.95 -16.49 -9.60
C ALA H 185 22.89 -16.13 -10.75
N VAL H 186 24.15 -16.51 -10.61
CA VAL H 186 25.12 -16.42 -11.69
C VAL H 186 25.55 -17.83 -12.06
N LEU H 187 25.78 -18.03 -13.35
CA LEU H 187 26.24 -19.32 -13.86
C LEU H 187 27.77 -19.37 -13.79
N GLN H 188 28.29 -20.34 -13.07
CA GLN H 188 29.73 -20.48 -12.91
C GLN H 188 30.32 -21.30 -14.05
N SER H 189 31.66 -21.29 -14.14
CA SER H 189 32.36 -22.10 -15.14
C SER H 189 31.95 -23.56 -15.07
N SER H 190 31.65 -24.05 -13.87
CA SER H 190 31.29 -25.45 -13.70
C SER H 190 29.98 -25.83 -14.36
N GLY H 191 29.17 -24.85 -14.77
CA GLY H 191 27.84 -25.12 -15.27
C GLY H 191 26.78 -25.15 -14.20
N LEU H 192 27.15 -24.98 -12.94
CA LEU H 192 26.21 -24.89 -11.83
C LEU H 192 25.98 -23.42 -11.48
N TYR H 193 24.85 -23.17 -10.85
CA TYR H 193 24.51 -21.82 -10.43
C TYR H 193 24.99 -21.56 -9.00
N SER H 194 25.13 -20.28 -8.67
CA SER H 194 25.45 -19.89 -7.31
C SER H 194 24.85 -18.51 -7.05
N LEU H 195 24.69 -18.19 -5.78
CA LEU H 195 23.82 -17.09 -5.37
C LEU H 195 24.14 -16.74 -3.93
N SER H 196 23.96 -15.46 -3.59
CA SER H 196 24.16 -14.99 -2.24
C SER H 196 22.95 -14.17 -1.81
N SER H 197 22.55 -14.33 -0.55
CA SER H 197 21.49 -13.53 0.06
C SER H 197 22.07 -12.82 1.28
N VAL H 198 21.80 -11.53 1.38
CA VAL H 198 22.36 -10.69 2.43
C VAL H 198 21.23 -9.91 3.10
N VAL H 199 21.52 -9.47 4.32
CA VAL H 199 20.62 -8.57 5.04
C VAL H 199 21.47 -7.64 5.90
N THR H 200 21.15 -6.36 5.87
CA THR H 200 21.81 -5.39 6.74
C THR H 200 21.06 -5.32 8.06
N VAL H 201 21.82 -5.20 9.14
CA VAL H 201 21.29 -5.40 10.49
C VAL H 201 22.02 -4.44 11.41
N PRO H 202 21.35 -3.79 12.36
CA PRO H 202 22.06 -2.91 13.30
C PRO H 202 23.05 -3.71 14.13
N SER H 203 24.29 -3.20 14.20
CA SER H 203 25.37 -3.94 14.87
C SER H 203 24.99 -4.28 16.31
N SER H 204 24.19 -3.41 16.95
CA SER H 204 23.63 -3.72 18.27
C SER H 204 23.04 -5.11 18.33
N SER H 205 22.56 -5.63 17.19
CA SER H 205 21.84 -6.90 17.19
C SER H 205 22.78 -8.08 17.37
N LEU H 206 23.93 -8.05 16.70
CA LEU H 206 24.64 -9.29 16.37
C LEU H 206 24.89 -10.16 17.60
N GLY H 207 25.09 -9.56 18.77
CA GLY H 207 25.21 -10.33 19.99
C GLY H 207 23.88 -10.77 20.58
N THR H 208 22.80 -10.06 20.24
CA THR H 208 21.48 -10.31 20.84
C THR H 208 20.72 -11.39 20.08
N GLN H 209 20.24 -11.05 18.88
CA GLN H 209 19.39 -11.94 18.12
C GLN H 209 20.19 -12.83 17.17
N THR H 210 19.63 -13.99 16.86
CA THR H 210 20.25 -14.95 15.97
C THR H 210 19.66 -14.84 14.58
N TYR H 211 20.50 -15.04 13.57
CA TYR H 211 20.11 -14.91 12.16
C TYR H 211 20.36 -16.22 11.45
N ILE H 212 19.31 -16.78 10.85
CA ILE H 212 19.37 -18.06 10.17
C ILE H 212 18.66 -17.93 8.83
N CYS H 213 19.42 -18.09 7.74
CA CYS H 213 18.83 -18.15 6.41
C CYS H 213 18.27 -19.55 6.16
N ASN H 214 17.07 -19.62 5.63
CA ASN H 214 16.43 -20.89 5.27
C ASN H 214 16.49 -21.01 3.75
N VAL H 215 17.36 -21.90 3.26
CA VAL H 215 17.54 -22.11 1.83
C VAL H 215 16.69 -23.28 1.40
N ASN H 216 15.92 -23.10 0.33
CA ASN H 216 15.09 -24.17 -0.24
C ASN H 216 15.44 -24.31 -1.72
N HIS H 217 15.88 -25.49 -2.12
CA HIS H 217 16.11 -25.84 -3.52
C HIS H 217 15.27 -27.09 -3.78
N LYS H 218 14.03 -26.89 -4.21
CA LYS H 218 13.07 -27.98 -4.27
C LYS H 218 13.25 -28.93 -5.45
N PRO H 219 13.88 -28.53 -6.56
CA PRO H 219 14.19 -29.52 -7.59
C PRO H 219 14.99 -30.71 -7.06
N SER H 220 15.69 -30.54 -5.94
CA SER H 220 16.48 -31.60 -5.34
C SER H 220 15.99 -31.94 -3.93
N ASN H 221 14.87 -31.38 -3.49
CA ASN H 221 14.36 -31.58 -2.15
C ASN H 221 15.44 -31.29 -1.11
N THR H 222 16.10 -30.15 -1.28
CA THR H 222 17.13 -29.69 -0.35
C THR H 222 16.59 -28.50 0.43
N LYS H 223 16.60 -28.61 1.75
CA LYS H 223 16.18 -27.52 2.64
C LYS H 223 17.22 -27.42 3.75
N VAL H 224 17.84 -26.25 3.88
CA VAL H 224 18.95 -26.07 4.80
C VAL H 224 18.76 -24.76 5.54
N ASP H 225 18.70 -24.83 6.87
CA ASP H 225 18.72 -23.65 7.74
C ASP H 225 20.14 -23.47 8.24
N LYS H 226 20.70 -22.29 8.02
CA LYS H 226 22.08 -21.99 8.38
C LYS H 226 22.11 -20.79 9.32
N ARG H 227 22.56 -21.01 10.55
CA ARG H 227 22.73 -19.94 11.51
C ARG H 227 24.00 -19.17 11.20
N VAL H 228 23.88 -17.86 11.04
CA VAL H 228 25.01 -16.98 10.74
C VAL H 228 25.30 -16.13 11.97
N GLU H 229 26.56 -16.14 12.40
CA GLU H 229 26.96 -15.42 13.59
C GLU H 229 28.40 -14.95 13.40
N PRO H 230 28.82 -13.88 14.12
CA PRO H 230 30.16 -13.29 13.97
C PRO H 230 31.27 -14.33 13.96
N GLU I 1 1.29 -12.91 -38.19
CA GLU I 1 1.02 -11.82 -39.17
C GLU I 1 0.51 -10.56 -38.47
N ILE I 2 -0.04 -10.72 -37.26
CA ILE I 2 -0.18 -9.61 -36.32
C ILE I 2 1.13 -9.50 -35.57
N VAL I 3 1.85 -8.40 -35.77
CA VAL I 3 3.14 -8.16 -35.13
C VAL I 3 2.97 -6.96 -34.21
N LEU I 4 3.24 -7.15 -32.92
CA LEU I 4 3.18 -6.06 -31.93
C LEU I 4 4.60 -5.53 -31.72
N THR I 5 4.76 -4.22 -31.56
CA THR I 5 6.07 -3.55 -31.40
C THR I 5 5.90 -2.47 -30.33
N GLN I 6 6.73 -2.43 -29.31
CA GLN I 6 6.60 -1.44 -28.21
C GLN I 6 7.80 -0.49 -28.22
N SER I 7 7.57 0.78 -27.98
CA SER I 7 8.63 1.77 -27.89
C SER I 7 8.26 2.78 -26.82
N PRO I 8 9.23 3.29 -26.05
CA PRO I 8 10.65 2.92 -26.07
C PRO I 8 10.89 1.53 -25.50
N ALA I 9 12.03 0.92 -25.81
CA ALA I 9 12.39 -0.33 -25.15
C ALA I 9 12.70 -0.09 -23.69
N THR I 10 13.20 1.09 -23.35
CA THR I 10 13.48 1.46 -21.97
C THR I 10 13.06 2.90 -21.73
N LEU I 11 12.39 3.13 -20.60
CA LEU I 11 12.07 4.46 -20.12
C LEU I 11 12.83 4.70 -18.81
N SER I 12 13.20 5.95 -18.58
CA SER I 12 13.91 6.34 -17.37
C SER I 12 13.39 7.72 -16.96
N LEU I 13 12.62 7.77 -15.89
CA LEU I 13 11.98 9.01 -15.46
C LEU I 13 12.11 9.16 -13.95
N SER I 14 12.12 10.40 -13.50
CA SER I 14 12.07 10.66 -12.07
C SER I 14 10.63 10.53 -11.57
N PRO I 15 10.43 10.12 -10.33
CA PRO I 15 9.07 10.03 -9.80
C PRO I 15 8.36 11.38 -9.91
N GLY I 16 7.06 11.33 -10.18
CA GLY I 16 6.27 12.51 -10.42
C GLY I 16 6.15 12.89 -11.88
N GLU I 17 6.94 12.28 -12.76
CA GLU I 17 6.92 12.61 -14.18
C GLU I 17 5.91 11.75 -14.92
N ARG I 18 5.60 12.17 -16.15
CA ARG I 18 4.65 11.45 -16.99
C ARG I 18 5.40 10.45 -17.86
N ALA I 19 5.02 9.18 -17.75
CA ALA I 19 5.54 8.13 -18.61
C ALA I 19 4.48 7.76 -19.63
N THR I 20 4.84 7.81 -20.92
CA THR I 20 3.94 7.41 -21.99
C THR I 20 4.60 6.29 -22.77
N LEU I 21 3.98 5.11 -22.76
CA LEU I 21 4.47 3.92 -23.42
C LEU I 21 3.59 3.64 -24.64
N SER I 22 4.20 3.13 -25.71
CA SER I 22 3.49 2.92 -26.97
C SER I 22 3.49 1.45 -27.37
N CYS I 23 2.42 1.02 -28.02
CA CYS I 23 2.25 -0.34 -28.58
C CYS I 23 1.78 -0.11 -30.01
N ARG I 24 2.31 -0.83 -31.00
CA ARG I 24 1.88 -0.72 -32.42
C ARG I 24 1.44 -2.09 -32.89
N ALA I 25 0.46 -2.17 -33.77
CA ALA I 25 -0.06 -3.44 -34.31
C ALA I 25 0.07 -3.41 -35.83
N SER I 26 0.58 -4.49 -36.42
CA SER I 26 0.81 -4.52 -37.86
C SER I 26 -0.50 -4.47 -38.64
N GLN I 27 -1.58 -4.99 -38.07
CA GLN I 27 -2.93 -4.75 -38.59
C GLN I 27 -3.76 -4.10 -37.49
N SER I 28 -4.99 -3.75 -37.82
CA SER I 28 -5.89 -3.10 -36.86
C SER I 28 -6.49 -4.14 -35.92
N VAL I 29 -6.51 -3.79 -34.63
CA VAL I 29 -7.13 -4.61 -33.60
C VAL I 29 -8.28 -3.90 -32.91
N SER I 30 -8.76 -2.80 -33.50
CA SER I 30 -9.87 -1.99 -32.96
C SER I 30 -9.55 -1.65 -31.51
N SER I 31 -10.44 -1.94 -30.56
CA SER I 31 -10.26 -1.67 -29.14
C SER I 31 -9.83 -2.91 -28.38
N TYR I 32 -9.33 -3.93 -29.08
CA TYR I 32 -9.09 -5.25 -28.49
C TYR I 32 -7.63 -5.35 -28.03
N LEU I 33 -7.32 -4.60 -26.97
CA LEU I 33 -5.96 -4.55 -26.47
C LEU I 33 -5.97 -4.41 -24.95
N ALA I 34 -5.15 -5.21 -24.29
CA ALA I 34 -4.99 -5.16 -22.84
C ALA I 34 -3.54 -4.82 -22.50
N TRP I 35 -3.35 -4.18 -21.35
CA TRP I 35 -2.04 -3.79 -20.87
C TRP I 35 -1.73 -4.51 -19.56
N TYR I 36 -0.48 -4.95 -19.40
CA TYR I 36 -0.05 -5.68 -18.23
C TYR I 36 1.18 -5.02 -17.62
N GLN I 37 1.36 -5.26 -16.32
CA GLN I 37 2.53 -4.83 -15.58
C GLN I 37 3.19 -6.05 -14.94
N GLN I 38 4.51 -6.15 -15.05
CA GLN I 38 5.26 -7.24 -14.44
C GLN I 38 6.43 -6.66 -13.66
N LYS I 39 6.38 -6.79 -12.33
CA LYS I 39 7.49 -6.41 -11.46
C LYS I 39 8.42 -7.60 -11.27
N PRO I 40 9.66 -7.35 -10.82
CA PRO I 40 10.64 -8.44 -10.75
C PRO I 40 10.14 -9.57 -9.85
N GLY I 41 10.22 -10.80 -10.38
CA GLY I 41 9.89 -11.99 -9.64
C GLY I 41 8.40 -12.29 -9.50
N GLN I 42 7.53 -11.51 -10.14
CA GLN I 42 6.10 -11.66 -9.98
C GLN I 42 5.45 -12.03 -11.31
N ALA I 43 4.21 -12.51 -11.23
CA ALA I 43 3.43 -12.73 -12.43
C ALA I 43 2.84 -11.40 -12.91
N PRO I 44 2.57 -11.26 -14.20
CA PRO I 44 1.99 -10.01 -14.69
C PRO I 44 0.68 -9.69 -14.00
N ARG I 45 0.28 -8.42 -14.12
CA ARG I 45 -0.96 -7.92 -13.54
C ARG I 45 -1.71 -7.11 -14.59
N LEU I 46 -3.00 -7.40 -14.75
CA LEU I 46 -3.82 -6.67 -15.71
C LEU I 46 -4.09 -5.27 -15.20
N LEU I 47 -3.74 -4.28 -16.01
CA LEU I 47 -4.03 -2.87 -15.73
C LEU I 47 -5.20 -2.35 -16.54
N ILE I 48 -5.16 -2.56 -17.86
CA ILE I 48 -6.12 -2.01 -18.80
C ILE I 48 -6.65 -3.14 -19.65
N TYR I 49 -7.97 -3.17 -19.85
CA TYR I 49 -8.59 -4.10 -20.79
C TYR I 49 -9.45 -3.33 -21.77
N ASP I 50 -9.59 -3.88 -22.98
CA ASP I 50 -10.34 -3.24 -24.05
C ASP I 50 -9.86 -1.81 -24.27
N ALA I 51 -8.54 -1.66 -24.35
CA ALA I 51 -7.89 -0.42 -24.73
C ALA I 51 -7.94 0.66 -23.65
N SER I 52 -9.14 0.96 -23.13
CA SER I 52 -9.34 2.16 -22.33
C SER I 52 -9.78 1.90 -20.89
N ASN I 53 -10.19 0.69 -20.55
CA ASN I 53 -10.86 0.42 -19.28
C ASN I 53 -9.86 -0.04 -18.24
N ARG I 54 -9.73 0.72 -17.16
CA ARG I 54 -8.85 0.36 -16.06
C ARG I 54 -9.53 -0.67 -15.17
N ALA I 55 -8.83 -1.76 -14.90
CA ALA I 55 -9.36 -2.79 -14.02
C ALA I 55 -9.58 -2.21 -12.62
N THR I 56 -10.58 -2.74 -11.93
CA THR I 56 -10.88 -2.27 -10.59
C THR I 56 -9.64 -2.39 -9.70
N GLY I 57 -9.44 -1.41 -8.83
CA GLY I 57 -8.36 -1.43 -7.87
C GLY I 57 -7.01 -0.99 -8.40
N ILE I 58 -6.83 -0.92 -9.72
CA ILE I 58 -5.54 -0.47 -10.26
C ILE I 58 -5.36 1.01 -9.94
N PRO I 59 -4.20 1.44 -9.45
CA PRO I 59 -3.99 2.87 -9.20
C PRO I 59 -4.45 3.73 -10.38
N ALA I 60 -5.11 4.84 -10.07
CA ALA I 60 -5.73 5.67 -11.09
C ALA I 60 -4.73 6.45 -11.93
N ARG I 61 -3.44 6.40 -11.59
CA ARG I 61 -2.42 7.04 -12.43
C ARG I 61 -2.15 6.26 -13.70
N PHE I 62 -2.70 5.07 -13.85
CA PHE I 62 -2.56 4.26 -15.06
C PHE I 62 -3.75 4.52 -15.98
N SER I 63 -3.47 4.84 -17.24
CA SER I 63 -4.51 5.15 -18.21
C SER I 63 -4.14 4.56 -19.56
N GLY I 64 -5.12 3.98 -20.23
CA GLY I 64 -4.93 3.37 -21.54
C GLY I 64 -5.72 4.13 -22.60
N SER I 65 -5.13 4.26 -23.78
CA SER I 65 -5.72 5.02 -24.88
C SER I 65 -5.40 4.36 -26.20
N GLY I 66 -6.14 4.76 -27.23
CA GLY I 66 -5.81 4.42 -28.61
C GLY I 66 -6.90 3.59 -29.27
N SER I 67 -6.61 3.20 -30.50
CA SER I 67 -7.49 2.36 -31.30
C SER I 67 -6.76 1.99 -32.59
N GLY I 68 -7.22 0.91 -33.21
CA GLY I 68 -6.67 0.49 -34.49
C GLY I 68 -5.29 -0.11 -34.41
N THR I 69 -4.25 0.68 -34.66
CA THR I 69 -2.84 0.21 -34.68
C THR I 69 -2.03 0.86 -33.58
N ASP I 70 -2.41 2.01 -33.08
CA ASP I 70 -1.57 2.77 -32.13
C ASP I 70 -2.27 2.89 -30.79
N PHE I 71 -1.62 2.39 -29.75
CA PHE I 71 -2.17 2.41 -28.37
C PHE I 71 -1.13 3.06 -27.46
N THR I 72 -1.56 3.54 -26.32
CA THR I 72 -0.68 4.27 -25.40
C THR I 72 -1.11 4.01 -23.97
N LEU I 73 -0.15 3.59 -23.14
CA LEU I 73 -0.35 3.47 -21.70
C LEU I 73 0.35 4.64 -21.04
N THR I 74 -0.39 5.40 -20.24
CA THR I 74 0.13 6.60 -19.59
C THR I 74 0.15 6.39 -18.09
N ILE I 75 1.33 6.50 -17.48
CA ILE I 75 1.48 6.66 -16.05
C ILE I 75 1.59 8.15 -15.81
N SER I 76 0.49 8.78 -15.41
CA SER I 76 0.44 10.24 -15.41
C SER I 76 1.39 10.85 -14.39
N SER I 77 1.68 10.14 -13.31
CA SER I 77 2.64 10.62 -12.31
C SER I 77 3.36 9.40 -11.74
N LEU I 78 4.64 9.24 -12.11
CA LEU I 78 5.38 8.06 -11.72
C LEU I 78 5.56 7.99 -10.21
N GLU I 79 5.36 6.79 -9.67
CA GLU I 79 5.75 6.44 -8.32
C GLU I 79 6.89 5.43 -8.37
N PRO I 80 7.79 5.42 -7.38
CA PRO I 80 8.94 4.50 -7.46
C PRO I 80 8.54 3.05 -7.53
N GLU I 81 7.40 2.66 -6.95
CA GLU I 81 6.96 1.28 -7.01
C GLU I 81 6.45 0.87 -8.39
N ASP I 82 6.48 1.77 -9.38
CA ASP I 82 6.07 1.44 -10.74
C ASP I 82 7.22 0.94 -11.58
N PHE I 83 8.38 0.68 -10.97
CA PHE I 83 9.47 -0.02 -11.64
C PHE I 83 8.99 -1.42 -12.05
N ALA I 84 8.97 -1.67 -13.36
CA ALA I 84 8.39 -2.89 -13.89
C ALA I 84 8.57 -2.90 -15.40
N VAL I 85 8.18 -4.01 -16.01
CA VAL I 85 8.07 -4.15 -17.46
C VAL I 85 6.59 -4.16 -17.82
N TYR I 86 6.24 -3.40 -18.85
CA TYR I 86 4.84 -3.20 -19.23
C TYR I 86 4.62 -3.78 -20.62
N TYR I 87 3.71 -4.74 -20.72
CA TYR I 87 3.40 -5.42 -21.97
C TYR I 87 1.99 -5.06 -22.44
N CYS I 88 1.83 -4.92 -23.74
CA CYS I 88 0.52 -4.94 -24.37
C CYS I 88 0.26 -6.33 -24.96
N GLN I 89 -1.01 -6.66 -25.08
CA GLN I 89 -1.44 -7.93 -25.64
C GLN I 89 -2.62 -7.66 -26.57
N GLN I 90 -2.56 -8.22 -27.77
CA GLN I 90 -3.66 -8.09 -28.73
C GLN I 90 -4.69 -9.16 -28.45
N ARG I 91 -5.96 -8.77 -28.42
CA ARG I 91 -7.05 -9.65 -28.04
C ARG I 91 -8.06 -9.82 -29.17
N SER I 92 -7.60 -9.71 -30.41
CA SER I 92 -8.49 -9.82 -31.56
C SER I 92 -8.58 -11.28 -31.98
N ASN I 93 -9.22 -11.55 -33.12
CA ASN I 93 -9.30 -12.88 -33.68
C ASN I 93 -8.27 -13.11 -34.79
N TRP I 94 -7.35 -12.16 -35.00
CA TRP I 94 -6.33 -12.34 -36.02
C TRP I 94 -5.20 -13.21 -35.49
N PRO I 95 -4.73 -14.20 -36.25
CA PRO I 95 -3.48 -14.85 -35.91
C PRO I 95 -2.37 -13.85 -35.82
N PRO I 96 -1.38 -14.09 -34.93
CA PRO I 96 -1.31 -15.08 -33.85
C PRO I 96 -2.07 -14.60 -32.63
N LEU I 97 -2.90 -15.46 -32.04
CA LEU I 97 -3.79 -15.03 -30.97
C LEU I 97 -3.02 -14.74 -29.69
N PHE I 98 -3.52 -13.78 -28.92
CA PHE I 98 -2.98 -13.44 -27.60
C PHE I 98 -1.49 -13.12 -27.66
N THR I 99 -1.03 -12.57 -28.77
CA THR I 99 0.37 -12.17 -28.88
C THR I 99 0.68 -11.04 -27.90
N PHE I 100 1.76 -11.20 -27.15
CA PHE I 100 2.28 -10.12 -26.31
C PHE I 100 3.34 -9.34 -27.08
N GLY I 101 3.43 -8.05 -26.78
CA GLY I 101 4.50 -7.24 -27.30
C GLY I 101 5.81 -7.54 -26.59
N PRO I 102 6.89 -6.92 -27.06
CA PRO I 102 8.19 -7.12 -26.42
C PRO I 102 8.33 -6.48 -25.05
N GLY I 103 7.48 -5.54 -24.69
CA GLY I 103 7.54 -4.94 -23.36
C GLY I 103 8.41 -3.70 -23.32
N THR I 104 8.05 -2.78 -22.42
CA THR I 104 8.83 -1.58 -22.14
C THR I 104 9.28 -1.62 -20.68
N LYS I 105 10.57 -1.39 -20.45
CA LYS I 105 11.15 -1.37 -19.11
C LYS I 105 11.18 0.07 -18.60
N VAL I 106 10.73 0.27 -17.37
CA VAL I 106 10.66 1.59 -16.76
C VAL I 106 11.62 1.62 -15.58
N ASP I 107 12.71 2.37 -15.72
CA ASP I 107 13.64 2.61 -14.64
C ASP I 107 13.26 3.89 -13.91
N ILE I 108 13.64 3.97 -12.64
CA ILE I 108 13.32 5.12 -11.79
C ILE I 108 14.61 5.91 -11.57
N LYS I 109 14.58 7.19 -11.91
CA LYS I 109 15.71 8.08 -11.73
C LYS I 109 15.66 8.69 -10.33
N ARG I 110 16.80 8.72 -9.65
CA ARG I 110 16.90 9.25 -8.31
C ARG I 110 18.26 9.92 -8.12
N THR I 111 18.50 10.41 -6.92
CA THR I 111 19.76 11.07 -6.61
C THR I 111 20.90 10.05 -6.57
N VAL I 112 22.13 10.57 -6.54
CA VAL I 112 23.31 9.72 -6.47
C VAL I 112 23.47 9.23 -5.03
N ALA I 113 23.72 7.93 -4.89
CA ALA I 113 23.89 7.30 -3.58
C ALA I 113 25.13 6.41 -3.63
N ALA I 114 26.08 6.67 -2.74
CA ALA I 114 27.29 5.86 -2.66
C ALA I 114 27.00 4.56 -1.94
N PRO I 115 27.69 3.47 -2.30
CA PRO I 115 27.40 2.18 -1.70
C PRO I 115 28.04 2.00 -0.33
N SER I 116 27.36 1.24 0.52
CA SER I 116 27.93 0.75 1.76
C SER I 116 28.66 -0.55 1.45
N VAL I 117 29.95 -0.62 1.79
CA VAL I 117 30.83 -1.68 1.33
C VAL I 117 31.16 -2.60 2.50
N PHE I 118 31.05 -3.91 2.25
CA PHE I 118 31.39 -4.94 3.22
C PHE I 118 32.15 -6.04 2.49
N ILE I 119 33.12 -6.65 3.18
CA ILE I 119 33.89 -7.75 2.63
C ILE I 119 33.76 -8.95 3.57
N PHE I 120 33.54 -10.13 2.99
CA PHE I 120 33.31 -11.35 3.75
C PHE I 120 34.43 -12.36 3.47
N PRO I 121 34.96 -13.01 4.51
CA PRO I 121 35.95 -14.06 4.28
C PRO I 121 35.28 -15.40 4.06
N PRO I 122 35.95 -16.33 3.37
CA PRO I 122 35.34 -17.65 3.15
C PRO I 122 35.03 -18.36 4.45
N SER I 123 33.92 -19.10 4.46
CA SER I 123 33.58 -19.93 5.60
C SER I 123 34.68 -20.95 5.87
N ASP I 124 34.81 -21.33 7.14
CA ASP I 124 35.71 -22.43 7.48
C ASP I 124 35.12 -23.77 7.09
N GLU I 125 33.81 -23.85 6.86
CA GLU I 125 33.22 -25.07 6.31
C GLU I 125 33.59 -25.23 4.84
N GLN I 126 33.47 -24.16 4.07
CA GLN I 126 33.83 -24.22 2.66
C GLN I 126 35.33 -24.38 2.46
N LEU I 127 36.14 -23.90 3.39
CA LEU I 127 37.57 -24.11 3.27
C LEU I 127 37.90 -25.60 3.33
N LYS I 128 37.29 -26.34 4.26
CA LYS I 128 37.47 -27.78 4.31
C LYS I 128 37.17 -28.43 2.96
N SER I 129 36.27 -27.83 2.18
CA SER I 129 35.96 -28.36 0.85
C SER I 129 37.18 -28.29 -0.07
N GLY I 130 37.96 -27.21 0.03
CA GLY I 130 39.10 -26.99 -0.85
C GLY I 130 38.95 -25.81 -1.78
N THR I 131 37.86 -25.05 -1.70
CA THR I 131 37.69 -23.82 -2.46
C THR I 131 37.38 -22.69 -1.48
N ALA I 132 37.90 -21.51 -1.79
CA ALA I 132 37.71 -20.32 -0.95
C ALA I 132 37.06 -19.23 -1.77
N SER I 133 35.88 -18.79 -1.35
CA SER I 133 35.16 -17.70 -2.00
C SER I 133 35.20 -16.47 -1.11
N VAL I 134 35.61 -15.34 -1.69
CA VAL I 134 35.60 -14.04 -1.03
C VAL I 134 34.48 -13.23 -1.64
N VAL I 135 33.65 -12.62 -0.80
CA VAL I 135 32.48 -11.87 -1.24
C VAL I 135 32.63 -10.41 -0.79
N CYS I 136 32.45 -9.50 -1.73
CA CYS I 136 32.40 -8.07 -1.45
C CYS I 136 30.99 -7.56 -1.73
N LEU I 137 30.44 -6.81 -0.80
CA LEU I 137 29.06 -6.33 -0.88
C LEU I 137 29.05 -4.82 -1.04
N LEU I 138 28.40 -4.34 -2.09
CA LEU I 138 28.05 -2.94 -2.26
C LEU I 138 26.53 -2.83 -2.12
N ASN I 139 26.07 -2.13 -1.08
CA ASN I 139 24.67 -2.18 -0.69
C ASN I 139 23.98 -0.85 -0.94
N ASN I 140 22.85 -0.91 -1.66
CA ASN I 140 21.92 0.21 -1.78
C ASN I 140 22.60 1.46 -2.29
N PHE I 141 22.90 1.48 -3.58
CA PHE I 141 23.58 2.58 -4.24
C PHE I 141 22.89 2.91 -5.56
N TYR I 142 23.26 4.06 -6.12
CA TYR I 142 22.71 4.54 -7.39
C TYR I 142 23.64 5.62 -7.91
N PRO I 143 23.96 5.65 -9.22
CA PRO I 143 23.45 4.77 -10.28
C PRO I 143 24.10 3.39 -10.27
N ARG I 144 23.74 2.56 -11.24
CA ARG I 144 24.14 1.16 -11.20
C ARG I 144 25.61 0.97 -11.54
N GLU I 145 26.17 1.88 -12.33
CA GLU I 145 27.55 1.72 -12.82
C GLU I 145 28.53 1.78 -11.65
N ALA I 146 29.35 0.74 -11.51
CA ALA I 146 30.32 0.67 -10.43
C ALA I 146 31.43 -0.28 -10.84
N LYS I 147 32.60 -0.09 -10.23
CA LYS I 147 33.75 -0.95 -10.46
C LYS I 147 34.25 -1.50 -9.13
N VAL I 148 34.55 -2.79 -9.11
CA VAL I 148 35.07 -3.48 -7.93
C VAL I 148 36.34 -4.21 -8.34
N GLN I 149 37.41 -4.02 -7.56
CA GLN I 149 38.70 -4.63 -7.85
C GLN I 149 39.17 -5.44 -6.65
N TRP I 150 39.56 -6.68 -6.90
CA TRP I 150 40.15 -7.55 -5.89
C TRP I 150 41.66 -7.47 -5.99
N LYS I 151 42.33 -7.18 -4.88
CA LYS I 151 43.79 -7.24 -4.80
C LYS I 151 44.18 -8.11 -3.61
N VAL I 152 44.96 -9.15 -3.88
CA VAL I 152 45.49 -10.04 -2.85
C VAL I 152 46.96 -9.71 -2.69
N ASP I 153 47.33 -9.14 -1.54
CA ASP I 153 48.66 -8.59 -1.32
C ASP I 153 48.97 -7.53 -2.39
N ASN I 154 47.98 -6.65 -2.62
CA ASN I 154 48.08 -5.59 -3.61
C ASN I 154 48.51 -6.15 -4.97
N ALA I 155 47.97 -7.31 -5.32
CA ALA I 155 48.18 -7.92 -6.63
C ALA I 155 46.81 -8.06 -7.31
N LEU I 156 46.65 -7.43 -8.47
CA LEU I 156 45.36 -7.46 -9.15
C LEU I 156 44.94 -8.90 -9.42
N GLN I 157 43.80 -9.30 -8.86
CA GLN I 157 43.19 -10.59 -9.17
C GLN I 157 42.28 -10.41 -10.38
N SER I 158 42.46 -11.28 -11.38
CA SER I 158 41.90 -11.04 -12.70
C SER I 158 41.46 -12.36 -13.31
N GLY I 159 40.26 -12.38 -13.89
CA GLY I 159 39.70 -13.58 -14.45
C GLY I 159 39.17 -14.56 -13.44
N ASN I 160 38.96 -14.12 -12.20
CA ASN I 160 38.56 -15.02 -11.12
C ASN I 160 37.47 -14.40 -10.25
N SER I 161 36.68 -13.48 -10.81
CA SER I 161 35.65 -12.78 -10.06
C SER I 161 34.35 -12.77 -10.85
N GLN I 162 33.23 -12.78 -10.12
CA GLN I 162 31.89 -12.73 -10.70
C GLN I 162 31.04 -11.75 -9.92
N GLU I 163 30.23 -10.98 -10.65
CA GLU I 163 29.37 -9.98 -10.05
C GLU I 163 27.90 -10.31 -10.29
N SER I 164 27.10 -10.14 -9.23
CA SER I 164 25.65 -10.23 -9.31
C SER I 164 25.07 -8.93 -8.77
N VAL I 165 24.16 -8.33 -9.54
CA VAL I 165 23.57 -7.04 -9.18
C VAL I 165 22.08 -7.23 -8.99
N THR I 166 21.55 -6.68 -7.91
CA THR I 166 20.11 -6.73 -7.66
C THR I 166 19.39 -5.86 -8.69
N GLU I 167 18.07 -5.83 -8.61
CA GLU I 167 17.27 -4.97 -9.46
C GLU I 167 16.74 -3.80 -8.64
N GLN I 168 16.44 -2.71 -9.35
CA GLN I 168 16.11 -1.45 -8.70
C GLN I 168 15.03 -1.65 -7.64
N ASP I 169 15.33 -1.20 -6.43
CA ASP I 169 14.42 -1.41 -5.31
C ASP I 169 13.11 -0.68 -5.54
N SER I 170 12.02 -1.28 -5.05
CA SER I 170 10.69 -0.71 -5.22
C SER I 170 10.44 0.48 -4.30
N LYS I 171 11.21 0.62 -3.22
CA LYS I 171 11.03 1.69 -2.25
C LYS I 171 12.02 2.83 -2.42
N ASP I 172 13.33 2.52 -2.50
CA ASP I 172 14.36 3.54 -2.58
C ASP I 172 15.09 3.58 -3.91
N SER I 173 14.70 2.74 -4.86
CA SER I 173 15.19 2.80 -6.23
C SER I 173 16.69 2.56 -6.35
N THR I 174 17.31 1.91 -5.36
CA THR I 174 18.74 1.67 -5.38
C THR I 174 19.06 0.25 -5.82
N TYR I 175 20.32 0.04 -6.17
CA TYR I 175 20.86 -1.27 -6.51
C TYR I 175 21.78 -1.75 -5.40
N SER I 176 22.08 -3.04 -5.46
CA SER I 176 23.09 -3.67 -4.63
C SER I 176 23.84 -4.66 -5.51
N LEU I 177 25.11 -4.88 -5.19
CA LEU I 177 25.96 -5.69 -6.05
C LEU I 177 26.88 -6.56 -5.21
N SER I 178 26.90 -7.85 -5.52
CA SER I 178 27.86 -8.78 -4.96
C SER I 178 28.96 -9.03 -5.98
N SER I 179 30.20 -9.13 -5.50
CA SER I 179 31.32 -9.60 -6.31
C SER I 179 32.00 -10.72 -5.54
N THR I 180 32.05 -11.91 -6.15
CA THR I 180 32.58 -13.10 -5.50
C THR I 180 33.89 -13.51 -6.16
N LEU I 181 34.94 -13.63 -5.36
CA LEU I 181 36.26 -14.03 -5.82
C LEU I 181 36.52 -15.47 -5.38
N THR I 182 36.69 -16.36 -6.34
CA THR I 182 36.85 -17.78 -6.09
C THR I 182 38.30 -18.19 -6.27
N LEU I 183 38.87 -18.82 -5.24
CA LEU I 183 40.25 -19.29 -5.27
C LEU I 183 40.31 -20.73 -4.80
N SER I 184 41.44 -21.37 -5.07
CA SER I 184 41.78 -22.62 -4.40
C SER I 184 42.25 -22.33 -2.98
N LYS I 185 42.04 -23.29 -2.09
CA LYS I 185 42.59 -23.14 -0.75
C LYS I 185 44.10 -22.95 -0.82
N ALA I 186 44.75 -23.63 -1.77
CA ALA I 186 46.18 -23.41 -2.01
C ALA I 186 46.45 -21.94 -2.17
N ASP I 187 45.90 -21.34 -3.23
CA ASP I 187 46.10 -19.92 -3.48
C ASP I 187 45.60 -19.07 -2.34
N TYR I 188 44.54 -19.51 -1.64
CA TYR I 188 44.01 -18.69 -0.56
C TYR I 188 44.91 -18.73 0.67
N GLU I 189 45.37 -19.92 1.05
CA GLU I 189 46.27 -20.07 2.18
C GLU I 189 47.73 -19.77 1.83
N LYS I 190 47.95 -19.06 0.71
CA LYS I 190 49.29 -18.66 0.29
C LYS I 190 49.51 -17.16 0.34
N HIS I 191 48.48 -16.38 0.59
CA HIS I 191 48.56 -14.93 0.74
C HIS I 191 47.96 -14.55 2.10
N LYS I 192 48.00 -13.26 2.42
CA LYS I 192 47.50 -12.80 3.71
C LYS I 192 46.40 -11.77 3.62
N VAL I 193 46.52 -10.74 2.76
CA VAL I 193 45.60 -9.61 2.76
C VAL I 193 44.68 -9.70 1.55
N TYR I 194 43.38 -9.62 1.80
CA TYR I 194 42.33 -9.68 0.79
C TYR I 194 41.50 -8.41 0.87
N ALA I 195 41.47 -7.65 -0.22
CA ALA I 195 40.90 -6.32 -0.21
C ALA I 195 39.96 -6.13 -1.40
N CYS I 196 38.98 -5.25 -1.21
CA CYS I 196 37.96 -4.94 -2.20
C CYS I 196 37.94 -3.44 -2.42
N GLU I 197 38.21 -2.99 -3.64
CA GLU I 197 38.30 -1.58 -3.97
C GLU I 197 37.09 -1.17 -4.80
N VAL I 198 36.31 -0.23 -4.29
CA VAL I 198 35.07 0.21 -4.91
C VAL I 198 35.19 1.69 -5.26
N THR I 199 34.93 2.03 -6.52
CA THR I 199 34.83 3.41 -6.97
C THR I 199 33.44 3.65 -7.56
N HIS I 200 32.83 4.77 -7.19
CA HIS I 200 31.45 5.06 -7.58
C HIS I 200 31.21 6.55 -7.46
N GLN I 201 30.32 7.06 -8.32
CA GLN I 201 30.03 8.49 -8.40
C GLN I 201 29.87 9.14 -7.04
N GLY I 202 29.25 8.43 -6.09
CA GLY I 202 28.97 8.97 -4.79
C GLY I 202 30.11 8.99 -3.81
N LEU I 203 31.30 8.54 -4.22
CA LEU I 203 32.48 8.54 -3.37
C LEU I 203 33.51 9.49 -3.96
N SER I 204 33.95 10.47 -3.16
CA SER I 204 35.04 11.32 -3.58
C SER I 204 36.34 10.53 -3.66
N SER I 205 36.55 9.62 -2.71
CA SER I 205 37.69 8.74 -2.61
C SER I 205 37.25 7.29 -2.82
N PRO I 206 37.97 6.50 -3.61
CA PRO I 206 37.66 5.06 -3.67
C PRO I 206 37.76 4.43 -2.29
N VAL I 207 36.80 3.57 -1.99
CA VAL I 207 36.72 2.90 -0.68
C VAL I 207 37.32 1.51 -0.81
N THR I 208 38.18 1.15 0.15
CA THR I 208 38.74 -0.19 0.25
C THR I 208 38.35 -0.79 1.59
N LYS I 209 37.92 -2.04 1.57
CA LYS I 209 37.65 -2.83 2.78
C LYS I 209 38.43 -4.13 2.68
N SER I 210 38.93 -4.60 3.81
CA SER I 210 39.93 -5.66 3.79
C SER I 210 39.84 -6.50 5.05
N PHE I 211 40.52 -7.64 5.00
CA PHE I 211 40.72 -8.52 6.15
C PHE I 211 41.97 -9.34 5.87
N ASN I 212 42.55 -9.92 6.92
CA ASN I 212 43.75 -10.80 6.80
C ASN I 212 43.40 -12.20 7.28
N ARG I 213 43.87 -13.25 6.56
CA ARG I 213 43.58 -14.67 6.90
C ARG I 213 43.77 -14.91 8.39
N GLY I 214 42.65 -14.92 9.19
CA GLY I 214 42.74 -15.06 10.66
C GLY I 214 42.63 -13.69 11.33
N GLU I 215 41.44 -13.28 11.80
CA GLU I 215 41.22 -11.92 12.36
C GLU I 215 41.75 -11.85 13.80
N GLY J 3 -33.45 -20.80 -6.55
CA GLY J 3 -33.12 -19.45 -6.99
C GLY J 3 -33.98 -18.99 -8.15
N THR J 4 -34.39 -17.72 -8.11
CA THR J 4 -35.28 -17.17 -9.12
C THR J 4 -34.81 -15.78 -9.51
N ILE J 5 -35.23 -15.34 -10.70
CA ILE J 5 -34.98 -13.99 -11.19
C ILE J 5 -36.32 -13.33 -11.48
N GLU J 6 -36.43 -12.05 -11.12
CA GLU J 6 -37.55 -11.21 -11.51
C GLU J 6 -37.03 -10.11 -12.43
N THR J 7 -37.85 -9.71 -13.39
CA THR J 7 -37.50 -8.68 -14.35
C THR J 7 -38.46 -7.51 -14.24
N THR J 8 -38.06 -6.41 -14.90
CA THR J 8 -38.95 -5.28 -15.10
C THR J 8 -40.31 -5.76 -15.62
N GLY J 9 -40.28 -6.64 -16.60
CA GLY J 9 -41.44 -6.97 -17.40
C GLY J 9 -41.30 -6.42 -18.81
N ASN J 10 -42.00 -7.05 -19.74
CA ASN J 10 -41.92 -6.63 -21.14
C ASN J 10 -42.42 -5.20 -21.28
N ILE J 11 -41.87 -4.49 -22.28
CA ILE J 11 -42.07 -3.06 -22.41
C ILE J 11 -42.42 -2.71 -23.85
N SER J 12 -43.38 -1.82 -24.03
CA SER J 12 -43.64 -1.16 -25.30
C SER J 12 -43.15 0.28 -25.18
N ALA J 13 -42.25 0.67 -26.07
CA ALA J 13 -41.69 2.02 -26.14
C ALA J 13 -41.62 2.38 -27.61
N GLU J 14 -41.37 3.65 -27.92
CA GLU J 14 -41.26 4.05 -29.31
C GLU J 14 -39.90 4.67 -29.61
N LYS J 15 -39.69 4.85 -30.91
CA LYS J 15 -38.39 5.25 -31.44
C LYS J 15 -37.86 6.48 -30.73
N GLY J 16 -36.53 6.58 -30.66
CA GLY J 16 -35.86 7.68 -30.01
C GLY J 16 -35.90 7.68 -28.50
N GLY J 17 -36.73 6.84 -27.89
CA GLY J 17 -36.82 6.79 -26.44
C GLY J 17 -35.67 6.04 -25.81
N SER J 18 -35.64 6.08 -24.48
CA SER J 18 -34.66 5.35 -23.68
C SER J 18 -35.41 4.45 -22.70
N ILE J 19 -34.82 3.31 -22.38
CA ILE J 19 -35.48 2.30 -21.56
C ILE J 19 -34.46 1.65 -20.63
N ILE J 20 -34.91 1.34 -19.41
CA ILE J 20 -34.07 0.64 -18.44
C ILE J 20 -34.35 -0.85 -18.52
N LEU J 21 -33.29 -1.65 -18.51
CA LEU J 21 -33.36 -3.10 -18.44
C LEU J 21 -32.68 -3.54 -17.16
N GLN J 22 -33.46 -4.13 -16.25
CA GLN J 22 -32.92 -4.56 -14.96
C GLN J 22 -33.50 -5.92 -14.60
N CYS J 23 -32.70 -6.70 -13.86
CA CYS J 23 -33.12 -7.97 -13.29
C CYS J 23 -32.65 -8.01 -11.85
N HIS J 24 -33.33 -8.83 -11.05
CA HIS J 24 -32.97 -9.01 -9.65
C HIS J 24 -32.94 -10.50 -9.32
N LEU J 25 -31.88 -10.93 -8.65
CA LEU J 25 -31.70 -12.32 -8.27
C LEU J 25 -32.12 -12.49 -6.81
N SER J 26 -33.10 -13.36 -6.58
CA SER J 26 -33.62 -13.63 -5.25
C SER J 26 -33.57 -15.12 -4.96
N SER J 27 -33.72 -15.45 -3.67
CA SER J 27 -33.85 -16.83 -3.21
C SER J 27 -32.58 -17.66 -3.45
N THR J 28 -31.41 -17.03 -3.37
CA THR J 28 -30.16 -17.78 -3.47
C THR J 28 -29.09 -17.08 -2.66
N THR J 29 -28.37 -17.86 -1.85
CA THR J 29 -27.27 -17.35 -1.03
C THR J 29 -25.96 -17.26 -1.79
N ALA J 30 -26.00 -17.36 -3.11
CA ALA J 30 -24.79 -17.38 -3.93
C ALA J 30 -24.50 -16.00 -4.48
N GLN J 31 -23.21 -15.74 -4.71
CA GLN J 31 -22.74 -14.42 -5.08
C GLN J 31 -22.59 -14.30 -6.60
N VAL J 32 -22.95 -13.13 -7.12
CA VAL J 32 -22.94 -12.88 -8.56
C VAL J 32 -21.53 -12.44 -8.94
N THR J 33 -20.85 -13.26 -9.73
CA THR J 33 -19.52 -12.89 -10.23
C THR J 33 -19.59 -12.13 -11.56
N GLN J 34 -20.62 -12.35 -12.37
CA GLN J 34 -20.70 -11.70 -13.66
C GLN J 34 -22.12 -11.75 -14.19
N VAL J 35 -22.51 -10.70 -14.91
CA VAL J 35 -23.82 -10.59 -15.55
C VAL J 35 -23.59 -10.26 -17.02
N ASN J 36 -24.11 -11.11 -17.91
CA ASN J 36 -24.06 -10.86 -19.34
C ASN J 36 -25.42 -10.34 -19.81
N TRP J 37 -25.40 -9.27 -20.59
CA TRP J 37 -26.59 -8.76 -21.27
C TRP J 37 -26.47 -9.08 -22.74
N GLU J 38 -27.44 -9.84 -23.25
CA GLU J 38 -27.32 -10.39 -24.59
C GLU J 38 -28.71 -10.58 -25.21
N GLN J 39 -28.76 -10.42 -26.52
CA GLN J 39 -29.84 -10.98 -27.31
C GLN J 39 -29.44 -12.40 -27.70
N GLN J 40 -30.22 -13.07 -28.55
CA GLN J 40 -29.94 -14.46 -28.82
C GLN J 40 -28.77 -14.66 -29.78
N ASP J 41 -28.46 -13.68 -30.63
CA ASP J 41 -27.32 -13.78 -31.53
C ASP J 41 -26.29 -12.67 -31.35
N GLN J 42 -26.43 -11.79 -30.35
CA GLN J 42 -25.43 -10.75 -30.14
C GLN J 42 -25.30 -10.42 -28.66
N LEU J 43 -24.11 -9.94 -28.30
CA LEU J 43 -23.82 -9.48 -26.94
C LEU J 43 -24.06 -7.98 -26.83
N LEU J 44 -24.59 -7.56 -25.68
CA LEU J 44 -24.73 -6.14 -25.36
C LEU J 44 -23.63 -5.68 -24.40
N ALA J 45 -23.55 -6.28 -23.23
CA ALA J 45 -22.63 -5.80 -22.20
C ALA J 45 -22.43 -6.88 -21.16
N ILE J 46 -21.31 -6.76 -20.44
CA ILE J 46 -20.99 -7.65 -19.32
C ILE J 46 -20.61 -6.78 -18.14
N SER J 47 -21.21 -7.05 -16.98
CA SER J 47 -20.82 -6.44 -15.72
C SER J 47 -20.13 -7.51 -14.88
N ASN J 48 -18.81 -7.44 -14.82
CA ASN J 48 -18.01 -8.40 -14.07
C ASN J 48 -17.56 -7.76 -12.77
N ALA J 49 -17.76 -8.47 -11.66
CA ALA J 49 -17.53 -7.88 -10.35
C ALA J 49 -16.04 -7.68 -10.06
N ASP J 50 -15.17 -8.47 -10.68
CA ASP J 50 -13.75 -8.36 -10.40
C ASP J 50 -13.08 -7.25 -11.20
N LEU J 51 -13.53 -7.00 -12.43
CA LEU J 51 -12.84 -6.14 -13.38
C LEU J 51 -13.59 -4.88 -13.74
N GLY J 52 -14.91 -4.96 -13.93
CA GLY J 52 -15.71 -3.82 -14.29
C GLY J 52 -16.64 -4.17 -15.43
N TRP J 53 -17.08 -3.14 -16.15
CA TRP J 53 -18.00 -3.30 -17.26
C TRP J 53 -17.25 -3.45 -18.58
N HIS J 54 -17.83 -4.26 -19.47
CA HIS J 54 -17.44 -4.29 -20.88
C HIS J 54 -18.69 -4.06 -21.71
N ILE J 55 -18.59 -3.17 -22.68
CA ILE J 55 -19.72 -2.80 -23.54
C ILE J 55 -19.32 -3.13 -24.97
N SER J 56 -20.12 -3.97 -25.63
CA SER J 56 -19.76 -4.40 -26.97
C SER J 56 -19.75 -3.21 -27.93
N PRO J 57 -18.74 -3.10 -28.79
CA PRO J 57 -18.70 -1.96 -29.73
C PRO J 57 -19.98 -1.74 -30.52
N SER J 58 -20.76 -2.80 -30.77
CA SER J 58 -22.01 -2.62 -31.50
C SER J 58 -22.95 -1.66 -30.79
N PHE J 59 -22.88 -1.59 -29.46
CA PHE J 59 -23.84 -0.85 -28.67
C PHE J 59 -23.24 0.31 -27.87
N LYS J 60 -21.93 0.56 -27.98
CA LYS J 60 -21.27 1.45 -27.03
C LYS J 60 -21.75 2.89 -27.16
N ASP J 61 -22.23 3.29 -28.34
CA ASP J 61 -22.75 4.63 -28.50
C ASP J 61 -24.19 4.79 -27.99
N ARG J 62 -24.86 3.69 -27.65
CA ARG J 62 -26.29 3.74 -27.35
C ARG J 62 -26.69 2.94 -26.11
N VAL J 63 -25.75 2.40 -25.34
CA VAL J 63 -26.06 1.79 -24.05
C VAL J 63 -25.08 2.30 -23.00
N ALA J 64 -25.61 2.66 -21.83
CA ALA J 64 -24.84 3.08 -20.68
C ALA J 64 -24.99 2.05 -19.57
N PRO J 65 -23.95 1.80 -18.78
CA PRO J 65 -24.08 0.80 -17.71
C PRO J 65 -24.92 1.32 -16.57
N GLY J 66 -25.58 0.39 -15.86
CA GLY J 66 -26.41 0.74 -14.74
C GLY J 66 -27.82 1.06 -15.18
N PRO J 67 -28.73 1.31 -14.21
CA PRO J 67 -28.54 1.33 -12.75
C PRO J 67 -28.23 -0.05 -12.19
N GLY J 68 -27.42 -0.11 -11.14
CA GLY J 68 -27.08 -1.39 -10.55
C GLY J 68 -26.47 -2.31 -11.58
N LEU J 69 -26.96 -3.55 -11.63
CA LEU J 69 -26.49 -4.54 -12.58
C LEU J 69 -27.36 -4.59 -13.85
N GLY J 70 -28.08 -3.51 -14.15
CA GLY J 70 -28.81 -3.39 -15.39
C GLY J 70 -28.09 -2.49 -16.38
N LEU J 71 -28.83 -2.08 -17.41
CA LEU J 71 -28.28 -1.18 -18.42
C LEU J 71 -29.41 -0.39 -19.06
N THR J 72 -29.04 0.75 -19.64
CA THR J 72 -29.98 1.68 -20.27
C THR J 72 -29.73 1.67 -21.78
N LEU J 73 -30.79 1.40 -22.55
CA LEU J 73 -30.72 1.51 -24.00
C LEU J 73 -31.21 2.89 -24.44
N GLN J 74 -30.42 3.56 -25.26
CA GLN J 74 -30.77 4.89 -25.77
C GLN J 74 -31.11 4.81 -27.25
N SER J 75 -31.92 5.76 -27.70
CA SER J 75 -32.22 5.95 -29.12
C SER J 75 -32.72 4.65 -29.76
N LEU J 76 -33.92 4.26 -29.34
CA LEU J 76 -34.48 2.99 -29.79
C LEU J 76 -34.87 3.07 -31.27
N THR J 77 -34.52 2.04 -32.01
CA THR J 77 -35.04 1.79 -33.35
C THR J 77 -36.05 0.65 -33.27
N VAL J 78 -36.91 0.56 -34.28
CA VAL J 78 -37.78 -0.61 -34.36
C VAL J 78 -36.94 -1.87 -34.43
N ASN J 79 -35.70 -1.77 -34.92
CA ASN J 79 -34.83 -2.93 -35.01
C ASN J 79 -34.43 -3.46 -33.64
N ASP J 80 -34.56 -2.66 -32.58
CA ASP J 80 -34.27 -3.14 -31.23
C ASP J 80 -35.31 -4.10 -30.71
N THR J 81 -36.43 -4.26 -31.42
CA THR J 81 -37.49 -5.15 -30.96
C THR J 81 -36.99 -6.58 -30.94
N GLY J 82 -37.14 -7.23 -29.79
CA GLY J 82 -36.64 -8.59 -29.62
C GLY J 82 -36.59 -8.94 -28.15
N GLU J 83 -36.05 -10.13 -27.89
CA GLU J 83 -35.94 -10.64 -26.53
C GLU J 83 -34.53 -10.40 -26.01
N TYR J 84 -34.45 -9.84 -24.79
CA TYR J 84 -33.18 -9.56 -24.13
C TYR J 84 -33.04 -10.44 -22.90
N PHE J 85 -31.82 -10.90 -22.65
CA PHE J 85 -31.53 -11.84 -21.58
C PHE J 85 -30.56 -11.22 -20.57
N CYS J 86 -30.85 -11.43 -19.29
CA CYS J 86 -29.91 -11.15 -18.20
C CYS J 86 -29.42 -12.50 -17.68
N ILE J 87 -28.19 -12.85 -18.04
CA ILE J 87 -27.59 -14.11 -17.63
C ILE J 87 -26.74 -13.83 -16.40
N TYR J 88 -27.13 -14.39 -15.25
CA TYR J 88 -26.40 -14.23 -14.00
C TYR J 88 -25.47 -15.43 -13.83
N HIS J 89 -24.17 -15.15 -13.74
CA HIS J 89 -23.16 -16.18 -13.53
C HIS J 89 -22.73 -16.15 -12.07
N THR J 90 -22.96 -17.25 -11.36
CA THR J 90 -23.00 -17.26 -9.91
C THR J 90 -22.07 -18.36 -9.38
N TYR J 91 -21.50 -18.11 -8.20
CA TYR J 91 -20.34 -18.90 -7.76
C TYR J 91 -20.67 -20.40 -7.65
N PRO J 92 -21.52 -20.86 -6.70
CA PRO J 92 -21.79 -22.31 -6.67
C PRO J 92 -22.87 -22.71 -7.67
N ASP J 93 -24.09 -22.22 -7.45
CA ASP J 93 -25.30 -22.66 -8.19
C ASP J 93 -25.13 -22.66 -9.71
N GLY J 94 -24.33 -21.74 -10.27
CA GLY J 94 -24.11 -21.64 -11.72
C GLY J 94 -24.93 -20.55 -12.37
N THR J 95 -25.80 -20.86 -13.32
CA THR J 95 -26.46 -19.83 -14.15
C THR J 95 -27.95 -19.63 -13.93
N TYR J 96 -28.38 -18.37 -13.83
CA TYR J 96 -29.79 -17.98 -13.78
C TYR J 96 -30.05 -17.01 -14.92
N THR J 97 -31.25 -17.10 -15.50
CA THR J 97 -31.58 -16.36 -16.71
C THR J 97 -32.94 -15.68 -16.58
N GLY J 98 -32.99 -14.40 -16.91
CA GLY J 98 -34.23 -13.66 -17.01
C GLY J 98 -34.50 -13.20 -18.42
N ARG J 99 -35.76 -12.96 -18.77
CA ARG J 99 -36.13 -12.63 -20.15
C ARG J 99 -36.98 -11.37 -20.16
N ILE J 100 -36.62 -10.43 -21.01
CA ILE J 100 -37.34 -9.17 -21.18
C ILE J 100 -37.54 -8.96 -22.67
N PHE J 101 -38.78 -8.74 -23.08
CA PHE J 101 -39.10 -8.49 -24.47
C PHE J 101 -39.37 -7.00 -24.68
N LEU J 102 -38.71 -6.43 -25.67
CA LEU J 102 -38.85 -5.02 -26.02
C LEU J 102 -39.57 -4.90 -27.35
N GLU J 103 -40.60 -4.06 -27.40
CA GLU J 103 -41.34 -3.78 -28.62
C GLU J 103 -41.19 -2.30 -28.95
N VAL J 104 -40.92 -1.98 -30.21
CA VAL J 104 -40.75 -0.61 -30.66
C VAL J 104 -41.57 -0.41 -31.92
N LEU J 105 -42.47 0.57 -31.89
CA LEU J 105 -43.47 0.77 -32.94
C LEU J 105 -44.27 -0.51 -33.17
C1 NAG K . 30.00 36.56 6.66
C2 NAG K . 28.49 36.72 6.50
C3 NAG K . 27.82 36.78 7.87
C4 NAG K . 28.21 35.56 8.70
C5 NAG K . 29.72 35.44 8.78
C6 NAG K . 30.18 34.17 9.48
C7 NAG K . 27.73 37.86 4.47
C8 NAG K . 27.44 39.18 3.82
N2 NAG K . 28.17 37.91 5.73
O3 NAG K . 26.40 36.84 7.71
O4 NAG K . 27.67 35.67 10.01
O5 NAG K . 30.28 35.39 7.46
O6 NAG K . 29.68 34.09 10.80
O7 NAG K . 27.56 36.80 3.87
H2 NAG K . 28.14 35.94 6.03
H3 NAG K . 28.12 37.58 8.34
H4 NAG K . 27.84 34.76 8.27
H5 NAG K . 30.08 36.21 9.25
H61 NAG K . 31.15 34.16 9.50
H62 NAG K . 29.85 33.40 8.97
H81 NAG K . 27.13 39.04 2.91
H82 NAG K . 28.27 39.72 3.81
H83 NAG K . 26.76 39.66 4.34
HN2 NAG K . 28.28 38.72 6.12
HO3 NAG K . 26.03 36.90 8.51
HO4 NAG K . 27.65 34.87 10.40
HO6 NAG K . 29.45 33.26 10.98
C1 NAG L . -31.00 -5.32 -36.03
C2 NAG L . -29.51 -5.22 -36.38
C3 NAG L . -28.95 -6.62 -36.67
C4 NAG L . -29.30 -7.60 -35.56
C5 NAG L . -30.80 -7.57 -35.31
C6 NAG L . -31.25 -8.47 -34.18
C7 NAG L . -28.62 -3.21 -37.47
C8 NAG L . -28.52 -2.44 -38.75
N2 NAG L . -29.31 -4.35 -37.53
O3 NAG L . -27.53 -6.54 -36.83
O4 NAG L . -28.91 -8.92 -35.92
O5 NAG L . -31.19 -6.24 -34.96
O6 NAG L . -30.23 -8.64 -33.20
O7 NAG L . -28.10 -2.80 -36.44
H2 NAG L . -29.03 -4.86 -35.61
H3 NAG L . -29.33 -6.94 -37.51
H4 NAG L . -28.83 -7.34 -34.74
H5 NAG L . -31.26 -7.84 -36.12
H61 NAG L . -31.49 -9.35 -34.53
H62 NAG L . -32.03 -8.07 -33.74
H81 NAG L . -28.01 -1.63 -38.61
H82 NAG L . -29.42 -2.21 -39.07
H83 NAG L . -28.08 -2.99 -39.43
HN2 NAG L . -29.67 -4.60 -38.33
HO3 NAG L . -27.22 -7.33 -37.08
HO4 NAG L . -28.88 -9.43 -35.21
HO6 NAG L . -30.52 -9.16 -32.55
#